data_2EB5
#
_entry.id   2EB5
#
_cell.length_a   136.541
_cell.length_b   136.541
_cell.length_c   192.397
_cell.angle_alpha   90.00
_cell.angle_beta   90.00
_cell.angle_gamma   90.00
#
_symmetry.space_group_name_H-M   'P 43 21 2'
#
loop_
_entity.id
_entity.type
_entity.pdbx_description
1 polymer '2-oxo-hept-3-ene-1,7-dioate hydratase'
2 non-polymer 'MAGNESIUM ION'
3 non-polymer 'OXALATE ION'
4 non-polymer 'THIOCYANATE ION'
5 water water
#
_entity_poly.entity_id   1
_entity_poly.type   'polypeptide(L)'
_entity_poly.pdbx_seq_one_letter_code
;MFDKHTHTLIAQRLDQAEKQREQIRAISLDYPEITIEDAYAVQREWVRLKIAEGRTLKGHKIGLTSKAMQASSQISEPDY
GALLDDMFFHDGSDIPTDRFIVPRIEVELAFVLAKPLRGPNCTLFDVYNATDYVIPALELIDARCHNIDPETQRPRKVFD
TISDNAANAGVILGGRPIKPDELDLRWISALMYRNGVIEETGVAAGVLNHPANGVAWLANKLAPYDVQLEAGQIILGGSF
TRPVPARKGDTFHVDYGNMGSISCRFV
;
_entity_poly.pdbx_strand_id   A,B,C,D,E
#
loop_
_chem_comp.id
_chem_comp.type
_chem_comp.name
_chem_comp.formula
MG non-polymer 'MAGNESIUM ION' 'Mg 2'
OXL non-polymer 'OXALATE ION' 'C2 O4 -2'
SCN non-polymer 'THIOCYANATE ION' 'C N S -1'
#
# COMPACT_ATOMS: atom_id res chain seq x y z
N MET A 1 45.37 -11.82 -22.57
CA MET A 1 44.72 -10.53 -22.92
C MET A 1 45.60 -9.75 -23.88
N PHE A 2 45.04 -9.43 -25.05
CA PHE A 2 45.69 -8.55 -26.03
C PHE A 2 45.99 -7.20 -25.39
N ASP A 3 46.89 -6.43 -25.98
CA ASP A 3 47.12 -5.09 -25.44
C ASP A 3 46.01 -4.13 -25.84
N LYS A 4 45.87 -3.06 -25.06
CA LYS A 4 44.84 -2.05 -25.24
C LYS A 4 44.63 -1.65 -26.71
N HIS A 5 45.71 -1.44 -27.45
CA HIS A 5 45.65 -0.97 -28.83
C HIS A 5 44.90 -1.93 -29.76
N THR A 6 45.05 -3.23 -29.52
CA THR A 6 44.34 -4.26 -30.28
C THR A 6 42.84 -4.19 -30.00
N HIS A 7 42.46 -4.01 -28.72
CA HIS A 7 41.04 -3.89 -28.34
C HIS A 7 40.39 -2.68 -29.04
N THR A 8 41.12 -1.56 -29.10
CA THR A 8 40.63 -0.34 -29.74
C THR A 8 40.46 -0.54 -31.25
N LEU A 9 41.42 -1.24 -31.85
CA LEU A 9 41.38 -1.53 -33.29
C LEU A 9 40.15 -2.35 -33.66
N ILE A 10 39.94 -3.43 -32.89
CA ILE A 10 38.76 -4.28 -33.06
C ILE A 10 37.45 -3.47 -32.88
N ALA A 11 37.37 -2.70 -31.80
CA ALA A 11 36.23 -1.81 -31.55
C ALA A 11 35.95 -0.81 -32.70
N GLN A 12 37.01 -0.28 -33.34
CA GLN A 12 36.85 0.70 -34.41
C GLN A 12 36.30 0.02 -35.65
N ARG A 13 36.66 -1.25 -35.80
CA ARG A 13 36.17 -2.03 -36.94
C ARG A 13 34.69 -2.39 -36.77
N LEU A 14 34.29 -2.70 -35.54
CA LEU A 14 32.88 -2.95 -35.22
C LEU A 14 32.05 -1.66 -35.45
N ASP A 15 32.62 -0.54 -35.03
CA ASP A 15 31.95 0.78 -35.16
C ASP A 15 31.68 1.12 -36.63
N GLN A 16 32.71 0.97 -37.45
CA GLN A 16 32.59 1.20 -38.89
C GLN A 16 31.59 0.23 -39.49
N ALA A 17 31.64 -1.03 -39.05
CA ALA A 17 30.68 -2.04 -39.54
C ALA A 17 29.25 -1.61 -39.26
N GLU A 18 29.02 -1.10 -38.06
CA GLU A 18 27.68 -0.66 -37.65
C GLU A 18 27.22 0.57 -38.45
N LYS A 19 28.10 1.55 -38.61
CA LYS A 19 27.79 2.80 -39.34
C LYS A 19 27.61 2.56 -40.85
N GLN A 20 28.43 1.68 -41.42
CA GLN A 20 28.38 1.39 -42.85
C GLN A 20 27.36 0.32 -43.20
N ARG A 21 26.79 -0.32 -42.18
CA ARG A 21 25.97 -1.51 -42.37
C ARG A 21 26.69 -2.56 -43.24
N GLU A 22 27.96 -2.80 -42.93
CA GLU A 22 28.76 -3.79 -43.65
C GLU A 22 29.47 -4.66 -42.63
N GLN A 23 29.13 -5.93 -42.59
CA GLN A 23 29.68 -6.84 -41.59
C GLN A 23 31.16 -7.07 -41.81
N ILE A 24 31.87 -7.26 -40.71
CA ILE A 24 33.24 -7.75 -40.75
C ILE A 24 33.31 -9.28 -40.54
N ARG A 25 34.47 -9.85 -40.85
CA ARG A 25 34.75 -11.25 -40.51
C ARG A 25 34.62 -11.47 -39.00
N ALA A 26 34.12 -12.63 -38.60
CA ALA A 26 34.06 -12.96 -37.17
C ALA A 26 35.42 -12.70 -36.52
N ILE A 27 35.40 -11.88 -35.46
CA ILE A 27 36.60 -11.48 -34.74
C ILE A 27 37.39 -12.70 -34.29
N SER A 28 36.68 -13.76 -33.90
CA SER A 28 37.31 -14.99 -33.41
C SER A 28 38.01 -15.79 -34.51
N LEU A 29 37.70 -15.52 -35.78
CA LEU A 29 38.37 -16.18 -36.89
C LEU A 29 39.66 -15.44 -37.26
N ASP A 30 39.65 -14.11 -37.12
CA ASP A 30 40.83 -13.30 -37.30
C ASP A 30 41.76 -13.30 -36.10
N TYR A 31 41.20 -13.58 -34.92
CA TYR A 31 41.92 -13.59 -33.65
C TYR A 31 41.63 -14.87 -32.89
N PRO A 32 42.14 -16.02 -33.38
CA PRO A 32 41.82 -17.36 -32.84
C PRO A 32 42.04 -17.52 -31.34
N GLU A 33 42.95 -16.72 -30.78
CA GLU A 33 43.27 -16.85 -29.37
C GLU A 33 42.48 -15.90 -28.47
N ILE A 34 41.51 -15.18 -29.04
CA ILE A 34 40.67 -14.27 -28.23
C ILE A 34 40.03 -15.00 -27.04
N THR A 35 40.00 -14.33 -25.91
CA THR A 35 39.41 -14.87 -24.69
C THR A 35 38.14 -14.07 -24.35
N ILE A 36 37.38 -14.52 -23.36
CA ILE A 36 36.21 -13.79 -22.91
C ILE A 36 36.62 -12.45 -22.31
N GLU A 37 37.79 -12.41 -21.67
CA GLU A 37 38.31 -11.18 -21.10
C GLU A 37 38.57 -10.15 -22.17
N ASP A 38 39.18 -10.60 -23.28
CA ASP A 38 39.38 -9.76 -24.46
C ASP A 38 38.04 -9.23 -25.00
N ALA A 39 37.04 -10.10 -25.08
CA ALA A 39 35.75 -9.72 -25.68
C ALA A 39 35.09 -8.60 -24.87
N TYR A 40 35.06 -8.72 -23.56
CA TYR A 40 34.55 -7.63 -22.75
C TYR A 40 35.40 -6.36 -22.83
N ALA A 41 36.71 -6.53 -23.01
CA ALA A 41 37.59 -5.36 -23.19
C ALA A 41 37.26 -4.59 -24.47
N VAL A 42 37.04 -5.32 -25.56
CA VAL A 42 36.66 -4.74 -26.83
C VAL A 42 35.31 -4.03 -26.67
N GLN A 43 34.36 -4.71 -26.04
CA GLN A 43 33.08 -4.07 -25.76
C GLN A 43 33.23 -2.73 -25.04
N ARG A 44 33.99 -2.72 -23.94
CA ARG A 44 34.28 -1.51 -23.17
C ARG A 44 34.82 -0.41 -24.08
N GLU A 45 35.76 -0.77 -24.94
CA GLU A 45 36.37 0.18 -25.89
C GLU A 45 35.36 0.75 -26.87
N TRP A 46 34.52 -0.11 -27.43
CA TRP A 46 33.51 0.35 -28.38
C TRP A 46 32.54 1.29 -27.68
N VAL A 47 32.06 0.90 -26.50
CA VAL A 47 31.12 1.72 -25.76
C VAL A 47 31.76 3.10 -25.41
N ARG A 48 33.02 3.08 -24.99
CA ARG A 48 33.78 4.29 -24.72
C ARG A 48 33.81 5.19 -25.95
N LEU A 49 34.10 4.62 -27.11
CA LEU A 49 34.14 5.33 -28.38
C LEU A 49 32.79 5.96 -28.71
N LYS A 50 31.72 5.20 -28.49
CA LYS A 50 30.38 5.66 -28.86
C LYS A 50 29.89 6.79 -27.95
N ILE A 51 30.25 6.73 -26.66
CA ILE A 51 29.93 7.78 -25.72
C ILE A 51 30.74 9.06 -26.04
N ALA A 52 31.99 8.88 -26.48
CA ALA A 52 32.81 10.02 -26.94
C ALA A 52 32.17 10.70 -28.14
N GLU A 53 31.51 9.91 -28.97
CA GLU A 53 30.86 10.39 -30.17
C GLU A 53 29.62 11.19 -29.86
N GLY A 54 29.15 11.12 -28.61
CA GLY A 54 28.02 11.92 -28.17
C GLY A 54 26.82 11.15 -27.64
N ARG A 55 26.98 9.84 -27.49
CA ARG A 55 25.92 9.00 -26.90
C ARG A 55 26.04 8.99 -25.38
N THR A 56 25.00 8.54 -24.68
CA THR A 56 24.99 8.50 -23.22
C THR A 56 24.57 7.09 -22.77
N LEU A 57 25.21 6.55 -21.74
CA LEU A 57 24.79 5.30 -21.12
C LEU A 57 23.44 5.44 -20.44
N LYS A 58 22.50 4.57 -20.81
CA LYS A 58 21.16 4.58 -20.22
C LYS A 58 20.85 3.31 -19.45
N GLY A 59 21.67 2.29 -19.62
CA GLY A 59 21.48 1.02 -18.89
C GLY A 59 22.28 -0.12 -19.46
N HIS A 60 21.81 -1.35 -19.24
CA HIS A 60 22.56 -2.53 -19.63
C HIS A 60 21.57 -3.61 -20.00
N LYS A 61 22.04 -4.65 -20.69
CA LYS A 61 21.21 -5.83 -20.88
C LYS A 61 21.97 -7.04 -20.45
N ILE A 62 21.23 -8.08 -20.10
CA ILE A 62 21.76 -9.40 -19.83
C ILE A 62 21.21 -10.27 -20.96
N GLY A 63 22.08 -11.08 -21.58
CA GLY A 63 21.69 -11.89 -22.70
C GLY A 63 22.17 -13.33 -22.58
N LEU A 64 21.85 -14.13 -23.63
CA LEU A 64 22.14 -15.56 -23.69
C LEU A 64 21.66 -16.30 -22.45
N THR A 65 20.55 -15.83 -21.90
CA THR A 65 20.00 -16.39 -20.69
C THR A 65 19.37 -17.75 -20.98
N SER A 66 18.60 -17.81 -22.08
CA SER A 66 18.01 -19.07 -22.55
C SER A 66 19.11 -20.09 -22.87
N LYS A 67 20.16 -19.64 -23.54
CA LYS A 67 21.28 -20.53 -23.88
C LYS A 67 22.12 -20.97 -22.69
N ALA A 68 22.29 -20.08 -21.70
CA ALA A 68 22.95 -20.44 -20.44
C ALA A 68 22.18 -21.55 -19.74
N MET A 69 20.85 -21.45 -19.76
CA MET A 69 19.98 -22.44 -19.10
C MET A 69 19.85 -23.79 -19.82
N GLN A 70 19.72 -23.76 -21.16
CA GLN A 70 19.57 -24.99 -21.98
C GLN A 70 20.71 -25.97 -21.81
N ALA A 71 20.36 -27.24 -21.59
CA ALA A 71 21.33 -28.32 -21.43
C ALA A 71 22.17 -28.54 -22.70
N SER A 72 21.55 -28.35 -23.87
CA SER A 72 22.17 -28.58 -25.18
C SER A 72 23.22 -27.54 -25.56
N SER A 73 23.15 -26.35 -24.96
CA SER A 73 24.09 -25.27 -25.25
C SER A 73 25.33 -25.36 -24.36
N GLN A 74 26.50 -25.07 -24.93
CA GLN A 74 27.76 -25.11 -24.17
C GLN A 74 27.97 -23.82 -23.34
N ILE A 75 27.25 -22.76 -23.72
CA ILE A 75 27.25 -21.51 -22.97
C ILE A 75 26.88 -21.77 -21.50
N SER A 76 27.79 -21.37 -20.60
CA SER A 76 27.69 -21.68 -19.18
C SER A 76 27.06 -20.57 -18.33
N GLU A 77 27.12 -19.33 -18.83
CA GLU A 77 26.49 -18.20 -18.12
C GLU A 77 26.10 -17.06 -19.09
N PRO A 78 25.27 -16.12 -18.62
CA PRO A 78 24.81 -15.01 -19.47
C PRO A 78 25.91 -14.06 -19.96
N ASP A 79 25.58 -13.23 -20.95
CA ASP A 79 26.48 -12.16 -21.34
C ASP A 79 25.85 -10.84 -20.90
N TYR A 80 26.55 -9.74 -21.10
CA TYR A 80 25.92 -8.45 -20.87
C TYR A 80 26.44 -7.46 -21.88
N GLY A 81 25.72 -6.36 -22.04
CA GLY A 81 26.17 -5.26 -22.91
C GLY A 81 25.60 -3.95 -22.43
N ALA A 82 26.00 -2.86 -23.06
CA ALA A 82 25.63 -1.55 -22.56
C ALA A 82 24.55 -0.95 -23.45
N LEU A 83 23.52 -0.37 -22.83
CA LEU A 83 22.47 0.28 -23.59
C LEU A 83 22.71 1.76 -23.64
N LEU A 84 22.71 2.30 -24.86
CA LEU A 84 22.93 3.73 -25.07
C LEU A 84 21.64 4.44 -25.43
N ASP A 85 21.60 5.76 -25.19
CA ASP A 85 20.38 6.53 -25.43
C ASP A 85 19.83 6.39 -26.84
N ASP A 86 20.71 6.34 -27.85
CA ASP A 86 20.26 6.27 -29.25
C ASP A 86 19.68 4.90 -29.67
N MET A 87 19.68 3.95 -28.75
CA MET A 87 19.11 2.63 -29.03
C MET A 87 17.62 2.56 -28.74
N PHE A 88 17.07 3.55 -28.05
CA PHE A 88 15.69 3.49 -27.60
C PHE A 88 14.70 4.06 -28.57
N PHE A 89 13.65 3.29 -28.84
CA PHE A 89 12.58 3.72 -29.73
C PHE A 89 11.30 3.72 -28.93
N HIS A 90 10.39 4.64 -29.23
CA HIS A 90 9.11 4.64 -28.51
C HIS A 90 8.15 3.57 -29.05
N ASP A 91 7.28 3.10 -28.16
CA ASP A 91 6.24 2.17 -28.50
C ASP A 91 5.46 2.78 -29.69
N GLY A 92 5.13 1.96 -30.67
CA GLY A 92 4.43 2.42 -31.86
C GLY A 92 5.29 3.11 -32.92
N SER A 93 6.61 3.07 -32.77
CA SER A 93 7.51 3.76 -33.71
C SER A 93 7.64 3.07 -35.04
N ASP A 94 7.92 3.89 -36.07
CA ASP A 94 8.51 3.39 -37.32
C ASP A 94 10.01 3.19 -37.09
N ILE A 95 10.53 1.98 -37.32
CA ILE A 95 11.96 1.70 -37.17
C ILE A 95 12.66 1.62 -38.53
N PRO A 96 13.75 2.39 -38.70
CA PRO A 96 14.41 2.43 -39.99
C PRO A 96 15.19 1.15 -40.25
N THR A 97 14.62 0.24 -41.06
CA THR A 97 15.24 -1.05 -41.33
C THR A 97 16.67 -0.87 -41.84
N ASP A 98 16.88 0.16 -42.66
CA ASP A 98 18.16 0.41 -43.34
C ASP A 98 19.29 0.69 -42.36
N ARG A 99 18.95 1.10 -41.14
CA ARG A 99 19.98 1.32 -40.10
C ARG A 99 20.67 0.05 -39.67
N PHE A 100 20.00 -1.07 -39.84
CA PHE A 100 20.43 -2.33 -39.26
C PHE A 100 20.84 -3.30 -40.33
N ILE A 101 21.49 -4.38 -39.94
CA ILE A 101 22.06 -5.35 -40.90
C ILE A 101 21.23 -6.62 -40.99
N VAL A 102 21.14 -7.32 -39.86
CA VAL A 102 20.29 -8.53 -39.70
C VAL A 102 19.48 -8.44 -38.41
N PRO A 103 18.60 -7.44 -38.34
CA PRO A 103 17.87 -7.18 -37.10
C PRO A 103 16.86 -8.28 -36.76
N ARG A 104 16.78 -8.60 -35.47
CA ARG A 104 15.78 -9.52 -34.96
C ARG A 104 15.17 -8.93 -33.69
N ILE A 105 13.91 -9.28 -33.42
CA ILE A 105 13.17 -8.78 -32.25
C ILE A 105 13.00 -9.88 -31.24
N GLU A 106 13.24 -9.57 -29.97
CA GLU A 106 12.99 -10.52 -28.89
C GLU A 106 12.28 -9.86 -27.72
N VAL A 107 11.75 -10.68 -26.83
CA VAL A 107 10.74 -10.24 -25.88
C VAL A 107 11.28 -10.32 -24.45
N GLU A 108 11.31 -9.18 -23.74
CA GLU A 108 11.94 -9.10 -22.42
C GLU A 108 11.13 -8.32 -21.39
N LEU A 109 11.64 -8.29 -20.16
CA LEU A 109 11.20 -7.31 -19.16
C LEU A 109 12.39 -6.45 -18.79
N ALA A 110 12.09 -5.20 -18.44
CA ALA A 110 13.08 -4.22 -18.07
C ALA A 110 12.84 -3.74 -16.67
N PHE A 111 13.94 -3.45 -15.97
CA PHE A 111 13.89 -2.96 -14.61
C PHE A 111 14.40 -1.54 -14.61
N VAL A 112 13.56 -0.60 -14.20
CA VAL A 112 13.95 0.79 -14.09
C VAL A 112 14.35 1.05 -12.63
N LEU A 113 15.62 1.39 -12.41
CA LEU A 113 16.18 1.47 -11.06
C LEU A 113 15.88 2.80 -10.39
N ALA A 114 15.37 2.75 -9.16
CA ALA A 114 15.26 3.96 -8.32
C ALA A 114 16.56 4.24 -7.55
N LYS A 115 17.34 3.18 -7.31
CA LYS A 115 18.53 3.23 -6.46
C LYS A 115 19.63 2.42 -7.14
N PRO A 116 20.91 2.73 -6.86
CA PRO A 116 22.00 1.98 -7.50
C PRO A 116 22.11 0.56 -6.99
N LEU A 117 22.72 -0.30 -7.80
CA LEU A 117 22.97 -1.68 -7.40
C LEU A 117 24.45 -1.97 -7.65
N ARG A 118 25.15 -2.35 -6.58
CA ARG A 118 26.59 -2.63 -6.64
C ARG A 118 26.90 -4.02 -6.06
N GLY A 119 27.77 -4.76 -6.72
CA GLY A 119 28.21 -6.06 -6.23
C GLY A 119 29.38 -5.85 -5.28
N PRO A 120 30.05 -6.93 -4.84
CA PRO A 120 29.93 -8.33 -5.25
C PRO A 120 28.79 -9.18 -4.63
N ASN A 121 28.00 -8.62 -3.72
CA ASN A 121 27.04 -9.49 -3.03
C ASN A 121 25.57 -9.15 -3.30
N CYS A 122 25.32 -8.66 -4.52
CA CYS A 122 23.98 -8.28 -4.94
C CYS A 122 23.07 -9.52 -5.05
N THR A 123 21.87 -9.41 -4.51
CA THR A 123 20.89 -10.50 -4.54
C THR A 123 19.61 -10.07 -5.25
N LEU A 124 18.74 -11.05 -5.52
CA LEU A 124 17.41 -10.77 -6.02
C LEU A 124 16.65 -9.75 -5.16
N PHE A 125 16.80 -9.87 -3.84
CA PHE A 125 16.14 -8.98 -2.90
C PHE A 125 16.63 -7.55 -3.07
N ASP A 126 17.94 -7.38 -3.29
CA ASP A 126 18.49 -6.05 -3.57
C ASP A 126 17.86 -5.45 -4.83
N VAL A 127 17.74 -6.26 -5.87
CA VAL A 127 17.11 -5.84 -7.11
C VAL A 127 15.69 -5.35 -6.82
N TYR A 128 14.89 -6.15 -6.10
CA TYR A 128 13.53 -5.72 -5.74
C TYR A 128 13.50 -4.36 -5.03
N ASN A 129 14.40 -4.22 -4.06
CA ASN A 129 14.49 -2.98 -3.28
C ASN A 129 14.90 -1.77 -4.10
N ALA A 130 15.74 -1.98 -5.12
CA ALA A 130 16.27 -0.88 -5.94
C ALA A 130 15.43 -0.54 -7.17
N THR A 131 14.48 -1.41 -7.51
CA THR A 131 13.67 -1.22 -8.72
C THR A 131 12.48 -0.32 -8.48
N ASP A 132 12.36 0.69 -9.34
CA ASP A 132 11.23 1.60 -9.27
C ASP A 132 10.03 1.00 -9.99
N TYR A 133 10.27 0.49 -11.20
CA TYR A 133 9.23 -0.09 -12.08
C TYR A 133 9.77 -1.22 -12.89
N VAL A 134 8.90 -2.20 -13.15
CA VAL A 134 9.18 -3.23 -14.14
C VAL A 134 8.29 -2.85 -15.32
N ILE A 135 8.87 -2.90 -16.52
CA ILE A 135 8.12 -2.53 -17.72
C ILE A 135 8.43 -3.55 -18.81
N PRO A 136 7.42 -3.97 -19.61
CA PRO A 136 7.76 -4.77 -20.79
C PRO A 136 8.76 -4.05 -21.72
N ALA A 137 9.64 -4.82 -22.35
CA ALA A 137 10.62 -4.26 -23.28
C ALA A 137 10.94 -5.22 -24.39
N LEU A 138 10.96 -4.72 -25.64
CA LEU A 138 11.49 -5.50 -26.76
C LEU A 138 12.94 -5.13 -26.93
N GLU A 139 13.78 -6.11 -27.26
CA GLU A 139 15.12 -5.83 -27.72
C GLU A 139 15.20 -6.09 -29.22
N LEU A 140 15.83 -5.17 -29.94
CA LEU A 140 16.20 -5.35 -31.32
C LEU A 140 17.69 -5.68 -31.29
N ILE A 141 18.04 -6.91 -31.63
CA ILE A 141 19.46 -7.31 -31.64
C ILE A 141 19.96 -7.37 -33.09
N ASP A 142 21.28 -7.35 -33.27
CA ASP A 142 21.88 -7.29 -34.61
C ASP A 142 23.28 -7.90 -34.52
N ALA A 143 23.95 -8.06 -35.66
CA ALA A 143 25.29 -8.65 -35.72
C ALA A 143 26.10 -7.81 -36.69
N ARG A 144 27.19 -7.24 -36.19
CA ARG A 144 28.19 -6.55 -37.00
C ARG A 144 29.26 -7.52 -37.59
N CYS A 145 29.36 -8.73 -37.01
CA CYS A 145 30.17 -9.83 -37.58
C CYS A 145 29.34 -10.83 -38.37
N HIS A 146 29.85 -11.25 -39.53
CA HIS A 146 29.32 -12.32 -40.35
C HIS A 146 29.19 -13.62 -39.56
N ASN A 147 28.10 -14.31 -39.77
CA ASN A 147 27.96 -15.67 -39.27
C ASN A 147 27.80 -16.58 -40.49
N ILE A 148 28.91 -17.12 -40.97
CA ILE A 148 28.92 -17.88 -42.25
C ILE A 148 27.98 -19.10 -42.30
N LYS A 157 32.47 -18.12 -30.87
CA LYS A 157 31.35 -17.33 -31.44
C LYS A 157 30.65 -16.47 -30.39
N VAL A 158 30.54 -16.98 -29.16
CA VAL A 158 30.17 -16.14 -28.00
C VAL A 158 31.13 -14.93 -27.84
N PHE A 159 32.41 -15.13 -28.11
CA PHE A 159 33.41 -14.06 -28.05
C PHE A 159 33.10 -12.92 -29.03
N ASP A 160 32.62 -13.29 -30.20
CA ASP A 160 32.22 -12.35 -31.24
C ASP A 160 30.99 -11.55 -30.77
N THR A 161 30.02 -12.26 -30.21
CA THR A 161 28.80 -11.61 -29.74
C THR A 161 29.10 -10.60 -28.63
N ILE A 162 29.92 -11.01 -27.66
CA ILE A 162 30.24 -10.16 -26.54
C ILE A 162 31.02 -8.92 -26.98
N SER A 163 32.00 -9.13 -27.87
CA SER A 163 32.82 -8.03 -28.41
C SER A 163 31.91 -7.00 -29.08
N ASP A 164 30.95 -7.53 -29.83
CA ASP A 164 29.95 -6.79 -30.59
C ASP A 164 28.82 -6.25 -29.68
N ASN A 165 29.22 -5.75 -28.51
CA ASN A 165 28.32 -5.20 -27.49
C ASN A 165 27.08 -6.09 -27.23
N ALA A 166 27.32 -7.40 -27.17
CA ALA A 166 26.29 -8.37 -26.85
C ALA A 166 25.10 -8.34 -27.85
N ALA A 167 25.40 -7.95 -29.10
CA ALA A 167 24.41 -7.90 -30.18
C ALA A 167 23.44 -6.74 -30.04
N ASN A 168 23.74 -5.79 -29.16
CA ASN A 168 22.82 -4.66 -28.92
C ASN A 168 22.57 -3.82 -30.20
N ALA A 169 21.36 -3.30 -30.34
CA ALA A 169 21.04 -2.40 -31.43
C ALA A 169 19.87 -1.50 -31.04
N GLY A 170 18.79 -2.06 -30.53
CA GLY A 170 17.60 -1.27 -30.26
C GLY A 170 16.87 -1.79 -29.03
N VAL A 171 16.07 -0.93 -28.43
CA VAL A 171 15.20 -1.28 -27.30
C VAL A 171 13.89 -0.53 -27.56
N ILE A 172 12.76 -1.21 -27.36
CA ILE A 172 11.45 -0.56 -27.48
C ILE A 172 10.66 -0.86 -26.20
N LEU A 173 10.40 0.18 -25.41
CA LEU A 173 9.65 0.03 -24.17
C LEU A 173 8.19 0.33 -24.47
N GLY A 174 7.29 -0.31 -23.73
CA GLY A 174 5.88 0.00 -23.86
C GLY A 174 5.11 -0.80 -22.84
N GLY A 175 3.80 -0.79 -22.95
CA GLY A 175 2.95 -1.53 -22.01
C GLY A 175 2.70 -0.80 -20.70
N ARG A 176 2.47 -1.59 -19.66
CA ARG A 176 2.02 -1.12 -18.36
C ARG A 176 3.21 -1.14 -17.38
N PRO A 177 3.59 0.01 -16.78
CA PRO A 177 4.65 -0.05 -15.78
C PRO A 177 4.06 -0.56 -14.47
N ILE A 178 4.78 -1.41 -13.76
CA ILE A 178 4.29 -1.88 -12.46
C ILE A 178 5.37 -1.78 -11.41
N LYS A 179 4.94 -1.58 -10.18
CA LYS A 179 5.84 -1.76 -9.04
C LYS A 179 6.22 -3.25 -8.93
N PRO A 180 7.46 -3.54 -8.50
CA PRO A 180 7.90 -4.95 -8.56
C PRO A 180 7.07 -5.89 -7.72
N ASP A 181 6.46 -5.38 -6.64
CA ASP A 181 5.69 -6.23 -5.75
C ASP A 181 4.24 -6.42 -6.25
N GLU A 182 3.89 -5.78 -7.36
CA GLU A 182 2.50 -5.77 -7.83
C GLU A 182 1.96 -7.15 -8.25
N LEU A 183 2.79 -7.96 -8.87
CA LEU A 183 2.41 -9.32 -9.27
C LEU A 183 3.64 -10.21 -9.41
N ASP A 184 3.41 -11.50 -9.59
CA ASP A 184 4.51 -12.45 -9.70
C ASP A 184 5.15 -12.32 -11.08
N LEU A 185 6.37 -11.79 -11.13
CA LEU A 185 7.04 -11.54 -12.40
C LEU A 185 7.30 -12.82 -13.16
N ARG A 186 7.41 -13.95 -12.46
CA ARG A 186 7.73 -15.24 -13.11
C ARG A 186 6.66 -15.66 -14.13
N TRP A 187 5.42 -15.24 -13.92
CA TRP A 187 4.28 -15.69 -14.74
C TRP A 187 3.77 -14.65 -15.75
N ILE A 188 4.47 -13.53 -15.84
CA ILE A 188 4.27 -12.62 -16.99
C ILE A 188 4.52 -13.42 -18.28
N SER A 189 3.62 -13.31 -19.25
CA SER A 189 3.80 -14.13 -20.43
C SER A 189 3.45 -13.27 -21.63
N ALA A 190 3.87 -13.68 -22.83
CA ALA A 190 3.73 -12.83 -24.01
C ALA A 190 3.54 -13.62 -25.30
N LEU A 191 2.82 -12.98 -26.23
CA LEU A 191 2.60 -13.48 -27.58
C LEU A 191 3.23 -12.47 -28.53
N MET A 192 4.22 -12.93 -29.29
CA MET A 192 4.88 -12.07 -30.28
C MET A 192 4.26 -12.29 -31.64
N TYR A 193 3.51 -11.29 -32.10
CA TYR A 193 2.97 -11.31 -33.45
C TYR A 193 3.94 -10.60 -34.38
N ARG A 194 4.09 -11.12 -35.60
CA ARG A 194 4.71 -10.38 -36.69
C ARG A 194 3.78 -10.50 -37.88
N ASN A 195 3.43 -9.37 -38.47
CA ASN A 195 2.51 -9.35 -39.61
C ASN A 195 1.19 -10.08 -39.33
N GLY A 196 0.69 -9.97 -38.12
CA GLY A 196 -0.63 -10.52 -37.82
C GLY A 196 -0.65 -11.95 -37.32
N VAL A 197 0.52 -12.59 -37.23
CA VAL A 197 0.52 -13.99 -36.83
C VAL A 197 1.47 -14.24 -35.68
N ILE A 198 1.10 -15.11 -34.75
CA ILE A 198 1.95 -15.37 -33.62
C ILE A 198 3.18 -16.18 -34.05
N GLU A 199 4.36 -15.59 -33.87
CA GLU A 199 5.63 -16.25 -34.22
C GLU A 199 6.28 -16.97 -33.05
N GLU A 200 6.15 -16.40 -31.87
CA GLU A 200 6.70 -17.02 -30.65
C GLU A 200 5.83 -16.65 -29.47
N THR A 201 5.85 -17.48 -28.44
CA THR A 201 5.21 -17.17 -27.15
C THR A 201 6.20 -17.54 -26.08
N GLY A 202 6.02 -17.00 -24.87
CA GLY A 202 6.89 -17.41 -23.80
C GLY A 202 6.46 -16.86 -22.47
N VAL A 203 7.10 -17.34 -21.41
CA VAL A 203 6.79 -16.96 -20.05
C VAL A 203 8.09 -16.47 -19.37
N ALA A 204 7.97 -15.44 -18.51
CA ALA A 204 9.16 -14.70 -18.00
C ALA A 204 10.06 -15.57 -17.13
N ALA A 205 9.48 -16.58 -16.48
CA ALA A 205 10.29 -17.51 -15.69
C ALA A 205 11.37 -18.15 -16.55
N GLY A 206 11.18 -18.14 -17.86
CA GLY A 206 12.18 -18.71 -18.80
C GLY A 206 13.51 -17.97 -18.77
N VAL A 207 13.49 -16.78 -18.20
CA VAL A 207 14.69 -15.93 -17.98
C VAL A 207 15.28 -16.27 -16.61
N LEU A 208 16.19 -17.23 -16.60
CA LEU A 208 16.96 -17.56 -15.39
C LEU A 208 16.13 -17.93 -14.14
N ASN A 209 14.93 -18.48 -14.38
CA ASN A 209 13.98 -18.88 -13.34
C ASN A 209 13.25 -17.70 -12.66
N HIS A 210 13.84 -16.51 -12.74
CA HIS A 210 13.18 -15.31 -12.26
C HIS A 210 13.82 -14.16 -13.03
N PRO A 211 12.99 -13.36 -13.76
CA PRO A 211 13.57 -12.34 -14.63
C PRO A 211 14.44 -11.26 -13.94
N ALA A 212 14.37 -11.15 -12.61
CA ALA A 212 15.22 -10.23 -11.84
C ALA A 212 16.60 -10.80 -11.53
N ASN A 213 16.77 -12.11 -11.70
CA ASN A 213 18.04 -12.74 -11.32
C ASN A 213 19.23 -12.15 -12.05
N GLY A 214 19.05 -11.92 -13.36
CA GLY A 214 20.14 -11.41 -14.21
C GLY A 214 20.63 -10.04 -13.77
N VAL A 215 19.75 -9.27 -13.13
CA VAL A 215 20.08 -7.93 -12.68
C VAL A 215 21.12 -8.01 -11.54
N ALA A 216 20.87 -8.89 -10.57
CA ALA A 216 21.84 -9.16 -9.50
C ALA A 216 23.15 -9.72 -10.06
N TRP A 217 23.03 -10.73 -10.92
CA TRP A 217 24.18 -11.30 -11.58
C TRP A 217 25.03 -10.21 -12.23
N LEU A 218 24.36 -9.33 -12.98
CA LEU A 218 25.05 -8.24 -13.69
C LEU A 218 25.79 -7.30 -12.74
N ALA A 219 25.12 -6.83 -11.69
CA ALA A 219 25.77 -5.97 -10.71
C ALA A 219 27.08 -6.61 -10.18
N ASN A 220 27.03 -7.93 -9.97
CA ASN A 220 28.16 -8.70 -9.49
C ASN A 220 29.28 -8.82 -10.51
N LYS A 221 28.94 -9.01 -11.80
CA LYS A 221 29.96 -8.97 -12.88
C LYS A 221 30.69 -7.61 -13.04
N LEU A 222 30.00 -6.51 -12.78
CA LEU A 222 30.56 -5.17 -13.00
C LEU A 222 31.40 -4.65 -11.85
N ALA A 223 31.20 -5.25 -10.67
CA ALA A 223 31.83 -4.79 -9.44
C ALA A 223 33.37 -4.75 -9.55
N PRO A 224 34.01 -5.82 -10.08
CA PRO A 224 35.48 -5.80 -10.21
C PRO A 224 36.03 -4.61 -11.01
N TYR A 225 35.16 -3.95 -11.78
CA TYR A 225 35.58 -2.86 -12.65
C TYR A 225 35.27 -1.55 -11.99
N ASP A 226 34.86 -1.61 -10.72
CA ASP A 226 34.41 -0.44 -9.98
C ASP A 226 33.23 0.22 -10.71
N VAL A 227 32.40 -0.60 -11.34
CA VAL A 227 31.18 -0.13 -12.03
C VAL A 227 29.99 -0.67 -11.25
N GLN A 228 28.94 0.14 -11.15
CA GLN A 228 27.66 -0.27 -10.55
C GLN A 228 26.51 0.05 -11.51
N LEU A 229 25.33 -0.50 -11.26
CA LEU A 229 24.15 -0.12 -12.04
C LEU A 229 23.60 1.12 -11.35
N GLU A 230 23.49 2.22 -12.08
CA GLU A 230 23.18 3.52 -11.47
C GLU A 230 21.69 3.75 -11.37
N ALA A 231 21.25 4.51 -10.36
CA ALA A 231 19.87 4.98 -10.31
C ALA A 231 19.49 5.61 -11.65
N GLY A 232 18.25 5.35 -12.06
CA GLY A 232 17.72 5.81 -13.35
C GLY A 232 17.98 4.90 -14.52
N GLN A 233 18.90 3.94 -14.37
CA GLN A 233 19.23 3.02 -15.46
C GLN A 233 18.11 2.06 -15.76
N ILE A 234 18.02 1.64 -17.02
CA ILE A 234 17.04 0.66 -17.47
C ILE A 234 17.82 -0.61 -17.72
N ILE A 235 17.40 -1.71 -17.09
CA ILE A 235 18.16 -2.94 -17.24
C ILE A 235 17.25 -4.01 -17.89
N LEU A 236 17.61 -4.44 -19.09
CA LEU A 236 16.85 -5.49 -19.77
C LEU A 236 17.35 -6.83 -19.25
N GLY A 237 16.41 -7.65 -18.80
CA GLY A 237 16.79 -8.88 -18.11
C GLY A 237 17.11 -10.13 -18.93
N GLY A 238 16.78 -10.12 -20.23
CA GLY A 238 16.98 -11.27 -21.10
C GLY A 238 15.65 -11.68 -21.75
N SER A 239 15.74 -12.24 -22.96
CA SER A 239 14.56 -12.60 -23.73
C SER A 239 13.99 -13.95 -23.30
N PHE A 240 12.67 -14.01 -23.18
CA PHE A 240 12.00 -15.30 -22.94
C PHE A 240 11.37 -15.88 -24.20
N THR A 241 11.67 -15.27 -25.34
CA THR A 241 11.42 -15.89 -26.65
C THR A 241 12.68 -15.98 -27.49
N ARG A 242 12.66 -16.87 -28.47
CA ARG A 242 13.70 -16.84 -29.51
C ARG A 242 13.56 -15.54 -30.32
N PRO A 243 14.67 -15.04 -30.88
CA PRO A 243 14.52 -13.79 -31.65
C PRO A 243 13.91 -14.07 -33.00
N VAL A 244 13.19 -13.10 -33.55
CA VAL A 244 12.49 -13.27 -34.80
C VAL A 244 12.99 -12.21 -35.79
N PRO A 245 13.37 -12.61 -37.01
CA PRO A 245 13.89 -11.57 -37.93
C PRO A 245 12.88 -10.46 -38.25
N ALA A 246 13.43 -9.25 -38.38
CA ALA A 246 12.65 -8.07 -38.76
C ALA A 246 13.09 -7.63 -40.15
N ARG A 247 12.12 -7.58 -41.07
CA ARG A 247 12.36 -7.16 -42.44
C ARG A 247 11.53 -5.93 -42.77
N LYS A 248 11.98 -5.18 -43.76
CA LYS A 248 11.24 -4.00 -44.18
C LYS A 248 9.77 -4.31 -44.50
N GLY A 249 8.88 -3.51 -43.92
CA GLY A 249 7.44 -3.70 -44.05
C GLY A 249 6.79 -4.51 -42.94
N ASP A 250 7.61 -5.14 -42.09
CA ASP A 250 7.08 -5.97 -41.00
C ASP A 250 6.49 -5.12 -39.89
N THR A 251 5.33 -5.54 -39.41
CA THR A 251 4.75 -4.95 -38.21
C THR A 251 4.92 -5.98 -37.11
N PHE A 252 5.33 -5.53 -35.92
CA PHE A 252 5.37 -6.39 -34.73
C PHE A 252 4.40 -5.86 -33.69
N HIS A 253 3.78 -6.80 -32.99
CA HIS A 253 2.88 -6.46 -31.89
C HIS A 253 3.11 -7.54 -30.87
N VAL A 254 3.62 -7.16 -29.71
CA VAL A 254 3.88 -8.14 -28.67
C VAL A 254 2.88 -7.91 -27.54
N ASP A 255 2.05 -8.91 -27.29
CA ASP A 255 0.93 -8.84 -26.33
C ASP A 255 1.39 -9.49 -25.04
N TYR A 256 1.61 -8.68 -23.99
CA TYR A 256 2.01 -9.19 -22.67
C TYR A 256 0.78 -9.36 -21.75
N GLY A 257 -0.42 -9.53 -22.33
CA GLY A 257 -1.58 -9.83 -21.52
C GLY A 257 -1.89 -8.63 -20.65
N ASN A 258 -2.09 -8.84 -19.34
CA ASN A 258 -2.44 -7.69 -18.46
C ASN A 258 -1.27 -6.74 -18.21
N MET A 259 -0.10 -7.04 -18.79
CA MET A 259 1.02 -6.10 -18.77
C MET A 259 1.09 -5.20 -20.02
N GLY A 260 0.09 -5.28 -20.89
CA GLY A 260 0.00 -4.35 -22.02
C GLY A 260 0.77 -4.84 -23.23
N SER A 261 0.98 -3.97 -24.22
CA SER A 261 1.63 -4.43 -25.44
C SER A 261 2.70 -3.45 -25.93
N ILE A 262 3.53 -3.93 -26.85
CA ILE A 262 4.53 -3.13 -27.53
C ILE A 262 4.46 -3.43 -29.02
N SER A 263 4.42 -2.38 -29.82
CA SER A 263 4.36 -2.56 -31.26
C SER A 263 5.31 -1.63 -31.98
N CYS A 264 5.61 -1.95 -33.24
CA CYS A 264 6.48 -1.13 -34.05
C CYS A 264 6.36 -1.59 -35.48
N ARG A 265 6.86 -0.79 -36.41
CA ARG A 265 6.81 -1.18 -37.80
C ARG A 265 8.15 -0.90 -38.44
N PHE A 266 8.69 -1.85 -39.19
CA PHE A 266 9.96 -1.62 -39.86
C PHE A 266 9.74 -0.96 -41.21
N VAL A 267 10.39 0.17 -41.43
CA VAL A 267 10.15 0.96 -42.67
C VAL A 267 11.40 1.15 -43.52
N MET B 1 11.03 33.75 -37.00
CA MET B 1 10.52 34.40 -35.76
C MET B 1 10.19 35.88 -35.98
N PHE B 2 8.92 36.23 -35.88
CA PHE B 2 8.48 37.63 -35.91
C PHE B 2 8.98 38.34 -34.66
N ASP B 3 8.90 39.67 -34.66
CA ASP B 3 9.33 40.37 -33.45
C ASP B 3 8.30 40.25 -32.33
N LYS B 4 8.77 40.42 -31.10
CA LYS B 4 7.94 40.39 -29.91
C LYS B 4 6.65 41.21 -30.08
N HIS B 5 6.77 42.35 -30.75
CA HIS B 5 5.64 43.25 -30.94
C HIS B 5 4.55 42.63 -31.82
N THR B 6 4.96 41.88 -32.84
CA THR B 6 4.00 41.18 -33.70
C THR B 6 3.29 40.06 -32.93
N HIS B 7 4.05 39.25 -32.22
CA HIS B 7 3.49 38.24 -31.32
C HIS B 7 2.48 38.83 -30.36
N THR B 8 2.81 39.97 -29.75
CA THR B 8 1.92 40.62 -28.79
C THR B 8 0.62 41.07 -29.43
N LEU B 9 0.71 41.62 -30.64
CA LEU B 9 -0.49 42.14 -31.31
C LEU B 9 -1.41 41.03 -31.84
N ILE B 10 -0.83 39.91 -32.28
CA ILE B 10 -1.66 38.75 -32.66
C ILE B 10 -2.38 38.22 -31.41
N ALA B 11 -1.64 38.14 -30.30
CA ALA B 11 -2.19 37.77 -29.00
C ALA B 11 -3.34 38.67 -28.60
N GLN B 12 -3.20 39.98 -28.81
CA GLN B 12 -4.27 40.92 -28.48
C GLN B 12 -5.54 40.72 -29.30
N ARG B 13 -5.41 40.38 -30.57
CA ARG B 13 -6.53 40.14 -31.46
C ARG B 13 -7.29 38.86 -31.08
N LEU B 14 -6.53 37.83 -30.66
CA LEU B 14 -7.14 36.58 -30.14
C LEU B 14 -7.91 36.87 -28.86
N ASP B 15 -7.32 37.71 -28.02
CA ASP B 15 -7.91 38.09 -26.77
C ASP B 15 -9.21 38.82 -26.99
N GLN B 16 -9.24 39.73 -27.97
CA GLN B 16 -10.45 40.47 -28.28
C GLN B 16 -11.47 39.52 -28.88
N ALA B 17 -11.02 38.62 -29.76
CA ALA B 17 -11.90 37.62 -30.36
C ALA B 17 -12.62 36.81 -29.26
N GLU B 18 -11.86 36.37 -28.26
CA GLU B 18 -12.43 35.60 -27.16
C GLU B 18 -13.43 36.44 -26.36
N LYS B 19 -13.02 37.66 -25.99
CA LYS B 19 -13.86 38.58 -25.21
C LYS B 19 -15.14 38.93 -25.96
N GLN B 20 -15.03 39.17 -27.26
CA GLN B 20 -16.18 39.53 -28.07
C GLN B 20 -16.97 38.36 -28.63
N ARG B 21 -16.47 37.13 -28.46
CA ARG B 21 -17.06 35.96 -29.11
C ARG B 21 -17.25 36.22 -30.60
N GLU B 22 -16.20 36.77 -31.22
CA GLU B 22 -16.19 37.07 -32.65
C GLU B 22 -14.87 36.59 -33.23
N GLN B 23 -14.93 35.65 -34.15
CA GLN B 23 -13.71 35.07 -34.68
C GLN B 23 -12.91 36.03 -35.57
N ILE B 24 -11.59 35.88 -35.56
CA ILE B 24 -10.73 36.60 -36.53
C ILE B 24 -10.37 35.68 -37.67
N ARG B 25 -9.82 36.24 -38.74
CA ARG B 25 -9.31 35.41 -39.83
C ARG B 25 -8.15 34.53 -39.32
N ALA B 26 -8.03 33.34 -39.86
CA ALA B 26 -6.93 32.46 -39.54
C ALA B 26 -5.60 33.20 -39.62
N ILE B 27 -4.88 33.19 -38.50
CA ILE B 27 -3.54 33.78 -38.37
C ILE B 27 -2.63 33.27 -39.49
N SER B 28 -2.73 31.99 -39.80
CA SER B 28 -1.89 31.34 -40.80
C SER B 28 -2.12 31.86 -42.23
N LEU B 29 -3.29 32.46 -42.46
CA LEU B 29 -3.60 33.08 -43.76
C LEU B 29 -3.07 34.50 -43.82
N ASP B 30 -3.15 35.22 -42.70
CA ASP B 30 -2.61 36.58 -42.62
C ASP B 30 -1.10 36.56 -42.54
N TYR B 31 -0.56 35.48 -41.98
CA TYR B 31 0.88 35.29 -41.85
C TYR B 31 1.27 33.95 -42.45
N PRO B 32 1.36 33.90 -43.79
CA PRO B 32 1.59 32.65 -44.53
C PRO B 32 2.88 31.91 -44.16
N GLU B 33 3.87 32.60 -43.62
CA GLU B 33 5.15 31.95 -43.28
C GLU B 33 5.37 31.80 -41.77
N ILE B 34 4.28 31.88 -41.01
CA ILE B 34 4.38 31.69 -39.55
C ILE B 34 4.99 30.30 -39.25
N THR B 35 5.83 30.22 -38.22
CA THR B 35 6.46 28.96 -37.83
C THR B 35 5.78 28.42 -36.56
N ILE B 36 6.05 27.16 -36.23
CA ILE B 36 5.63 26.58 -34.95
C ILE B 36 6.16 27.42 -33.78
N GLU B 37 7.40 27.88 -33.86
CA GLU B 37 7.93 28.69 -32.76
C GLU B 37 7.22 30.03 -32.62
N ASP B 38 6.84 30.64 -33.74
CA ASP B 38 5.99 31.85 -33.72
C ASP B 38 4.65 31.59 -33.02
N ALA B 39 4.03 30.47 -33.36
CA ALA B 39 2.73 30.12 -32.79
C ALA B 39 2.82 29.99 -31.27
N TYR B 40 3.87 29.33 -30.77
CA TYR B 40 4.03 29.18 -29.34
C TYR B 40 4.37 30.49 -28.66
N ALA B 41 5.04 31.38 -29.39
CA ALA B 41 5.37 32.73 -28.91
C ALA B 41 4.15 33.56 -28.75
N VAL B 42 3.22 33.44 -29.71
CA VAL B 42 1.91 34.11 -29.64
C VAL B 42 1.12 33.58 -28.43
N GLN B 43 1.09 32.27 -28.27
CA GLN B 43 0.45 31.65 -27.10
C GLN B 43 1.04 32.19 -25.77
N ARG B 44 2.37 32.19 -25.68
CA ARG B 44 3.05 32.72 -24.50
C ARG B 44 2.67 34.17 -24.23
N GLU B 45 2.60 35.00 -25.27
CA GLU B 45 2.15 36.38 -25.10
C GLU B 45 0.71 36.46 -24.62
N TRP B 46 -0.19 35.66 -25.21
CA TRP B 46 -1.59 35.70 -24.78
C TRP B 46 -1.75 35.29 -23.32
N VAL B 47 -1.09 34.20 -22.94
CA VAL B 47 -1.15 33.74 -21.54
C VAL B 47 -0.57 34.82 -20.59
N ARG B 48 0.48 35.51 -21.04
CA ARG B 48 1.06 36.60 -20.24
C ARG B 48 0.03 37.70 -19.98
N LEU B 49 -0.64 38.16 -21.03
CA LEU B 49 -1.73 39.14 -20.94
C LEU B 49 -2.82 38.70 -19.98
N LYS B 50 -3.26 37.44 -20.14
CA LYS B 50 -4.37 36.94 -19.35
C LYS B 50 -4.00 36.92 -17.89
N ILE B 51 -2.77 36.52 -17.59
CA ILE B 51 -2.29 36.46 -16.21
C ILE B 51 -2.13 37.89 -15.63
N ALA B 52 -1.71 38.83 -16.47
CA ALA B 52 -1.61 40.26 -16.09
C ALA B 52 -2.97 40.85 -15.74
N GLU B 53 -4.04 40.33 -16.36
CA GLU B 53 -5.41 40.77 -16.07
C GLU B 53 -5.94 40.18 -14.77
N GLY B 54 -5.21 39.23 -14.19
CA GLY B 54 -5.58 38.66 -12.92
C GLY B 54 -5.84 37.17 -12.90
N ARG B 55 -5.61 36.51 -14.04
CA ARG B 55 -5.80 35.06 -14.08
C ARG B 55 -4.57 34.35 -13.52
N THR B 56 -4.73 33.08 -13.18
CA THR B 56 -3.68 32.30 -12.56
C THR B 56 -3.48 31.01 -13.37
N LEU B 57 -2.23 30.61 -13.57
CA LEU B 57 -1.89 29.36 -14.24
C LEU B 57 -2.21 28.18 -13.33
N LYS B 58 -3.05 27.24 -13.78
CA LYS B 58 -3.38 26.05 -12.98
C LYS B 58 -2.81 24.73 -13.56
N GLY B 59 -2.34 24.78 -14.79
CA GLY B 59 -1.73 23.60 -15.39
C GLY B 59 -1.64 23.77 -16.88
N HIS B 60 -1.63 22.66 -17.60
CA HIS B 60 -1.44 22.68 -19.04
C HIS B 60 -2.22 21.53 -19.63
N LYS B 61 -2.46 21.61 -20.94
CA LYS B 61 -3.01 20.47 -21.68
C LYS B 61 -2.03 20.05 -22.78
N ILE B 62 -2.11 18.79 -23.17
CA ILE B 62 -1.47 18.26 -24.38
C ILE B 62 -2.61 17.93 -25.38
N GLY B 63 -2.48 18.39 -26.60
CA GLY B 63 -3.55 18.19 -27.56
C GLY B 63 -3.06 17.56 -28.85
N LEU B 64 -3.97 17.38 -29.80
CA LEU B 64 -3.70 16.77 -31.13
C LEU B 64 -3.02 15.43 -31.01
N THR B 65 -3.34 14.71 -29.95
CA THR B 65 -2.70 13.43 -29.70
C THR B 65 -3.19 12.39 -30.73
N SER B 66 -4.50 12.33 -30.95
CA SER B 66 -5.05 11.41 -31.95
C SER B 66 -4.45 11.69 -33.32
N LYS B 67 -4.46 12.97 -33.72
CA LYS B 67 -3.92 13.38 -35.03
C LYS B 67 -2.41 13.15 -35.15
N ALA B 68 -1.67 13.38 -34.08
CA ALA B 68 -0.23 13.05 -34.08
C ALA B 68 -0.04 11.56 -34.40
N MET B 69 -0.93 10.71 -33.87
CA MET B 69 -0.85 9.24 -34.07
C MET B 69 -1.43 8.73 -35.40
N GLN B 70 -2.57 9.29 -35.82
CA GLN B 70 -3.22 8.89 -37.06
C GLN B 70 -2.31 9.06 -38.28
N ALA B 71 -2.15 7.97 -39.05
CA ALA B 71 -1.30 7.99 -40.25
C ALA B 71 -1.85 8.93 -41.35
N SER B 72 -3.17 9.10 -41.40
CA SER B 72 -3.83 9.96 -42.39
C SER B 72 -3.69 11.45 -42.12
N SER B 73 -3.08 11.80 -40.98
CA SER B 73 -2.92 13.20 -40.58
C SER B 73 -1.47 13.61 -40.69
N GLN B 74 -1.26 14.79 -41.26
CA GLN B 74 0.09 15.35 -41.44
C GLN B 74 0.75 15.84 -40.12
N ILE B 75 -0.03 15.98 -39.05
CA ILE B 75 0.49 16.35 -37.72
C ILE B 75 1.49 15.30 -37.25
N SER B 76 2.71 15.73 -36.92
CA SER B 76 3.78 14.82 -36.52
C SER B 76 3.95 14.67 -35.01
N GLU B 77 3.43 15.61 -34.22
CA GLU B 77 3.51 15.51 -32.75
C GLU B 77 2.41 16.35 -32.07
N PRO B 78 2.16 16.10 -30.78
CA PRO B 78 1.07 16.82 -30.07
C PRO B 78 1.33 18.32 -29.98
N ASP B 79 0.31 19.09 -29.57
CA ASP B 79 0.52 20.49 -29.18
C ASP B 79 0.35 20.61 -27.67
N TYR B 80 0.47 21.83 -27.16
CA TYR B 80 0.23 22.05 -25.74
C TYR B 80 -0.30 23.46 -25.55
N GLY B 81 -0.94 23.67 -24.41
CA GLY B 81 -1.46 24.99 -24.07
C GLY B 81 -1.53 25.14 -22.59
N ALA B 82 -1.91 26.34 -22.15
CA ALA B 82 -1.89 26.66 -20.71
C ALA B 82 -3.32 26.71 -20.16
N LEU B 83 -3.53 26.04 -19.03
CA LEU B 83 -4.83 26.07 -18.38
C LEU B 83 -4.84 27.12 -17.27
N LEU B 84 -5.84 28.00 -17.33
CA LEU B 84 -5.98 29.12 -16.40
C LEU B 84 -7.15 28.90 -15.46
N ASP B 85 -7.09 29.53 -14.28
CA ASP B 85 -8.11 29.32 -13.25
C ASP B 85 -9.56 29.50 -13.73
N ASP B 86 -9.82 30.50 -14.57
CA ASP B 86 -11.19 30.78 -15.02
C ASP B 86 -11.74 29.78 -16.06
N MET B 87 -10.90 28.81 -16.46
CA MET B 87 -11.34 27.76 -17.39
C MET B 87 -12.04 26.60 -16.70
N PHE B 88 -11.94 26.52 -15.37
CA PHE B 88 -12.41 25.33 -14.66
C PHE B 88 -13.86 25.40 -14.19
N PHE B 89 -14.65 24.35 -14.49
CA PHE B 89 -16.03 24.25 -14.05
C PHE B 89 -16.16 22.99 -13.22
N HIS B 90 -17.02 23.01 -12.21
CA HIS B 90 -17.21 21.80 -11.41
C HIS B 90 -18.13 20.82 -12.16
N ASP B 91 -18.02 19.54 -11.81
CA ASP B 91 -18.92 18.50 -12.28
C ASP B 91 -20.38 18.97 -12.02
N GLY B 92 -21.25 18.79 -12.99
CA GLY B 92 -22.66 19.16 -12.79
C GLY B 92 -22.99 20.65 -12.92
N SER B 93 -22.08 21.42 -13.49
CA SER B 93 -22.26 22.85 -13.71
C SER B 93 -23.17 23.17 -14.90
N ASP B 94 -23.85 24.32 -14.80
CA ASP B 94 -24.42 24.98 -15.96
C ASP B 94 -23.32 25.83 -16.56
N ILE B 95 -23.03 25.60 -17.84
CA ILE B 95 -21.97 26.33 -18.57
C ILE B 95 -22.64 27.37 -19.45
N PRO B 96 -22.20 28.65 -19.36
CA PRO B 96 -22.82 29.69 -20.19
C PRO B 96 -22.38 29.57 -21.65
N THR B 97 -23.27 29.11 -22.52
CA THR B 97 -22.95 28.91 -23.94
C THR B 97 -22.46 30.22 -24.60
N ASP B 98 -23.05 31.34 -24.17
CA ASP B 98 -22.73 32.67 -24.75
C ASP B 98 -21.29 33.10 -24.52
N ARG B 99 -20.63 32.53 -23.53
CA ARG B 99 -19.25 32.83 -23.28
C ARG B 99 -18.32 32.29 -24.40
N PHE B 100 -18.82 31.40 -25.24
CA PHE B 100 -17.98 30.67 -26.18
C PHE B 100 -18.47 30.90 -27.60
N ILE B 101 -17.68 30.45 -28.56
CA ILE B 101 -17.95 30.70 -29.96
C ILE B 101 -18.43 29.42 -30.65
N VAL B 102 -17.57 28.41 -30.73
CA VAL B 102 -17.94 27.17 -31.37
C VAL B 102 -17.49 26.03 -30.45
N PRO B 103 -18.05 25.98 -29.22
CA PRO B 103 -17.49 25.07 -28.22
C PRO B 103 -17.74 23.60 -28.54
N ARG B 104 -16.76 22.76 -28.21
CA ARG B 104 -16.89 21.31 -28.35
C ARG B 104 -16.33 20.62 -27.11
N ILE B 105 -16.92 19.47 -26.77
CA ILE B 105 -16.53 18.69 -25.59
C ILE B 105 -15.70 17.49 -26.02
N GLU B 106 -14.61 17.25 -25.30
CA GLU B 106 -13.86 16.02 -25.50
C GLU B 106 -13.45 15.36 -24.18
N VAL B 107 -12.96 14.13 -24.26
CA VAL B 107 -12.88 13.21 -23.13
C VAL B 107 -11.43 12.85 -22.80
N GLU B 108 -10.98 13.16 -21.60
CA GLU B 108 -9.56 13.04 -21.28
C GLU B 108 -9.36 12.47 -19.89
N LEU B 109 -8.09 12.24 -19.57
CA LEU B 109 -7.66 11.97 -18.19
C LEU B 109 -6.71 13.10 -17.79
N ALA B 110 -6.71 13.47 -16.52
CA ALA B 110 -5.81 14.51 -16.02
C ALA B 110 -4.91 13.95 -14.94
N PHE B 111 -3.71 14.52 -14.86
CA PHE B 111 -2.68 14.11 -13.89
C PHE B 111 -2.48 15.30 -12.99
N VAL B 112 -2.69 15.07 -11.70
CA VAL B 112 -2.52 16.08 -10.67
C VAL B 112 -1.15 15.83 -10.04
N LEU B 113 -0.23 16.78 -10.20
CA LEU B 113 1.15 16.57 -9.77
C LEU B 113 1.37 16.81 -8.26
N ALA B 114 2.10 15.91 -7.61
CA ALA B 114 2.53 16.07 -6.24
C ALA B 114 3.92 16.75 -6.20
N LYS B 115 4.69 16.50 -7.24
CA LYS B 115 6.05 16.98 -7.34
C LYS B 115 6.25 17.60 -8.73
N PRO B 116 7.25 18.49 -8.87
CA PRO B 116 7.49 19.11 -10.17
C PRO B 116 8.09 18.13 -11.20
N LEU B 117 7.87 18.41 -12.48
CA LEU B 117 8.49 17.64 -13.57
C LEU B 117 9.24 18.58 -14.50
N ARG B 118 10.55 18.34 -14.63
CA ARG B 118 11.38 19.17 -15.48
C ARG B 118 12.15 18.34 -16.48
N GLY B 119 12.16 18.80 -17.73
CA GLY B 119 12.97 18.18 -18.77
C GLY B 119 14.43 18.61 -18.63
N PRO B 120 15.29 18.23 -19.60
CA PRO B 120 14.99 17.61 -20.90
C PRO B 120 14.78 16.09 -20.98
N ASN B 121 14.96 15.36 -19.90
CA ASN B 121 14.95 13.89 -20.02
C ASN B 121 13.84 13.20 -19.22
N CYS B 122 12.67 13.85 -19.19
CA CYS B 122 11.54 13.36 -18.40
C CYS B 122 10.99 12.09 -19.09
N THR B 123 10.74 11.06 -18.30
CA THR B 123 10.18 9.80 -18.79
C THR B 123 8.81 9.52 -18.20
N LEU B 124 8.13 8.52 -18.77
CA LEU B 124 6.89 8.02 -18.24
C LEU B 124 7.03 7.69 -16.74
N PHE B 125 8.18 7.13 -16.36
CA PHE B 125 8.45 6.77 -14.97
C PHE B 125 8.49 7.96 -14.01
N ASP B 126 9.07 9.06 -14.49
CA ASP B 126 9.08 10.31 -13.75
C ASP B 126 7.66 10.81 -13.52
N VAL B 127 6.82 10.67 -14.55
CA VAL B 127 5.42 11.11 -14.47
C VAL B 127 4.72 10.30 -13.37
N TYR B 128 4.91 8.98 -13.39
CA TYR B 128 4.33 8.13 -12.34
C TYR B 128 4.80 8.54 -10.95
N ASN B 129 6.09 8.82 -10.81
CA ASN B 129 6.63 9.20 -9.50
C ASN B 129 6.10 10.55 -9.01
N ALA B 130 5.83 11.47 -9.93
CA ALA B 130 5.39 12.81 -9.58
C ALA B 130 3.87 12.98 -9.44
N THR B 131 3.10 12.00 -9.93
CA THR B 131 1.65 12.16 -10.00
C THR B 131 1.00 11.78 -8.68
N ASP B 132 0.20 12.69 -8.17
CA ASP B 132 -0.51 12.43 -6.95
C ASP B 132 -1.75 11.59 -7.22
N TYR B 133 -2.57 12.06 -8.17
CA TYR B 133 -3.81 11.40 -8.57
C TYR B 133 -4.01 11.53 -10.07
N VAL B 134 -4.71 10.54 -10.61
CA VAL B 134 -5.26 10.65 -11.98
C VAL B 134 -6.76 10.84 -11.78
N ILE B 135 -7.38 11.69 -12.60
CA ILE B 135 -8.80 12.00 -12.45
C ILE B 135 -9.37 12.18 -13.86
N PRO B 136 -10.58 11.68 -14.11
CA PRO B 136 -11.25 12.00 -15.36
C PRO B 136 -11.36 13.52 -15.59
N ALA B 137 -11.25 13.97 -16.84
CA ALA B 137 -11.37 15.40 -17.17
C ALA B 137 -11.99 15.55 -18.53
N LEU B 138 -13.01 16.41 -18.65
CA LEU B 138 -13.48 16.84 -19.96
C LEU B 138 -12.74 18.13 -20.32
N GLU B 139 -12.43 18.29 -21.60
CA GLU B 139 -11.99 19.58 -22.08
C GLU B 139 -13.07 20.19 -22.94
N LEU B 140 -13.34 21.47 -22.69
CA LEU B 140 -14.18 22.26 -23.56
C LEU B 140 -13.21 23.04 -24.46
N ILE B 141 -13.22 22.76 -25.76
CA ILE B 141 -12.32 23.44 -26.69
C ILE B 141 -13.10 24.41 -27.58
N ASP B 142 -12.41 25.41 -28.13
CA ASP B 142 -13.11 26.44 -28.91
C ASP B 142 -12.13 26.98 -29.94
N ALA B 143 -12.60 27.88 -30.81
CA ALA B 143 -11.72 28.40 -31.85
C ALA B 143 -11.99 29.89 -32.01
N ARG B 144 -10.96 30.71 -31.79
CA ARG B 144 -11.07 32.17 -31.97
C ARG B 144 -10.75 32.61 -33.41
N CYS B 145 -10.19 31.71 -34.24
CA CYS B 145 -10.03 31.93 -35.69
C CYS B 145 -11.06 31.13 -36.49
N HIS B 146 -11.55 31.70 -37.59
CA HIS B 146 -12.45 31.01 -38.52
C HIS B 146 -11.85 29.72 -39.02
N ASN B 147 -12.66 28.68 -39.11
CA ASN B 147 -12.23 27.39 -39.63
C ASN B 147 -12.21 27.34 -41.15
N ILE B 148 -13.18 27.99 -41.77
CA ILE B 148 -13.17 28.19 -43.22
C ILE B 148 -13.12 29.70 -43.49
N ASP B 149 -12.11 30.12 -44.22
CA ASP B 149 -11.90 31.55 -44.53
C ASP B 149 -13.11 32.18 -45.24
N PRO B 150 -13.75 33.19 -44.59
CA PRO B 150 -14.90 33.87 -45.17
C PRO B 150 -14.54 34.72 -46.39
N PRO B 155 -8.92 26.51 -44.97
CA PRO B 155 -9.13 26.07 -43.57
C PRO B 155 -8.03 26.53 -42.59
N ARG B 156 -8.32 26.45 -41.29
CA ARG B 156 -7.30 26.68 -40.24
C ARG B 156 -6.19 25.64 -40.38
N LYS B 157 -5.04 25.96 -39.78
CA LYS B 157 -3.91 25.06 -39.69
C LYS B 157 -3.54 24.89 -38.21
N VAL B 158 -2.56 24.03 -37.97
CA VAL B 158 -1.99 23.80 -36.64
C VAL B 158 -1.44 25.10 -36.04
N PHE B 159 -0.91 25.99 -36.88
CA PHE B 159 -0.31 27.24 -36.38
C PHE B 159 -1.41 28.08 -35.72
N ASP B 160 -2.61 28.02 -36.27
CA ASP B 160 -3.77 28.77 -35.72
C ASP B 160 -4.19 28.20 -34.37
N THR B 161 -4.40 26.90 -34.32
CA THR B 161 -4.66 26.18 -33.04
C THR B 161 -3.64 26.46 -31.93
N ILE B 162 -2.34 26.34 -32.24
CA ILE B 162 -1.32 26.53 -31.23
C ILE B 162 -1.30 27.98 -30.76
N SER B 163 -1.37 28.92 -31.71
CA SER B 163 -1.42 30.35 -31.35
C SER B 163 -2.61 30.61 -30.44
N ASP B 164 -3.73 30.01 -30.83
CA ASP B 164 -5.01 30.14 -30.12
C ASP B 164 -5.08 29.38 -28.77
N ASN B 165 -3.96 29.42 -28.05
CA ASN B 165 -3.74 28.66 -26.81
C ASN B 165 -4.23 27.21 -26.95
N ALA B 166 -3.90 26.59 -28.08
CA ALA B 166 -4.23 25.16 -28.35
C ALA B 166 -5.73 24.84 -28.24
N ALA B 167 -6.57 25.84 -28.57
CA ALA B 167 -8.04 25.77 -28.53
C ALA B 167 -8.62 25.70 -27.12
N ASN B 168 -7.84 26.04 -26.08
CA ASN B 168 -8.33 25.94 -24.71
C ASN B 168 -9.50 26.87 -24.49
N ALA B 169 -10.43 26.45 -23.63
CA ALA B 169 -11.56 27.31 -23.26
C ALA B 169 -12.10 26.86 -21.89
N GLY B 170 -12.28 25.55 -21.71
CA GLY B 170 -12.83 25.04 -20.45
C GLY B 170 -12.26 23.71 -20.05
N VAL B 171 -12.37 23.41 -18.77
CA VAL B 171 -12.00 22.11 -18.21
C VAL B 171 -13.09 21.76 -17.18
N ILE B 172 -13.54 20.50 -17.19
CA ILE B 172 -14.49 20.04 -16.18
C ILE B 172 -13.98 18.74 -15.58
N LEU B 173 -13.62 18.78 -14.29
CA LEU B 173 -13.08 17.59 -13.60
C LEU B 173 -14.23 16.90 -12.89
N GLY B 174 -14.12 15.60 -12.73
CA GLY B 174 -15.13 14.84 -11.99
C GLY B 174 -14.77 13.39 -11.89
N GLY B 175 -15.63 12.58 -11.28
CA GLY B 175 -15.35 11.15 -11.16
C GLY B 175 -14.52 10.80 -9.94
N ARG B 176 -13.86 9.65 -10.05
CA ARG B 176 -13.10 8.99 -8.97
C ARG B 176 -11.61 9.35 -9.11
N PRO B 177 -11.02 9.99 -8.09
CA PRO B 177 -9.56 10.17 -8.11
C PRO B 177 -8.86 8.84 -7.76
N ILE B 178 -7.82 8.50 -8.51
CA ILE B 178 -7.07 7.29 -8.19
C ILE B 178 -5.58 7.55 -8.16
N LYS B 179 -4.87 6.79 -7.33
CA LYS B 179 -3.40 6.81 -7.39
C LYS B 179 -2.97 6.16 -8.70
N PRO B 180 -1.89 6.67 -9.32
CA PRO B 180 -1.46 6.17 -10.62
C PRO B 180 -1.22 4.65 -10.66
N ASP B 181 -0.80 4.06 -9.54
CA ASP B 181 -0.50 2.64 -9.53
C ASP B 181 -1.75 1.76 -9.25
N GLU B 182 -2.93 2.37 -9.10
CA GLU B 182 -4.18 1.66 -8.74
C GLU B 182 -4.74 0.71 -9.80
N LEU B 183 -4.75 1.12 -11.06
CA LEU B 183 -5.19 0.25 -12.15
C LEU B 183 -4.43 0.61 -13.42
N ASP B 184 -4.60 -0.18 -14.48
CA ASP B 184 -3.94 0.11 -15.74
C ASP B 184 -4.64 1.28 -16.41
N LEU B 185 -3.98 2.45 -16.45
CA LEU B 185 -4.57 3.66 -17.04
C LEU B 185 -4.92 3.47 -18.52
N ARG B 186 -4.22 2.56 -19.19
CA ARG B 186 -4.44 2.34 -20.61
C ARG B 186 -5.84 1.87 -20.96
N TRP B 187 -6.45 1.13 -20.04
CA TRP B 187 -7.77 0.57 -20.29
C TRP B 187 -8.95 1.32 -19.65
N ILE B 188 -8.71 2.51 -19.09
CA ILE B 188 -9.84 3.36 -18.70
C ILE B 188 -10.61 3.70 -19.98
N SER B 189 -11.92 3.53 -19.94
CA SER B 189 -12.70 3.80 -21.13
C SER B 189 -13.92 4.65 -20.78
N ALA B 190 -14.56 5.26 -21.78
CA ALA B 190 -15.65 6.19 -21.55
C ALA B 190 -16.68 6.16 -22.66
N LEU B 191 -17.92 6.51 -22.27
CA LEU B 191 -19.01 6.72 -23.18
C LEU B 191 -19.43 8.18 -23.05
N MET B 192 -19.35 8.93 -24.16
CA MET B 192 -19.80 10.32 -24.13
C MET B 192 -21.24 10.43 -24.62
N TYR B 193 -22.16 10.73 -23.70
CA TYR B 193 -23.55 11.01 -24.05
C TYR B 193 -23.75 12.50 -24.22
N ARG B 194 -24.59 12.85 -25.19
CA ARG B 194 -25.11 14.22 -25.29
C ARG B 194 -26.62 14.10 -25.50
N ASN B 195 -27.40 14.81 -24.67
CA ASN B 195 -28.85 14.72 -24.79
C ASN B 195 -29.35 13.28 -24.78
N GLY B 196 -28.69 12.45 -23.96
CA GLY B 196 -29.21 11.10 -23.70
C GLY B 196 -28.76 10.02 -24.67
N VAL B 197 -27.94 10.40 -25.64
CA VAL B 197 -27.50 9.53 -26.69
C VAL B 197 -25.97 9.47 -26.71
N ILE B 198 -25.41 8.28 -26.88
CA ILE B 198 -23.96 8.14 -26.96
C ILE B 198 -23.48 8.62 -28.32
N GLU B 199 -22.66 9.66 -28.29
CA GLU B 199 -22.09 10.28 -29.49
C GLU B 199 -20.71 9.77 -29.84
N GLU B 200 -19.92 9.44 -28.81
CA GLU B 200 -18.56 8.90 -29.01
C GLU B 200 -18.24 7.95 -27.89
N THR B 201 -17.37 6.99 -28.18
CA THR B 201 -16.76 6.16 -27.11
C THR B 201 -15.27 6.13 -27.34
N GLY B 202 -14.50 5.75 -26.32
CA GLY B 202 -13.08 5.70 -26.51
C GLY B 202 -12.38 4.99 -25.38
N VAL B 203 -11.11 4.64 -25.58
CA VAL B 203 -10.30 4.03 -24.54
C VAL B 203 -9.01 4.85 -24.38
N ALA B 204 -8.53 4.99 -23.13
CA ALA B 204 -7.44 5.93 -22.82
C ALA B 204 -6.11 5.61 -23.53
N ALA B 205 -5.89 4.35 -23.92
CA ALA B 205 -4.67 4.00 -24.66
C ALA B 205 -4.61 4.74 -26.01
N GLY B 206 -5.76 5.23 -26.48
CA GLY B 206 -5.84 6.04 -27.70
C GLY B 206 -5.04 7.36 -27.63
N VAL B 207 -4.66 7.74 -26.42
CA VAL B 207 -3.78 8.91 -26.17
C VAL B 207 -2.33 8.41 -26.12
N LEU B 208 -1.67 8.43 -27.27
CA LEU B 208 -0.21 8.20 -27.35
C LEU B 208 0.23 6.82 -26.79
N ASN B 209 -0.66 5.82 -26.85
CA ASN B 209 -0.39 4.47 -26.31
C ASN B 209 -0.39 4.34 -24.78
N HIS B 210 -0.27 5.47 -24.09
CA HIS B 210 -0.35 5.50 -22.64
C HIS B 210 -0.54 6.95 -22.30
N PRO B 211 -1.65 7.25 -21.62
CA PRO B 211 -2.06 8.64 -21.35
C PRO B 211 -1.09 9.48 -20.52
N ALA B 212 -0.09 8.85 -19.89
CA ALA B 212 0.91 9.56 -19.10
C ALA B 212 2.05 10.08 -19.97
N ASN B 213 2.19 9.52 -21.18
CA ASN B 213 3.32 9.84 -22.07
C ASN B 213 3.41 11.32 -22.45
N GLY B 214 2.26 11.91 -22.75
CA GLY B 214 2.24 13.34 -23.12
C GLY B 214 2.73 14.24 -21.99
N VAL B 215 2.57 13.80 -20.74
CA VAL B 215 3.04 14.62 -19.61
C VAL B 215 4.60 14.73 -19.65
N ALA B 216 5.29 13.62 -19.89
CA ALA B 216 6.75 13.62 -20.01
C ALA B 216 7.17 14.45 -21.24
N TRP B 217 6.46 14.25 -22.35
CA TRP B 217 6.70 15.00 -23.59
C TRP B 217 6.61 16.50 -23.34
N LEU B 218 5.57 16.88 -22.60
CA LEU B 218 5.30 18.28 -22.30
C LEU B 218 6.42 18.87 -21.43
N ALA B 219 6.80 18.16 -20.37
CA ALA B 219 7.88 18.65 -19.49
C ALA B 219 9.15 18.86 -20.33
N ASN B 220 9.44 17.92 -21.21
CA ASN B 220 10.55 18.06 -22.16
C ASN B 220 10.44 19.25 -23.13
N LYS B 221 9.23 19.58 -23.57
CA LYS B 221 9.00 20.74 -24.46
C LYS B 221 9.23 22.07 -23.75
N LEU B 222 8.94 22.10 -22.46
CA LEU B 222 8.99 23.34 -21.71
C LEU B 222 10.40 23.63 -21.18
N ALA B 223 11.22 22.59 -21.09
CA ALA B 223 12.58 22.71 -20.53
C ALA B 223 13.47 23.78 -21.20
N PRO B 224 13.47 23.88 -22.55
CA PRO B 224 14.25 24.97 -23.19
C PRO B 224 13.86 26.37 -22.73
N TYR B 225 12.60 26.58 -22.38
CA TYR B 225 12.12 27.89 -21.92
C TYR B 225 12.33 28.16 -20.43
N ASP B 226 13.11 27.30 -19.78
CA ASP B 226 13.31 27.37 -18.32
C ASP B 226 11.95 27.35 -17.58
N VAL B 227 11.03 26.54 -18.09
CA VAL B 227 9.72 26.31 -17.45
C VAL B 227 9.60 24.81 -17.08
N GLN B 228 9.03 24.52 -15.92
CA GLN B 228 8.76 23.13 -15.55
C GLN B 228 7.27 22.99 -15.23
N LEU B 229 6.82 21.73 -15.11
CA LEU B 229 5.48 21.45 -14.58
C LEU B 229 5.56 21.45 -13.07
N GLU B 230 4.85 22.37 -12.44
CA GLU B 230 4.97 22.59 -11.01
C GLU B 230 4.12 21.66 -10.16
N ALA B 231 4.56 21.40 -8.92
CA ALA B 231 3.72 20.70 -7.96
C ALA B 231 2.36 21.41 -7.88
N GLY B 232 1.28 20.62 -7.83
CA GLY B 232 -0.07 21.15 -7.75
C GLY B 232 -0.78 21.41 -9.06
N GLN B 233 -0.03 21.48 -10.16
CA GLN B 233 -0.65 21.68 -11.48
C GLN B 233 -1.49 20.47 -11.92
N ILE B 234 -2.51 20.76 -12.72
CA ILE B 234 -3.32 19.73 -13.39
C ILE B 234 -2.91 19.70 -14.86
N ILE B 235 -2.57 18.50 -15.34
CA ILE B 235 -2.14 18.32 -16.70
C ILE B 235 -3.15 17.42 -17.42
N LEU B 236 -3.87 17.98 -18.39
CA LEU B 236 -4.78 17.21 -19.25
C LEU B 236 -3.98 16.52 -20.36
N GLY B 237 -4.18 15.21 -20.48
CA GLY B 237 -3.28 14.38 -21.27
C GLY B 237 -3.60 14.24 -22.74
N GLY B 238 -4.80 14.66 -23.13
CA GLY B 238 -5.26 14.59 -24.53
C GLY B 238 -6.55 13.77 -24.60
N SER B 239 -7.35 14.06 -25.61
CA SER B 239 -8.65 13.43 -25.72
C SER B 239 -8.52 12.07 -26.39
N PHE B 240 -9.27 11.11 -25.88
CA PHE B 240 -9.39 9.81 -26.55
C PHE B 240 -10.70 9.63 -27.32
N THR B 241 -11.46 10.71 -27.44
CA THR B 241 -12.61 10.77 -28.37
C THR B 241 -12.47 12.00 -29.29
N ARG B 242 -13.17 11.95 -30.41
CA ARG B 242 -13.31 13.15 -31.22
C ARG B 242 -14.20 14.13 -30.45
N PRO B 243 -14.02 15.45 -30.68
CA PRO B 243 -14.80 16.44 -29.95
C PRO B 243 -16.23 16.47 -30.47
N VAL B 244 -17.17 16.82 -29.60
CA VAL B 244 -18.59 16.86 -29.96
C VAL B 244 -19.14 18.28 -29.73
N PRO B 245 -19.78 18.89 -30.76
CA PRO B 245 -20.30 20.25 -30.55
C PRO B 245 -21.25 20.37 -29.36
N ALA B 246 -21.08 21.47 -28.65
CA ALA B 246 -21.93 21.85 -27.53
C ALA B 246 -22.80 23.03 -27.94
N ARG B 247 -24.12 22.88 -27.81
CA ARG B 247 -25.08 23.91 -28.18
C ARG B 247 -25.90 24.25 -26.97
N LYS B 248 -26.47 25.45 -26.93
CA LYS B 248 -27.32 25.85 -25.83
C LYS B 248 -28.46 24.82 -25.64
N GLY B 249 -28.66 24.38 -24.40
CA GLY B 249 -29.68 23.37 -24.15
C GLY B 249 -29.14 21.94 -24.09
N ASP B 250 -27.89 21.74 -24.47
CA ASP B 250 -27.35 20.38 -24.50
C ASP B 250 -26.92 19.98 -23.10
N THR B 251 -27.22 18.73 -22.73
CA THR B 251 -26.65 18.13 -21.53
C THR B 251 -25.61 17.11 -22.00
N PHE B 252 -24.44 17.09 -21.37
CA PHE B 252 -23.45 16.02 -21.60
C PHE B 252 -23.33 15.19 -20.34
N HIS B 253 -23.06 13.89 -20.50
CA HIS B 253 -22.79 13.00 -19.39
C HIS B 253 -21.78 12.00 -19.90
N VAL B 254 -20.62 11.99 -19.28
CA VAL B 254 -19.52 11.17 -19.80
C VAL B 254 -19.26 10.12 -18.73
N ASP B 255 -19.50 8.88 -19.10
CA ASP B 255 -19.48 7.74 -18.20
C ASP B 255 -18.15 7.06 -18.38
N TYR B 256 -17.28 7.14 -17.35
CA TYR B 256 -15.96 6.49 -17.39
C TYR B 256 -16.00 5.12 -16.66
N GLY B 257 -17.18 4.54 -16.59
CA GLY B 257 -17.32 3.23 -15.96
C GLY B 257 -16.96 3.32 -14.50
N ASN B 258 -16.05 2.45 -14.07
CA ASN B 258 -15.69 2.42 -12.65
C ASN B 258 -14.82 3.60 -12.22
N MET B 259 -14.54 4.52 -13.14
CA MET B 259 -13.86 5.78 -12.81
C MET B 259 -14.82 6.96 -12.58
N GLY B 260 -16.13 6.71 -12.65
CA GLY B 260 -17.10 7.75 -12.37
C GLY B 260 -17.55 8.49 -13.63
N SER B 261 -18.15 9.65 -13.45
CA SER B 261 -18.73 10.35 -14.55
C SER B 261 -18.46 11.84 -14.44
N ILE B 262 -18.62 12.53 -15.56
CA ILE B 262 -18.56 13.98 -15.56
C ILE B 262 -19.73 14.45 -16.40
N SER B 263 -20.49 15.42 -15.88
CA SER B 263 -21.65 15.92 -16.62
C SER B 263 -21.74 17.44 -16.54
N CYS B 264 -22.47 18.03 -17.48
CA CYS B 264 -22.72 19.47 -17.42
C CYS B 264 -23.91 19.82 -18.31
N ARG B 265 -24.38 21.07 -18.22
CA ARG B 265 -25.41 21.49 -19.12
C ARG B 265 -25.08 22.86 -19.70
N PHE B 266 -25.25 23.02 -21.00
CA PHE B 266 -25.03 24.31 -21.62
C PHE B 266 -26.31 25.13 -21.59
N VAL B 267 -26.21 26.33 -21.03
CA VAL B 267 -27.38 27.17 -20.82
C VAL B 267 -27.24 28.54 -21.49
N MET C 1 -24.03 45.57 6.04
CA MET C 1 -23.59 44.67 7.14
C MET C 1 -24.00 45.25 8.50
N PHE C 2 -24.47 44.41 9.41
CA PHE C 2 -24.69 44.81 10.81
C PHE C 2 -23.34 45.01 11.48
N ASP C 3 -23.33 45.87 12.49
CA ASP C 3 -22.17 46.01 13.37
C ASP C 3 -22.00 44.72 14.18
N LYS C 4 -20.76 44.44 14.60
CA LYS C 4 -20.46 43.20 15.35
C LYS C 4 -21.30 42.97 16.63
N HIS C 5 -21.71 44.04 17.31
CA HIS C 5 -22.43 43.84 18.57
C HIS C 5 -23.87 43.37 18.31
N THR C 6 -24.40 43.65 17.12
CA THR C 6 -25.67 43.07 16.67
C THR C 6 -25.54 41.57 16.38
N HIS C 7 -24.47 41.19 15.71
CA HIS C 7 -24.15 39.75 15.55
C HIS C 7 -24.17 39.05 16.89
N THR C 8 -23.54 39.66 17.89
CA THR C 8 -23.47 39.09 19.24
C THR C 8 -24.87 38.95 19.87
N LEU C 9 -25.71 39.97 19.69
CA LEU C 9 -27.07 39.96 20.26
C LEU C 9 -27.93 38.86 19.62
N ILE C 10 -27.82 38.71 18.30
CA ILE C 10 -28.53 37.62 17.62
C ILE C 10 -28.06 36.26 18.13
N ALA C 11 -26.73 36.10 18.24
CA ALA C 11 -26.17 34.82 18.74
C ALA C 11 -26.66 34.46 20.14
N GLN C 12 -26.77 35.47 21.02
CA GLN C 12 -27.32 35.26 22.37
C GLN C 12 -28.76 34.77 22.36
N ARG C 13 -29.56 35.28 21.44
CA ARG C 13 -30.93 34.84 21.32
C ARG C 13 -31.02 33.40 20.83
N LEU C 14 -30.17 33.03 19.86
CA LEU C 14 -30.09 31.63 19.41
C LEU C 14 -29.64 30.73 20.53
N ASP C 15 -28.64 31.18 21.31
CA ASP C 15 -28.14 30.42 22.46
C ASP C 15 -29.28 30.18 23.45
N GLN C 16 -30.05 31.21 23.76
CA GLN C 16 -31.20 31.05 24.65
C GLN C 16 -32.29 30.14 24.07
N ALA C 17 -32.58 30.27 22.77
CA ALA C 17 -33.53 29.38 22.08
C ALA C 17 -33.11 27.92 22.26
N GLU C 18 -31.83 27.64 22.08
CA GLU C 18 -31.30 26.28 22.24
C GLU C 18 -31.43 25.79 23.68
N LYS C 19 -31.03 26.64 24.63
CA LYS C 19 -31.08 26.32 26.06
C LYS C 19 -32.51 26.07 26.56
N GLN C 20 -33.45 26.89 26.14
CA GLN C 20 -34.82 26.77 26.62
C GLN C 20 -35.65 25.82 25.74
N ARG C 21 -35.07 25.37 24.63
CA ARG C 21 -35.77 24.52 23.67
C ARG C 21 -37.04 25.25 23.20
N GLU C 22 -36.89 26.53 22.87
CA GLU C 22 -38.00 27.38 22.44
C GLU C 22 -37.57 28.24 21.27
N GLN C 23 -38.25 28.11 20.13
CA GLN C 23 -37.80 28.79 18.93
C GLN C 23 -38.04 30.30 18.96
N ILE C 24 -37.17 31.05 18.28
CA ILE C 24 -37.35 32.46 18.05
C ILE C 24 -37.87 32.68 16.62
N ARG C 25 -38.36 33.89 16.36
CA ARG C 25 -38.79 34.28 15.04
C ARG C 25 -37.57 34.19 14.10
N ALA C 26 -37.80 33.79 12.86
CA ALA C 26 -36.76 33.83 11.82
C ALA C 26 -35.99 35.13 11.87
N ILE C 27 -34.68 35.00 12.02
CA ILE C 27 -33.78 36.14 12.00
C ILE C 27 -33.94 37.01 10.75
N SER C 28 -34.19 36.37 9.60
CA SER C 28 -34.31 37.09 8.33
C SER C 28 -35.57 37.96 8.29
N LEU C 29 -36.56 37.61 9.11
CA LEU C 29 -37.78 38.42 9.24
C LEU C 29 -37.59 39.58 10.23
N ASP C 30 -36.89 39.33 11.32
CA ASP C 30 -36.58 40.39 12.28
C ASP C 30 -35.54 41.36 11.75
N TYR C 31 -34.68 40.85 10.88
CA TYR C 31 -33.59 41.64 10.31
C TYR C 31 -33.61 41.52 8.78
N PRO C 32 -34.52 42.28 8.11
CA PRO C 32 -34.71 42.18 6.67
C PRO C 32 -33.51 42.50 5.82
N GLU C 33 -32.55 43.29 6.34
CA GLU C 33 -31.37 43.63 5.55
C GLU C 33 -30.23 42.64 5.73
N ILE C 34 -30.47 41.54 6.43
CA ILE C 34 -29.42 40.53 6.72
C ILE C 34 -28.74 40.03 5.43
N THR C 35 -27.41 39.88 5.47
CA THR C 35 -26.63 39.36 4.32
C THR C 35 -26.02 38.01 4.70
N ILE C 36 -25.54 37.27 3.71
CA ILE C 36 -24.93 35.99 4.02
C ILE C 36 -23.69 36.21 4.91
N GLU C 37 -22.98 37.31 4.69
CA GLU C 37 -21.86 37.68 5.56
C GLU C 37 -22.27 37.88 7.03
N ASP C 38 -23.41 38.57 7.24
CA ASP C 38 -24.00 38.69 8.60
C ASP C 38 -24.31 37.34 9.21
N ALA C 39 -24.90 36.45 8.39
CA ALA C 39 -25.31 35.13 8.86
C ALA C 39 -24.10 34.35 9.40
N TYR C 40 -23.01 34.32 8.63
CA TYR C 40 -21.78 33.65 9.09
C TYR C 40 -21.14 34.37 10.30
N ALA C 41 -21.28 35.69 10.36
CA ALA C 41 -20.79 36.45 11.53
C ALA C 41 -21.58 36.09 12.80
N VAL C 42 -22.90 35.96 12.66
CA VAL C 42 -23.74 35.50 13.79
C VAL C 42 -23.29 34.11 14.23
N GLN C 43 -23.09 33.21 13.25
CA GLN C 43 -22.65 31.88 13.57
C GLN C 43 -21.31 31.90 14.32
N ARG C 44 -20.37 32.71 13.82
CA ARG C 44 -19.05 32.82 14.47
C ARG C 44 -19.17 33.28 15.91
N GLU C 45 -20.03 34.27 16.15
CA GLU C 45 -20.29 34.74 17.52
C GLU C 45 -20.91 33.70 18.42
N TRP C 46 -21.90 32.98 17.89
CA TRP C 46 -22.55 31.95 18.68
C TRP C 46 -21.54 30.88 19.06
N VAL C 47 -20.74 30.46 18.09
CA VAL C 47 -19.72 29.44 18.37
C VAL C 47 -18.69 29.96 19.41
N ARG C 48 -18.26 31.21 19.26
CA ARG C 48 -17.36 31.81 20.25
C ARG C 48 -17.96 31.75 21.67
N LEU C 49 -19.25 32.09 21.80
CA LEU C 49 -19.95 32.08 23.09
C LEU C 49 -19.98 30.68 23.67
N LYS C 50 -20.28 29.70 22.81
CA LYS C 50 -20.35 28.30 23.29
C LYS C 50 -18.99 27.79 23.75
N ILE C 51 -17.94 28.13 23.01
CA ILE C 51 -16.58 27.78 23.41
C ILE C 51 -16.17 28.50 24.72
N ALA C 52 -16.55 29.76 24.88
CA ALA C 52 -16.32 30.51 26.14
C ALA C 52 -16.99 29.81 27.33
N GLU C 53 -18.10 29.13 27.08
CA GLU C 53 -18.78 28.39 28.13
C GLU C 53 -18.18 27.02 28.42
N GLY C 54 -17.18 26.62 27.64
CA GLY C 54 -16.48 25.36 27.92
C GLY C 54 -16.52 24.29 26.82
N ARG C 55 -17.19 24.59 25.71
CA ARG C 55 -17.23 23.65 24.57
C ARG C 55 -15.89 23.73 23.85
N THR C 56 -15.55 22.67 23.11
CA THR C 56 -14.33 22.63 22.31
C THR C 56 -14.72 22.30 20.86
N LEU C 57 -14.14 23.03 19.91
CA LEU C 57 -14.33 22.80 18.48
C LEU C 57 -13.73 21.45 18.10
N LYS C 58 -14.55 20.58 17.55
CA LYS C 58 -14.11 19.24 17.15
C LYS C 58 -14.07 19.05 15.63
N GLY C 59 -14.64 20.00 14.90
CA GLY C 59 -14.67 19.94 13.43
C GLY C 59 -15.72 20.87 12.82
N HIS C 60 -16.21 20.49 11.63
CA HIS C 60 -17.18 21.30 10.91
C HIS C 60 -18.09 20.40 10.11
N LYS C 61 -19.18 20.96 9.60
CA LYS C 61 -20.03 20.23 8.65
C LYS C 61 -20.30 21.12 7.45
N ILE C 62 -20.54 20.48 6.32
CA ILE C 62 -21.04 21.15 5.13
C ILE C 62 -22.48 20.66 4.94
N GLY C 63 -23.38 21.60 4.67
CA GLY C 63 -24.80 21.29 4.56
C GLY C 63 -25.43 21.90 3.33
N LEU C 64 -26.75 21.72 3.21
CA LEU C 64 -27.56 22.17 2.07
C LEU C 64 -26.99 21.67 0.76
N THR C 65 -26.31 20.53 0.82
CA THR C 65 -25.65 19.99 -0.37
C THR C 65 -26.69 19.57 -1.39
N SER C 66 -27.71 18.83 -0.95
CA SER C 66 -28.81 18.46 -1.86
C SER C 66 -29.51 19.68 -2.44
N LYS C 67 -29.84 20.64 -1.58
CA LYS C 67 -30.51 21.85 -2.05
C LYS C 67 -29.67 22.67 -3.03
N ALA C 68 -28.36 22.78 -2.81
CA ALA C 68 -27.48 23.49 -3.72
C ALA C 68 -27.49 22.83 -5.11
N MET C 69 -27.56 21.49 -5.13
CA MET C 69 -27.58 20.75 -6.39
C MET C 69 -28.94 20.83 -7.10
N GLN C 70 -30.02 20.63 -6.35
CA GLN C 70 -31.37 20.45 -6.91
C GLN C 70 -31.92 21.69 -7.62
N ALA C 71 -32.35 21.53 -8.88
CA ALA C 71 -32.84 22.66 -9.70
C ALA C 71 -34.08 23.35 -9.11
N SER C 72 -34.86 22.60 -8.34
CA SER C 72 -36.10 23.11 -7.73
C SER C 72 -35.85 24.04 -6.55
N SER C 73 -34.59 24.14 -6.12
CA SER C 73 -34.17 25.01 -5.03
C SER C 73 -33.32 26.19 -5.50
N GLN C 74 -33.61 27.37 -4.97
CA GLN C 74 -32.86 28.57 -5.34
C GLN C 74 -31.48 28.64 -4.67
N ILE C 75 -31.24 27.79 -3.65
CA ILE C 75 -29.91 27.73 -3.01
C ILE C 75 -28.80 27.44 -4.03
N SER C 76 -27.77 28.28 -3.99
CA SER C 76 -26.72 28.36 -5.00
C SER C 76 -25.44 27.60 -4.63
N GLU C 77 -25.11 27.55 -3.35
CA GLU C 77 -23.96 26.80 -2.86
C GLU C 77 -24.23 26.25 -1.45
N PRO C 78 -23.36 25.34 -0.96
CA PRO C 78 -23.64 24.72 0.34
C PRO C 78 -23.47 25.74 1.48
N ASP C 79 -23.79 25.32 2.68
CA ASP C 79 -23.47 26.10 3.85
C ASP C 79 -22.47 25.32 4.69
N TYR C 80 -22.02 25.93 5.79
CA TYR C 80 -21.21 25.19 6.74
C TYR C 80 -21.50 25.64 8.17
N GLY C 81 -21.11 24.80 9.12
CA GLY C 81 -21.28 25.08 10.55
C GLY C 81 -20.20 24.43 11.38
N ALA C 82 -20.17 24.75 12.66
CA ALA C 82 -19.14 24.22 13.58
C ALA C 82 -19.62 23.06 14.42
N LEU C 83 -18.83 22.00 14.50
CA LEU C 83 -19.14 20.88 15.37
C LEU C 83 -18.39 21.01 16.70
N LEU C 84 -19.13 20.95 17.81
CA LEU C 84 -18.57 21.13 19.14
C LEU C 84 -18.62 19.80 19.85
N ASP C 85 -17.77 19.61 20.85
CA ASP C 85 -17.66 18.30 21.52
C ASP C 85 -18.95 17.76 22.13
N ASP C 86 -19.79 18.63 22.69
CA ASP C 86 -21.04 18.15 23.30
C ASP C 86 -22.12 17.75 22.29
N MET C 87 -21.81 17.88 20.99
CA MET C 87 -22.69 17.40 19.93
C MET C 87 -22.56 15.90 19.62
N PHE C 88 -21.46 15.29 20.06
CA PHE C 88 -21.15 13.92 19.68
C PHE C 88 -21.72 12.87 20.61
N PHE C 89 -22.41 11.89 20.01
CA PHE C 89 -22.92 10.73 20.74
C PHE C 89 -22.31 9.46 20.17
N HIS C 90 -22.09 8.47 21.03
CA HIS C 90 -21.57 7.19 20.61
C HIS C 90 -22.60 6.38 19.82
N ASP C 91 -22.11 5.65 18.85
CA ASP C 91 -22.82 4.54 18.24
C ASP C 91 -23.52 3.66 19.31
N GLY C 92 -24.81 3.40 19.14
CA GLY C 92 -25.57 2.62 20.14
C GLY C 92 -26.07 3.39 21.36
N SER C 93 -25.89 4.71 21.38
CA SER C 93 -26.24 5.57 22.52
C SER C 93 -27.72 5.86 22.64
N ASP C 94 -28.18 6.10 23.87
CA ASP C 94 -29.44 6.79 24.11
C ASP C 94 -29.20 8.27 23.85
N ILE C 95 -30.14 8.90 23.18
CA ILE C 95 -30.07 10.32 22.92
C ILE C 95 -31.22 10.98 23.66
N PRO C 96 -30.94 12.04 24.44
CA PRO C 96 -31.99 12.74 25.17
C PRO C 96 -32.83 13.63 24.26
N THR C 97 -34.01 13.15 23.92
CA THR C 97 -34.90 13.85 23.02
C THR C 97 -35.21 15.27 23.53
N ASP C 98 -35.33 15.39 24.85
CA ASP C 98 -35.78 16.64 25.50
C ASP C 98 -34.77 17.79 25.34
N ARG C 99 -33.57 17.46 24.92
CA ARG C 99 -32.53 18.45 24.70
C ARG C 99 -32.73 19.21 23.38
N PHE C 100 -33.61 18.68 22.52
CA PHE C 100 -33.77 19.19 21.16
C PHE C 100 -35.18 19.69 20.91
N ILE C 101 -35.39 20.40 19.81
CA ILE C 101 -36.68 21.04 19.56
C ILE C 101 -37.43 20.26 18.50
N VAL C 102 -36.91 20.25 17.28
CA VAL C 102 -37.49 19.48 16.17
C VAL C 102 -36.35 18.64 15.51
N PRO C 103 -35.80 17.69 16.27
CA PRO C 103 -34.62 16.96 15.79
C PRO C 103 -34.94 16.05 14.61
N ARG C 104 -34.01 15.97 13.67
CA ARG C 104 -34.12 15.03 12.54
C ARG C 104 -32.79 14.39 12.26
N ILE C 105 -32.80 13.12 11.83
CA ILE C 105 -31.56 12.36 11.59
C ILE C 105 -31.29 12.33 10.08
N GLU C 106 -30.04 12.52 9.69
CA GLU C 106 -29.66 12.33 8.29
C GLU C 106 -28.33 11.58 8.15
N VAL C 107 -28.02 11.16 6.93
CA VAL C 107 -27.01 10.11 6.69
C VAL C 107 -25.84 10.69 5.91
N GLU C 108 -24.65 10.63 6.49
CA GLU C 108 -23.47 11.29 5.93
C GLU C 108 -22.23 10.42 5.97
N LEU C 109 -21.16 10.94 5.39
CA LEU C 109 -19.81 10.44 5.58
C LEU C 109 -18.98 11.54 6.26
N ALA C 110 -18.05 11.13 7.12
CA ALA C 110 -17.16 12.09 7.81
C ALA C 110 -15.70 11.80 7.46
N PHE C 111 -14.89 12.84 7.51
CA PHE C 111 -13.47 12.79 7.09
C PHE C 111 -12.70 13.22 8.30
N VAL C 112 -11.89 12.31 8.83
CA VAL C 112 -11.06 12.57 10.01
C VAL C 112 -9.68 12.95 9.51
N LEU C 113 -9.30 14.20 9.77
CA LEU C 113 -8.08 14.76 9.19
C LEU C 113 -6.82 14.39 9.97
N ALA C 114 -5.80 13.96 9.24
CA ALA C 114 -4.45 13.71 9.77
C ALA C 114 -3.61 14.98 9.71
N LYS C 115 -3.95 15.87 8.78
CA LYS C 115 -3.15 17.02 8.45
C LYS C 115 -4.11 18.17 8.22
N PRO C 116 -3.65 19.41 8.44
CA PRO C 116 -4.55 20.54 8.27
C PRO C 116 -4.86 20.84 6.81
N LEU C 117 -6.01 21.46 6.55
CA LEU C 117 -6.33 21.88 5.21
C LEU C 117 -6.58 23.36 5.23
N ARG C 118 -5.86 24.11 4.38
CA ARG C 118 -5.98 25.57 4.36
C ARG C 118 -6.22 26.06 2.94
N GLY C 119 -7.15 26.98 2.75
CA GLY C 119 -7.39 27.58 1.45
C GLY C 119 -6.45 28.74 1.20
N PRO C 120 -6.69 29.51 0.12
CA PRO C 120 -7.87 29.48 -0.75
C PRO C 120 -7.85 28.60 -2.00
N ASN C 121 -6.84 27.75 -2.15
CA ASN C 121 -6.79 26.89 -3.33
C ASN C 121 -6.83 25.41 -2.99
N CYS C 122 -7.60 25.07 -1.96
CA CYS C 122 -7.75 23.68 -1.54
C CYS C 122 -8.55 22.95 -2.62
N THR C 123 -8.09 21.73 -2.92
CA THR C 123 -8.76 20.85 -3.90
C THR C 123 -9.17 19.54 -3.24
N LEU C 124 -10.01 18.79 -3.94
CA LEU C 124 -10.34 17.41 -3.57
C LEU C 124 -9.07 16.56 -3.32
N PHE C 125 -8.04 16.79 -4.13
CA PHE C 125 -6.81 16.04 -4.00
C PHE C 125 -6.07 16.33 -2.69
N ASP C 126 -6.07 17.60 -2.29
CA ASP C 126 -5.60 17.99 -0.95
C ASP C 126 -6.40 17.29 0.13
N VAL C 127 -7.72 17.22 -0.02
CA VAL C 127 -8.54 16.50 0.98
C VAL C 127 -8.11 15.03 1.11
N TYR C 128 -7.94 14.36 -0.02
CA TYR C 128 -7.49 12.97 0.02
C TYR C 128 -6.14 12.82 0.74
N ASN C 129 -5.22 13.73 0.42
CA ASN C 129 -3.91 13.71 1.05
C ASN C 129 -3.95 13.93 2.56
N ALA C 130 -4.86 14.80 3.02
CA ALA C 130 -4.97 15.21 4.43
C ALA C 130 -5.86 14.28 5.29
N THR C 131 -6.66 13.42 4.66
CA THR C 131 -7.65 12.61 5.38
C THR C 131 -7.00 11.36 5.97
N ASP C 132 -7.16 11.16 7.26
CA ASP C 132 -6.67 9.95 7.90
C ASP C 132 -7.66 8.81 7.67
N TYR C 133 -8.94 9.08 7.93
CA TYR C 133 -9.98 8.07 7.81
C TYR C 133 -11.26 8.71 7.30
N VAL C 134 -12.02 7.92 6.56
CA VAL C 134 -13.41 8.23 6.25
C VAL C 134 -14.22 7.25 7.13
N ILE C 135 -15.29 7.76 7.75
CA ILE C 135 -16.14 6.95 8.64
C ILE C 135 -17.58 7.40 8.44
N PRO C 136 -18.52 6.45 8.41
CA PRO C 136 -19.93 6.84 8.41
C PRO C 136 -20.30 7.75 9.57
N ALA C 137 -21.25 8.64 9.33
CA ALA C 137 -21.65 9.59 10.36
C ALA C 137 -23.11 9.95 10.16
N LEU C 138 -23.91 9.87 11.23
CA LEU C 138 -25.25 10.45 11.21
C LEU C 138 -25.13 11.88 11.71
N GLU C 139 -25.89 12.78 11.13
CA GLU C 139 -26.06 14.09 11.77
C GLU C 139 -27.47 14.19 12.32
N LEU C 140 -27.58 14.77 13.50
CA LEU C 140 -28.84 15.17 14.07
C LEU C 140 -28.92 16.69 13.88
N ILE C 141 -29.91 17.14 13.12
CA ILE C 141 -30.08 18.57 12.86
C ILE C 141 -31.31 19.08 13.63
N ASP C 142 -31.41 20.39 13.81
CA ASP C 142 -32.49 20.97 14.62
C ASP C 142 -32.65 22.42 14.17
N ALA C 143 -33.67 23.13 14.68
CA ALA C 143 -33.93 24.49 14.25
C ALA C 143 -34.29 25.31 15.46
N ARG C 144 -33.53 26.37 15.73
CA ARG C 144 -33.85 27.26 16.86
C ARG C 144 -34.72 28.42 16.39
N CYS C 145 -34.86 28.56 15.07
CA CYS C 145 -35.77 29.56 14.49
C CYS C 145 -37.01 28.86 13.98
N HIS C 146 -38.17 29.46 14.25
CA HIS C 146 -39.42 28.99 13.69
C HIS C 146 -39.50 29.23 12.18
N ASN C 147 -40.12 28.29 11.48
CA ASN C 147 -40.24 28.37 10.04
C ASN C 147 -41.72 28.51 9.64
N ILE C 148 -42.16 29.72 9.31
CA ILE C 148 -43.54 29.94 8.85
C ILE C 148 -43.73 29.42 7.42
N PRO C 155 -36.42 31.50 0.52
CA PRO C 155 -35.12 31.81 -0.10
C PRO C 155 -34.14 32.51 0.85
N ARG C 156 -34.67 33.39 1.69
CA ARG C 156 -33.86 34.07 2.69
C ARG C 156 -33.82 33.28 4.00
N LYS C 157 -34.54 32.16 4.02
CA LYS C 157 -34.42 31.14 5.05
C LYS C 157 -32.99 30.62 5.18
N VAL C 158 -32.20 30.74 4.11
CA VAL C 158 -30.82 30.27 4.16
C VAL C 158 -30.02 31.07 5.19
N PHE C 159 -30.27 32.38 5.25
CA PHE C 159 -29.65 33.25 6.27
C PHE C 159 -29.96 32.76 7.68
N ASP C 160 -31.19 32.31 7.92
CA ASP C 160 -31.56 31.76 9.23
C ASP C 160 -30.80 30.49 9.56
N THR C 161 -30.75 29.57 8.60
CA THR C 161 -30.09 28.28 8.83
C THR C 161 -28.59 28.52 9.13
N ILE C 162 -27.96 29.38 8.34
CA ILE C 162 -26.53 29.69 8.51
C ILE C 162 -26.28 30.30 9.87
N SER C 163 -27.10 31.27 10.24
CA SER C 163 -26.93 31.98 11.52
C SER C 163 -27.07 30.97 12.65
N ASP C 164 -28.01 30.04 12.49
CA ASP C 164 -28.36 29.02 13.49
C ASP C 164 -27.36 27.83 13.46
N ASN C 165 -26.08 28.16 13.28
CA ASN C 165 -24.99 27.19 13.15
C ASN C 165 -25.32 26.05 12.20
N ALA C 166 -25.90 26.42 11.06
CA ALA C 166 -26.17 25.48 9.97
C ALA C 166 -27.04 24.29 10.41
N ALA C 167 -27.93 24.57 11.38
CA ALA C 167 -28.89 23.62 11.95
C ALA C 167 -28.23 22.54 12.79
N ASN C 168 -26.98 22.76 13.21
CA ASN C 168 -26.24 21.72 13.95
C ASN C 168 -26.85 21.39 15.31
N ALA C 169 -26.77 20.12 15.70
CA ALA C 169 -27.24 19.72 17.03
C ALA C 169 -26.49 18.51 17.52
N GLY C 170 -26.34 17.52 16.65
CA GLY C 170 -25.72 16.26 17.08
C GLY C 170 -24.95 15.58 15.97
N VAL C 171 -24.08 14.66 16.37
CA VAL C 171 -23.31 13.83 15.45
C VAL C 171 -23.21 12.44 16.05
N ILE C 172 -23.48 11.41 15.25
CA ILE C 172 -23.26 10.02 15.74
C ILE C 172 -22.33 9.29 14.78
N LEU C 173 -21.13 8.96 15.25
CA LEU C 173 -20.14 8.28 14.41
C LEU C 173 -20.27 6.77 14.63
N GLY C 174 -20.02 5.96 13.60
CA GLY C 174 -19.93 4.52 13.82
C GLY C 174 -19.59 3.80 12.55
N GLY C 175 -19.65 2.48 12.57
CA GLY C 175 -19.39 1.72 11.35
C GLY C 175 -17.91 1.50 11.16
N ARG C 176 -17.51 1.40 9.90
CA ARG C 176 -16.17 0.95 9.53
C ARG C 176 -15.26 2.12 9.08
N PRO C 177 -14.14 2.35 9.79
CA PRO C 177 -13.16 3.37 9.37
C PRO C 177 -12.35 2.87 8.18
N ILE C 178 -12.22 3.69 7.13
CA ILE C 178 -11.40 3.28 5.99
C ILE C 178 -10.40 4.37 5.60
N LYS C 179 -9.26 3.96 5.05
CA LYS C 179 -8.35 4.90 4.40
C LYS C 179 -9.04 5.46 3.14
N PRO C 180 -8.81 6.75 2.81
CA PRO C 180 -9.61 7.31 1.71
C PRO C 180 -9.47 6.62 0.35
N ASP C 181 -8.35 5.97 0.12
CA ASP C 181 -8.08 5.27 -1.14
C ASP C 181 -8.61 3.80 -1.11
N GLU C 182 -9.28 3.38 -0.03
CA GLU C 182 -9.74 2.00 0.09
C GLU C 182 -10.78 1.57 -0.95
N LEU C 183 -11.75 2.43 -1.18
CA LEU C 183 -12.81 2.15 -2.12
C LEU C 183 -13.33 3.47 -2.67
N ASP C 184 -14.17 3.39 -3.72
CA ASP C 184 -14.74 4.57 -4.35
C ASP C 184 -15.83 5.11 -3.42
N LEU C 185 -15.59 6.28 -2.84
CA LEU C 185 -16.54 6.88 -1.90
C LEU C 185 -17.87 7.24 -2.55
N ARG C 186 -17.88 7.46 -3.86
CA ARG C 186 -19.11 7.86 -4.56
C ARG C 186 -20.21 6.82 -4.45
N TRP C 187 -19.83 5.55 -4.32
CA TRP C 187 -20.83 4.48 -4.37
C TRP C 187 -21.14 3.90 -3.02
N ILE C 188 -20.64 4.53 -1.96
CA ILE C 188 -21.12 4.18 -0.62
C ILE C 188 -22.63 4.46 -0.57
N SER C 189 -23.41 3.47 -0.08
CA SER C 189 -24.88 3.50 -0.07
C SER C 189 -25.34 3.16 1.33
N ALA C 190 -26.56 3.57 1.66
CA ALA C 190 -27.10 3.35 3.01
C ALA C 190 -28.62 3.22 3.01
N LEU C 191 -29.11 2.43 3.97
CA LEU C 191 -30.52 2.24 4.22
C LEU C 191 -30.75 2.79 5.62
N MET C 192 -31.59 3.82 5.73
CA MET C 192 -31.91 4.36 7.06
C MET C 192 -33.18 3.72 7.59
N TYR C 193 -33.06 2.86 8.59
CA TYR C 193 -34.23 2.33 9.27
C TYR C 193 -34.60 3.15 10.50
N ARG C 194 -35.90 3.33 10.72
CA ARG C 194 -36.42 3.91 11.96
C ARG C 194 -37.51 2.96 12.45
N ASN C 195 -37.35 2.43 13.67
CA ASN C 195 -38.32 1.49 14.27
C ASN C 195 -38.58 0.25 13.39
N GLY C 196 -37.52 -0.25 12.77
CA GLY C 196 -37.64 -1.45 12.01
C GLY C 196 -37.96 -1.32 10.54
N VAL C 197 -38.18 -0.11 10.06
CA VAL C 197 -38.55 0.05 8.65
C VAL C 197 -37.69 1.06 7.92
N ILE C 198 -37.42 0.79 6.63
CA ILE C 198 -36.59 1.70 5.83
C ILE C 198 -37.38 2.95 5.55
N GLU C 199 -36.89 4.09 6.07
CA GLU C 199 -37.50 5.39 5.81
C GLU C 199 -36.85 6.14 4.66
N GLU C 200 -35.54 5.98 4.48
CA GLU C 200 -34.83 6.62 3.36
C GLU C 200 -33.68 5.73 2.95
N THR C 201 -33.25 5.86 1.69
CA THR C 201 -32.01 5.23 1.21
C THR C 201 -31.28 6.29 0.39
N GLY C 202 -30.00 6.08 0.13
CA GLY C 202 -29.29 7.06 -0.66
C GLY C 202 -27.90 6.59 -0.97
N VAL C 203 -27.25 7.31 -1.88
CA VAL C 203 -25.90 6.95 -2.33
C VAL C 203 -25.02 8.19 -2.20
N ALA C 204 -23.79 8.01 -1.74
CA ALA C 204 -22.95 9.16 -1.31
C ALA C 204 -22.61 10.15 -2.42
N ALA C 205 -22.68 9.70 -3.69
CA ALA C 205 -22.45 10.65 -4.80
C ALA C 205 -23.50 11.76 -4.81
N GLY C 206 -24.67 11.53 -4.20
CA GLY C 206 -25.64 12.61 -3.97
C GLY C 206 -25.11 13.85 -3.26
N VAL C 207 -23.96 13.70 -2.60
CA VAL C 207 -23.28 14.83 -1.93
C VAL C 207 -22.29 15.44 -2.91
N LEU C 208 -22.77 16.43 -3.66
CA LEU C 208 -21.91 17.26 -4.53
C LEU C 208 -21.10 16.47 -5.55
N ASN C 209 -21.63 15.32 -5.97
CA ASN C 209 -21.00 14.42 -6.97
C ASN C 209 -19.79 13.63 -6.44
N HIS C 210 -19.28 14.02 -5.28
CA HIS C 210 -18.22 13.32 -4.58
C HIS C 210 -18.26 13.88 -3.17
N PRO C 211 -18.49 13.01 -2.16
CA PRO C 211 -18.69 13.48 -0.80
C PRO C 211 -17.48 14.18 -0.18
N ALA C 212 -16.30 14.09 -0.79
CA ALA C 212 -15.13 14.84 -0.31
C ALA C 212 -15.08 16.28 -0.82
N ASN C 213 -15.90 16.59 -1.82
CA ASN C 213 -15.81 17.89 -2.50
C ASN C 213 -16.06 19.06 -1.53
N GLY C 214 -17.05 18.92 -0.65
CA GLY C 214 -17.40 19.98 0.30
C GLY C 214 -16.28 20.34 1.26
N VAL C 215 -15.38 19.38 1.54
CA VAL C 215 -14.28 19.62 2.50
C VAL C 215 -13.30 20.66 1.95
N ALA C 216 -12.95 20.51 0.66
CA ALA C 216 -12.09 21.48 -0.03
C ALA C 216 -12.78 22.84 -0.12
N TRP C 217 -14.05 22.83 -0.53
CA TRP C 217 -14.87 24.05 -0.60
C TRP C 217 -14.87 24.77 0.77
N LEU C 218 -15.00 24.01 1.85
CA LEU C 218 -15.02 24.55 3.21
C LEU C 218 -13.69 25.18 3.57
N ALA C 219 -12.58 24.50 3.31
CA ALA C 219 -11.26 25.08 3.60
C ALA C 219 -11.15 26.43 2.92
N ASN C 220 -11.65 26.50 1.68
CA ASN C 220 -11.58 27.72 0.86
C ASN C 220 -12.48 28.84 1.40
N LYS C 221 -13.62 28.46 1.99
CA LYS C 221 -14.54 29.42 2.60
C LYS C 221 -13.93 30.02 3.84
N LEU C 222 -13.19 29.22 4.60
CA LEU C 222 -12.64 29.66 5.89
C LEU C 222 -11.36 30.49 5.79
N ALA C 223 -10.62 30.30 4.69
CA ALA C 223 -9.32 30.95 4.46
C ALA C 223 -9.32 32.49 4.71
N PRO C 224 -10.30 33.24 4.15
CA PRO C 224 -10.30 34.70 4.40
C PRO C 224 -10.39 35.11 5.86
N TYR C 225 -10.86 34.22 6.73
CA TYR C 225 -11.00 34.53 8.15
C TYR C 225 -9.80 34.09 8.93
N ASP C 226 -8.73 33.70 8.23
CA ASP C 226 -7.53 33.15 8.87
C ASP C 226 -7.86 31.91 9.73
N VAL C 227 -8.73 31.07 9.16
CA VAL C 227 -9.14 29.82 9.80
C VAL C 227 -8.79 28.70 8.80
N GLN C 228 -8.37 27.54 9.32
CA GLN C 228 -8.13 26.38 8.48
C GLN C 228 -8.79 25.21 9.14
N LEU C 229 -8.95 24.11 8.40
CA LEU C 229 -9.40 22.88 9.01
C LEU C 229 -8.16 22.25 9.64
N GLU C 230 -8.21 21.96 10.92
CA GLU C 230 -7.01 21.55 11.68
C GLU C 230 -6.90 20.03 11.72
N ALA C 231 -5.66 19.54 11.85
CA ALA C 231 -5.41 18.12 12.09
C ALA C 231 -6.24 17.65 13.27
N GLY C 232 -6.87 16.48 13.13
CA GLY C 232 -7.68 15.94 14.21
C GLY C 232 -9.15 16.28 14.11
N GLN C 233 -9.51 17.24 13.26
CA GLN C 233 -10.90 17.59 13.08
C GLN C 233 -11.68 16.51 12.34
N ILE C 234 -12.96 16.44 12.65
CA ILE C 234 -13.92 15.59 11.96
C ILE C 234 -14.75 16.51 11.08
N ILE C 235 -14.79 16.24 9.78
CA ILE C 235 -15.55 17.05 8.86
C ILE C 235 -16.70 16.20 8.27
N LEU C 236 -17.94 16.56 8.59
CA LEU C 236 -19.11 15.90 7.99
C LEU C 236 -19.37 16.51 6.62
N GLY C 237 -19.49 15.64 5.60
CA GLY C 237 -19.52 16.10 4.21
C GLY C 237 -20.86 16.58 3.66
N GLY C 238 -21.94 16.18 4.32
CA GLY C 238 -23.28 16.47 3.84
C GLY C 238 -24.09 15.20 3.73
N SER C 239 -25.40 15.34 3.87
CA SER C 239 -26.32 14.21 3.89
C SER C 239 -26.69 13.75 2.48
N PHE C 240 -26.71 12.43 2.28
CA PHE C 240 -27.22 11.90 1.03
C PHE C 240 -28.63 11.30 1.16
N THR C 241 -29.29 11.54 2.31
CA THR C 241 -30.72 11.26 2.44
C THR C 241 -31.44 12.50 2.96
N ARG C 242 -32.76 12.58 2.73
CA ARG C 242 -33.58 13.60 3.41
C ARG C 242 -33.55 13.31 4.91
N PRO C 243 -33.69 14.36 5.74
CA PRO C 243 -33.69 14.17 7.20
C PRO C 243 -34.99 13.50 7.61
N VAL C 244 -34.92 12.67 8.67
CA VAL C 244 -36.11 11.96 9.18
C VAL C 244 -36.36 12.37 10.63
N PRO C 245 -37.60 12.80 10.95
CA PRO C 245 -37.86 13.21 12.34
C PRO C 245 -37.52 12.13 13.37
N ALA C 246 -36.90 12.55 14.46
CA ALA C 246 -36.55 11.68 15.56
C ALA C 246 -37.49 12.04 16.74
N ARG C 247 -38.22 11.04 17.22
CA ARG C 247 -39.20 11.23 18.30
C ARG C 247 -38.84 10.35 19.48
N LYS C 248 -39.24 10.76 20.69
CA LYS C 248 -38.99 9.93 21.87
C LYS C 248 -39.52 8.53 21.61
N GLY C 249 -38.71 7.53 21.93
CA GLY C 249 -39.10 6.16 21.69
C GLY C 249 -38.51 5.56 20.42
N ASP C 250 -38.12 6.42 19.48
CA ASP C 250 -37.55 5.94 18.18
C ASP C 250 -36.21 5.24 18.32
N THR C 251 -36.05 4.13 17.61
CA THR C 251 -34.75 3.51 17.39
C THR C 251 -34.37 3.74 15.92
N PHE C 252 -33.13 4.19 15.66
CA PHE C 252 -32.58 4.29 14.29
C PHE C 252 -31.47 3.28 14.07
N HIS C 253 -31.45 2.70 12.87
CA HIS C 253 -30.36 1.82 12.50
C HIS C 253 -30.04 2.14 11.04
N VAL C 254 -28.84 2.64 10.80
CA VAL C 254 -28.47 3.02 9.45
C VAL C 254 -27.40 2.06 8.93
N ASP C 255 -27.76 1.31 7.89
CA ASP C 255 -26.94 0.25 7.33
C ASP C 255 -26.20 0.81 6.12
N TYR C 256 -24.89 0.99 6.24
CA TYR C 256 -24.06 1.43 5.10
C TYR C 256 -23.43 0.25 4.33
N GLY C 257 -24.02 -0.93 4.43
CA GLY C 257 -23.54 -2.12 3.70
C GLY C 257 -22.17 -2.48 4.19
N ASN C 258 -21.21 -2.60 3.29
CA ASN C 258 -19.87 -3.00 3.72
C ASN C 258 -19.11 -1.92 4.48
N MET C 259 -19.74 -0.76 4.68
CA MET C 259 -19.17 0.28 5.55
C MET C 259 -19.73 0.26 6.98
N GLY C 260 -20.53 -0.76 7.28
CA GLY C 260 -20.99 -0.98 8.66
C GLY C 260 -22.22 -0.17 8.97
N SER C 261 -22.56 -0.03 10.24
CA SER C 261 -23.85 0.57 10.56
C SER C 261 -23.70 1.56 11.73
N ILE C 262 -24.71 2.39 11.89
CA ILE C 262 -24.78 3.27 13.07
C ILE C 262 -26.20 3.18 13.62
N SER C 263 -26.31 3.02 14.94
CA SER C 263 -27.61 2.92 15.61
C SER C 263 -27.67 3.88 16.80
N CYS C 264 -28.88 4.19 17.23
CA CYS C 264 -29.11 5.00 18.42
C CYS C 264 -30.58 4.90 18.80
N ARG C 265 -30.90 5.38 19.99
CA ARG C 265 -32.28 5.32 20.45
C ARG C 265 -32.61 6.65 21.10
N PHE C 266 -33.79 7.17 20.82
CA PHE C 266 -34.20 8.44 21.42
C PHE C 266 -35.04 8.18 22.68
N VAL C 267 -34.61 8.78 23.79
CA VAL C 267 -35.22 8.48 25.10
C VAL C 267 -35.69 9.75 25.79
N MET D 1 -13.65 6.00 50.01
CA MET D 1 -12.31 5.37 49.82
C MET D 1 -11.70 4.92 51.14
N PHE D 2 -11.37 3.63 51.22
CA PHE D 2 -10.61 3.06 52.34
C PHE D 2 -9.22 3.67 52.39
N ASP D 3 -8.53 3.49 53.51
CA ASP D 3 -7.14 3.93 53.59
C ASP D 3 -6.22 2.95 52.89
N LYS D 4 -5.00 3.38 52.63
CA LYS D 4 -3.99 2.63 51.91
C LYS D 4 -3.73 1.24 52.50
N HIS D 5 -3.61 1.16 53.81
CA HIS D 5 -3.36 -0.12 54.49
C HIS D 5 -4.43 -1.18 54.19
N THR D 6 -5.69 -0.75 54.15
CA THR D 6 -6.81 -1.64 53.80
C THR D 6 -6.65 -2.20 52.38
N HIS D 7 -6.27 -1.33 51.44
CA HIS D 7 -6.06 -1.74 50.05
C HIS D 7 -4.95 -2.77 49.96
N THR D 8 -3.85 -2.54 50.68
CA THR D 8 -2.71 -3.47 50.73
C THR D 8 -3.08 -4.81 51.36
N LEU D 9 -3.93 -4.77 52.38
CA LEU D 9 -4.38 -5.97 53.06
C LEU D 9 -5.24 -6.86 52.14
N ILE D 10 -6.23 -6.25 51.47
CA ILE D 10 -7.09 -6.95 50.52
C ILE D 10 -6.27 -7.52 49.37
N ALA D 11 -5.35 -6.71 48.85
CA ALA D 11 -4.40 -7.16 47.82
C ALA D 11 -3.59 -8.38 48.23
N GLN D 12 -3.15 -8.42 49.49
CA GLN D 12 -2.37 -9.55 50.00
C GLN D 12 -3.22 -10.80 50.14
N ARG D 13 -4.50 -10.62 50.47
CA ARG D 13 -5.43 -11.74 50.58
C ARG D 13 -5.71 -12.35 49.22
N LEU D 14 -5.89 -11.49 48.21
CA LEU D 14 -6.03 -11.94 46.81
C LEU D 14 -4.79 -12.64 46.32
N ASP D 15 -3.63 -12.12 46.71
CA ASP D 15 -2.38 -12.71 46.30
C ASP D 15 -2.16 -14.12 46.83
N GLN D 16 -2.57 -14.36 48.08
CA GLN D 16 -2.40 -15.68 48.66
C GLN D 16 -3.47 -16.62 48.14
N ALA D 17 -4.67 -16.07 47.89
CA ALA D 17 -5.74 -16.82 47.22
C ALA D 17 -5.23 -17.43 45.91
N GLU D 18 -4.57 -16.62 45.09
CA GLU D 18 -4.00 -17.06 43.83
C GLU D 18 -2.91 -18.12 44.01
N LYS D 19 -1.94 -17.82 44.88
CA LYS D 19 -0.81 -18.71 45.16
C LYS D 19 -1.19 -20.06 45.74
N GLN D 20 -2.21 -20.08 46.60
CA GLN D 20 -2.66 -21.30 47.24
C GLN D 20 -3.75 -21.97 46.43
N ARG D 21 -4.25 -21.27 45.42
CA ARG D 21 -5.37 -21.77 44.60
C ARG D 21 -6.57 -22.04 45.50
N GLU D 22 -6.78 -21.16 46.48
CA GLU D 22 -7.87 -21.28 47.44
C GLU D 22 -8.65 -19.98 47.45
N GLN D 23 -9.96 -20.06 47.23
CA GLN D 23 -10.80 -18.88 47.17
C GLN D 23 -11.04 -18.22 48.54
N ILE D 24 -10.96 -16.89 48.57
CA ILE D 24 -11.36 -16.12 49.75
C ILE D 24 -12.82 -15.72 49.60
N ARG D 25 -13.42 -15.26 50.70
CA ARG D 25 -14.78 -14.73 50.67
C ARG D 25 -14.84 -13.48 49.80
N ALA D 26 -15.95 -13.28 49.09
CA ALA D 26 -16.13 -12.07 48.28
C ALA D 26 -15.77 -10.83 49.06
N ILE D 27 -14.85 -10.03 48.53
CA ILE D 27 -14.42 -8.80 49.18
C ILE D 27 -15.60 -7.90 49.57
N SER D 28 -16.59 -7.77 48.68
CA SER D 28 -17.75 -6.90 48.92
C SER D 28 -18.69 -7.38 50.04
N LEU D 29 -18.50 -8.61 50.50
CA LEU D 29 -19.25 -9.12 51.64
C LEU D 29 -18.54 -8.68 52.92
N ASP D 30 -17.22 -8.81 52.91
CA ASP D 30 -16.37 -8.41 54.03
C ASP D 30 -16.25 -6.90 54.16
N TYR D 31 -16.31 -6.20 53.03
CA TYR D 31 -16.27 -4.74 53.01
C TYR D 31 -17.49 -4.22 52.25
N PRO D 32 -18.67 -4.21 52.90
CA PRO D 32 -19.94 -3.97 52.20
C PRO D 32 -20.14 -2.55 51.64
N GLU D 33 -19.27 -1.62 52.00
CA GLU D 33 -19.34 -0.26 51.43
C GLU D 33 -18.17 0.04 50.48
N ILE D 34 -17.53 -1.01 49.96
CA ILE D 34 -16.45 -0.86 48.98
C ILE D 34 -16.98 -0.12 47.74
N THR D 35 -16.15 0.78 47.19
CA THR D 35 -16.52 1.58 46.01
C THR D 35 -15.75 1.07 44.77
N ILE D 36 -16.16 1.51 43.57
CA ILE D 36 -15.38 1.22 42.35
C ILE D 36 -13.95 1.74 42.50
N GLU D 37 -13.81 2.93 43.07
CA GLU D 37 -12.50 3.53 43.35
C GLU D 37 -11.62 2.63 44.22
N ASP D 38 -12.20 2.12 45.31
CA ASP D 38 -11.50 1.20 46.20
C ASP D 38 -11.07 -0.04 45.43
N ALA D 39 -12.00 -0.57 44.65
CA ALA D 39 -11.75 -1.76 43.83
C ALA D 39 -10.53 -1.58 42.91
N TYR D 40 -10.48 -0.48 42.15
CA TYR D 40 -9.30 -0.23 41.33
C TYR D 40 -8.03 0.05 42.14
N ALA D 41 -8.18 0.63 43.34
CA ALA D 41 -7.03 0.84 44.23
C ALA D 41 -6.48 -0.50 44.73
N VAL D 42 -7.37 -1.44 45.07
CA VAL D 42 -6.97 -2.82 45.40
C VAL D 42 -6.20 -3.45 44.22
N GLN D 43 -6.79 -3.37 43.02
CA GLN D 43 -6.12 -3.91 41.83
C GLN D 43 -4.73 -3.27 41.64
N ARG D 44 -4.64 -1.95 41.77
CA ARG D 44 -3.35 -1.26 41.65
C ARG D 44 -2.31 -1.77 42.66
N GLU D 45 -2.74 -1.94 43.91
CA GLU D 45 -1.88 -2.52 44.96
C GLU D 45 -1.41 -3.93 44.61
N TRP D 46 -2.34 -4.79 44.20
CA TRP D 46 -1.97 -6.16 43.84
C TRP D 46 -0.97 -6.22 42.70
N VAL D 47 -1.20 -5.46 41.63
CA VAL D 47 -0.26 -5.40 40.51
C VAL D 47 1.13 -4.91 40.95
N ARG D 48 1.15 -3.85 41.76
CA ARG D 48 2.39 -3.35 42.37
C ARG D 48 3.16 -4.48 43.08
N LEU D 49 2.47 -5.19 43.98
CA LEU D 49 3.04 -6.35 44.68
C LEU D 49 3.59 -7.43 43.73
N LYS D 50 2.81 -7.77 42.71
CA LYS D 50 3.22 -8.80 41.75
C LYS D 50 4.43 -8.37 40.94
N ILE D 51 4.51 -7.09 40.58
CA ILE D 51 5.68 -6.57 39.86
C ILE D 51 6.92 -6.54 40.77
N ALA D 52 6.70 -6.17 42.03
CA ALA D 52 7.78 -6.20 43.04
C ALA D 52 8.39 -7.60 43.19
N GLU D 53 7.55 -8.64 43.11
CA GLU D 53 8.02 -10.03 43.12
C GLU D 53 8.80 -10.40 41.86
N GLY D 54 8.81 -9.51 40.86
CA GLY D 54 9.61 -9.74 39.68
C GLY D 54 8.85 -10.01 38.39
N ARG D 55 7.54 -9.83 38.42
CA ARG D 55 6.75 -9.83 37.18
C ARG D 55 6.87 -8.50 36.41
N THR D 56 6.49 -8.51 35.14
CA THR D 56 6.63 -7.35 34.27
C THR D 56 5.26 -7.05 33.67
N LEU D 57 4.92 -5.77 33.53
CA LEU D 57 3.67 -5.38 32.87
C LEU D 57 3.84 -5.54 31.37
N LYS D 58 2.90 -6.25 30.74
CA LYS D 58 2.98 -6.47 29.28
C LYS D 58 1.78 -5.85 28.53
N GLY D 59 0.76 -5.44 29.27
CA GLY D 59 -0.43 -4.90 28.65
C GLY D 59 -1.60 -4.77 29.59
N HIS D 60 -2.78 -4.68 29.00
CA HIS D 60 -4.02 -4.59 29.73
C HIS D 60 -5.14 -5.33 28.99
N LYS D 61 -6.23 -5.52 29.70
CA LYS D 61 -7.46 -6.03 29.10
C LYS D 61 -8.61 -5.15 29.47
N ILE D 62 -9.62 -5.16 28.60
CA ILE D 62 -10.89 -4.53 28.84
C ILE D 62 -11.88 -5.68 28.94
N GLY D 63 -12.71 -5.66 29.97
CA GLY D 63 -13.67 -6.73 30.18
C GLY D 63 -15.08 -6.27 30.47
N LEU D 64 -15.96 -7.25 30.73
CA LEU D 64 -17.41 -7.01 30.96
C LEU D 64 -18.00 -6.15 29.86
N THR D 65 -17.48 -6.32 28.64
CA THR D 65 -17.93 -5.57 27.47
C THR D 65 -19.35 -5.97 27.03
N SER D 66 -19.61 -7.27 27.00
CA SER D 66 -20.95 -7.76 26.64
C SER D 66 -22.02 -7.32 27.65
N LYS D 67 -21.69 -7.43 28.95
CA LYS D 67 -22.57 -6.97 30.04
C LYS D 67 -22.80 -5.45 30.02
N ALA D 68 -21.73 -4.67 29.79
CA ALA D 68 -21.84 -3.22 29.55
C ALA D 68 -22.91 -2.94 28.49
N MET D 69 -22.90 -3.74 27.43
CA MET D 69 -23.84 -3.59 26.31
C MET D 69 -25.26 -4.09 26.57
N GLN D 70 -25.37 -5.31 27.09
CA GLN D 70 -26.67 -5.91 27.37
C GLN D 70 -27.62 -5.04 28.21
N ALA D 71 -28.81 -4.76 27.67
CA ALA D 71 -29.85 -4.00 28.37
C ALA D 71 -30.26 -4.56 29.74
N SER D 72 -30.31 -5.90 29.83
CA SER D 72 -30.75 -6.59 31.06
C SER D 72 -29.72 -6.60 32.20
N SER D 73 -28.51 -6.12 31.92
CA SER D 73 -27.43 -6.10 32.91
C SER D 73 -27.28 -4.73 33.55
N GLN D 74 -27.08 -4.73 34.87
CA GLN D 74 -26.88 -3.49 35.62
C GLN D 74 -25.54 -2.82 35.28
N ILE D 75 -24.57 -3.62 34.83
CA ILE D 75 -23.24 -3.13 34.47
C ILE D 75 -23.32 -2.08 33.36
N SER D 76 -22.87 -0.86 33.67
CA SER D 76 -23.02 0.30 32.79
C SER D 76 -21.79 0.61 31.93
N GLU D 77 -20.61 0.15 32.34
CA GLU D 77 -19.40 0.28 31.51
C GLU D 77 -18.41 -0.88 31.72
N PRO D 78 -17.46 -1.05 30.78
CA PRO D 78 -16.47 -2.12 30.91
C PRO D 78 -15.58 -2.00 32.17
N ASP D 79 -14.84 -3.06 32.48
CA ASP D 79 -13.78 -2.99 33.49
C ASP D 79 -12.44 -3.07 32.77
N TYR D 80 -11.36 -2.98 33.53
CA TYR D 80 -10.04 -3.24 32.99
C TYR D 80 -9.13 -3.91 34.02
N GLY D 81 -8.03 -4.46 33.52
CA GLY D 81 -7.04 -5.20 34.34
C GLY D 81 -5.67 -5.13 33.71
N ALA D 82 -4.65 -5.51 34.47
CA ALA D 82 -3.26 -5.47 33.99
C ALA D 82 -2.81 -6.87 33.60
N LEU D 83 -2.14 -6.96 32.45
CA LEU D 83 -1.59 -8.22 31.98
C LEU D 83 -0.11 -8.30 32.29
N LEU D 84 0.27 -9.38 32.98
CA LEU D 84 1.65 -9.56 33.42
C LEU D 84 2.29 -10.67 32.60
N ASP D 85 3.62 -10.64 32.51
CA ASP D 85 4.36 -11.54 31.64
C ASP D 85 4.13 -13.03 31.91
N ASP D 86 3.88 -13.40 33.16
CA ASP D 86 3.69 -14.81 33.53
C ASP D 86 2.26 -15.32 33.24
N MET D 87 1.42 -14.45 32.66
CA MET D 87 0.09 -14.83 32.22
C MET D 87 0.08 -15.40 30.79
N PHE D 88 1.18 -15.24 30.05
CA PHE D 88 1.18 -15.55 28.62
C PHE D 88 1.63 -16.97 28.29
N PHE D 89 0.81 -17.66 27.51
CA PHE D 89 1.06 -19.03 27.03
C PHE D 89 1.05 -19.03 25.52
N HIS D 90 1.93 -19.83 24.92
CA HIS D 90 2.00 -19.92 23.45
C HIS D 90 0.83 -20.76 22.89
N ASP D 91 0.40 -20.41 21.68
CA ASP D 91 -0.51 -21.24 20.89
C ASP D 91 -0.01 -22.71 20.93
N GLY D 92 -0.93 -23.65 21.15
CA GLY D 92 -0.57 -25.08 21.17
C GLY D 92 0.12 -25.54 22.46
N SER D 93 0.07 -24.72 23.52
CA SER D 93 0.74 -25.03 24.81
C SER D 93 -0.08 -26.02 25.61
N ASP D 94 0.61 -26.81 26.43
CA ASP D 94 -0.06 -27.48 27.53
C ASP D 94 -0.19 -26.49 28.68
N ILE D 95 -1.39 -26.33 29.22
CA ILE D 95 -1.64 -25.36 30.29
C ILE D 95 -1.84 -26.09 31.62
N PRO D 96 -1.09 -25.69 32.67
CA PRO D 96 -1.23 -26.44 33.94
C PRO D 96 -2.50 -26.06 34.69
N THR D 97 -3.48 -26.97 34.72
CA THR D 97 -4.80 -26.68 35.31
C THR D 97 -4.67 -26.36 36.80
N ASP D 98 -3.70 -27.01 37.44
CA ASP D 98 -3.49 -26.91 38.89
C ASP D 98 -3.07 -25.53 39.37
N ARG D 99 -2.63 -24.70 38.44
CA ARG D 99 -2.25 -23.34 38.77
C ARG D 99 -3.47 -22.45 38.98
N PHE D 100 -4.63 -22.90 38.50
CA PHE D 100 -5.84 -22.09 38.51
C PHE D 100 -6.92 -22.68 39.41
N ILE D 101 -7.95 -21.88 39.67
CA ILE D 101 -9.05 -22.29 40.57
C ILE D 101 -10.30 -22.76 39.80
N VAL D 102 -10.90 -21.83 39.06
CA VAL D 102 -12.08 -22.07 38.23
C VAL D 102 -11.88 -21.39 36.86
N PRO D 103 -10.83 -21.80 36.12
CA PRO D 103 -10.47 -21.11 34.89
C PRO D 103 -11.53 -21.29 33.81
N ARG D 104 -11.67 -20.26 32.97
CA ARG D 104 -12.59 -20.28 31.84
C ARG D 104 -11.91 -19.60 30.67
N ILE D 105 -12.22 -20.06 29.45
CA ILE D 105 -11.61 -19.58 28.23
C ILE D 105 -12.61 -18.67 27.52
N GLU D 106 -12.14 -17.55 27.01
CA GLU D 106 -12.99 -16.72 26.19
C GLU D 106 -12.20 -16.19 25.01
N VAL D 107 -12.90 -15.60 24.05
CA VAL D 107 -12.40 -15.41 22.71
C VAL D 107 -12.36 -13.91 22.41
N GLU D 108 -11.17 -13.38 22.10
CA GLU D 108 -10.97 -11.93 21.93
C GLU D 108 -10.08 -11.60 20.73
N LEU D 109 -9.91 -10.28 20.50
CA LEU D 109 -8.86 -9.76 19.63
C LEU D 109 -7.90 -8.92 20.47
N ALA D 110 -6.62 -8.99 20.12
CA ALA D 110 -5.60 -8.18 20.79
C ALA D 110 -5.04 -7.16 19.83
N PHE D 111 -4.67 -6.00 20.39
CA PHE D 111 -4.04 -4.91 19.65
C PHE D 111 -2.63 -4.78 20.20
N VAL D 112 -1.64 -4.93 19.31
CA VAL D 112 -0.24 -4.77 19.67
C VAL D 112 0.17 -3.36 19.28
N LEU D 113 0.51 -2.54 20.29
CA LEU D 113 0.81 -1.11 20.02
C LEU D 113 2.23 -0.84 19.47
N ALA D 114 2.29 -0.05 18.40
CA ALA D 114 3.56 0.46 17.88
C ALA D 114 3.90 1.80 18.55
N LYS D 115 2.87 2.49 19.02
CA LYS D 115 2.98 3.85 19.58
C LYS D 115 2.13 3.94 20.82
N PRO D 116 2.48 4.85 21.74
CA PRO D 116 1.65 5.02 22.91
C PRO D 116 0.25 5.60 22.62
N LEU D 117 -0.68 5.31 23.51
CA LEU D 117 -2.03 5.86 23.46
C LEU D 117 -2.29 6.49 24.81
N ARG D 118 -2.65 7.78 24.80
CA ARG D 118 -2.91 8.49 26.06
C ARG D 118 -4.22 9.26 26.01
N GLY D 119 -5.02 9.14 27.07
CA GLY D 119 -6.24 9.92 27.19
C GLY D 119 -5.96 11.32 27.77
N PRO D 120 -7.01 12.11 28.00
CA PRO D 120 -8.39 11.80 27.69
C PRO D 120 -8.57 12.06 26.19
N ASN D 121 -9.78 11.84 25.69
CA ASN D 121 -10.06 12.15 24.28
C ASN D 121 -9.35 11.27 23.27
N CYS D 122 -8.83 10.12 23.73
CA CYS D 122 -8.33 9.11 22.80
C CYS D 122 -9.52 8.59 22.00
N THR D 123 -9.33 8.39 20.69
CA THR D 123 -10.43 7.94 19.82
C THR D 123 -10.12 6.62 19.12
N LEU D 124 -11.12 6.04 18.47
CA LEU D 124 -10.93 4.88 17.61
C LEU D 124 -9.80 5.11 16.58
N PHE D 125 -9.78 6.31 15.99
CA PHE D 125 -8.79 6.69 14.97
C PHE D 125 -7.38 6.70 15.56
N ASP D 126 -7.23 7.20 16.79
CA ASP D 126 -5.97 7.12 17.51
C ASP D 126 -5.53 5.66 17.68
N VAL D 127 -6.46 4.78 18.02
CA VAL D 127 -6.13 3.35 18.22
C VAL D 127 -5.61 2.77 16.91
N TYR D 128 -6.32 3.03 15.81
CA TYR D 128 -5.86 2.57 14.50
C TYR D 128 -4.48 3.10 14.19
N ASN D 129 -4.25 4.38 14.47
CA ASN D 129 -2.95 5.00 14.19
C ASN D 129 -1.80 4.36 14.99
N ALA D 130 -2.11 3.94 16.22
CA ALA D 130 -1.11 3.48 17.18
C ALA D 130 -0.88 1.97 17.13
N THR D 131 -1.82 1.25 16.48
CA THR D 131 -1.79 -0.21 16.43
C THR D 131 -0.84 -0.73 15.35
N ASP D 132 0.09 -1.58 15.75
CA ASP D 132 0.99 -2.22 14.79
C ASP D 132 0.28 -3.41 14.14
N TYR D 133 -0.28 -4.29 14.96
CA TYR D 133 -0.97 -5.50 14.48
C TYR D 133 -2.18 -5.80 15.34
N VAL D 134 -3.19 -6.40 14.71
CA VAL D 134 -4.26 -7.02 15.46
C VAL D 134 -4.02 -8.54 15.37
N ILE D 135 -4.24 -9.24 16.47
CA ILE D 135 -4.01 -10.67 16.49
C ILE D 135 -5.11 -11.32 17.34
N PRO D 136 -5.60 -12.51 16.93
CA PRO D 136 -6.52 -13.26 17.78
C PRO D 136 -5.90 -13.51 19.15
N ALA D 137 -6.73 -13.52 20.19
CA ALA D 137 -6.22 -13.86 21.53
C ALA D 137 -7.30 -14.49 22.37
N LEU D 138 -6.96 -15.57 23.03
CA LEU D 138 -7.83 -16.14 24.05
C LEU D 138 -7.46 -15.56 25.41
N GLU D 139 -8.47 -15.30 26.24
CA GLU D 139 -8.20 -15.00 27.64
C GLU D 139 -8.64 -16.17 28.50
N LEU D 140 -7.78 -16.50 29.47
CA LEU D 140 -8.14 -17.42 30.53
C LEU D 140 -8.44 -16.56 31.76
N ILE D 141 -9.70 -16.59 32.18
CA ILE D 141 -10.12 -15.82 33.34
C ILE D 141 -10.28 -16.76 34.53
N ASP D 142 -10.22 -16.21 35.74
CA ASP D 142 -10.30 -17.02 36.96
C ASP D 142 -10.90 -16.16 38.05
N ALA D 143 -11.24 -16.75 39.20
CA ALA D 143 -11.82 -16.00 40.31
C ALA D 143 -11.13 -16.41 41.61
N ARG D 144 -10.48 -15.46 42.28
CA ARG D 144 -9.87 -15.71 43.60
C ARG D 144 -10.88 -15.54 44.75
N CYS D 145 -12.04 -14.94 44.46
CA CYS D 145 -13.13 -14.82 45.42
C CYS D 145 -14.23 -15.81 45.09
N HIS D 146 -14.83 -16.38 46.14
CA HIS D 146 -16.03 -17.23 46.04
C HIS D 146 -17.21 -16.48 45.42
N ASN D 147 -17.88 -17.15 44.47
CA ASN D 147 -19.04 -16.55 43.77
C ASN D 147 -20.40 -16.68 44.49
N ILE D 148 -20.65 -17.79 45.18
CA ILE D 148 -21.91 -17.93 45.94
C ILE D 148 -21.70 -18.07 47.46
N LYS D 157 -20.20 -9.48 42.82
CA LYS D 157 -20.24 -8.06 42.52
C LYS D 157 -19.09 -7.64 41.60
N VAL D 158 -19.32 -6.60 40.80
CA VAL D 158 -18.29 -6.01 39.96
C VAL D 158 -17.04 -5.58 40.75
N PHE D 159 -17.23 -5.11 42.00
CA PHE D 159 -16.12 -4.66 42.85
C PHE D 159 -15.15 -5.80 43.14
N ASP D 160 -15.72 -6.99 43.33
CA ASP D 160 -14.92 -8.19 43.57
C ASP D 160 -14.05 -8.51 42.36
N THR D 161 -14.68 -8.55 41.20
CA THR D 161 -14.00 -8.82 39.93
C THR D 161 -12.90 -7.79 39.67
N ILE D 162 -13.21 -6.51 39.80
CA ILE D 162 -12.24 -5.45 39.54
C ILE D 162 -11.05 -5.56 40.48
N SER D 163 -11.32 -5.74 41.78
CA SER D 163 -10.27 -5.88 42.79
C SER D 163 -9.38 -7.05 42.46
N ASP D 164 -10.00 -8.11 41.97
CA ASP D 164 -9.34 -9.36 41.60
C ASP D 164 -8.68 -9.22 40.22
N ASN D 165 -8.13 -8.04 39.95
CA ASN D 165 -7.48 -7.74 38.67
C ASN D 165 -8.35 -8.16 37.46
N ALA D 166 -9.64 -7.83 37.55
CA ALA D 166 -10.62 -8.00 36.45
C ALA D 166 -10.66 -9.45 35.96
N ALA D 167 -10.43 -10.39 36.89
CA ALA D 167 -10.44 -11.85 36.65
C ALA D 167 -9.28 -12.39 35.80
N ASN D 168 -8.24 -11.58 35.60
CA ASN D 168 -7.07 -12.00 34.80
C ASN D 168 -6.39 -13.23 35.33
N ALA D 169 -5.84 -14.04 34.43
CA ALA D 169 -5.12 -15.25 34.81
C ALA D 169 -4.17 -15.68 33.72
N GLY D 170 -4.68 -15.74 32.48
CA GLY D 170 -3.87 -16.14 31.35
C GLY D 170 -4.30 -15.47 30.06
N VAL D 171 -3.39 -15.53 29.08
CA VAL D 171 -3.56 -15.01 27.73
C VAL D 171 -2.88 -15.98 26.78
N ILE D 172 -3.54 -16.29 25.67
CA ILE D 172 -2.94 -17.16 24.67
C ILE D 172 -3.11 -16.50 23.30
N LEU D 173 -2.00 -16.07 22.71
CA LEU D 173 -2.04 -15.44 21.40
C LEU D 173 -1.81 -16.49 20.33
N GLY D 174 -2.39 -16.29 19.15
CA GLY D 174 -2.15 -17.19 18.03
C GLY D 174 -2.83 -16.69 16.78
N GLY D 175 -2.74 -17.44 15.69
CA GLY D 175 -3.45 -17.07 14.49
C GLY D 175 -2.64 -16.11 13.64
N ARG D 176 -3.35 -15.37 12.80
CA ARG D 176 -2.75 -14.58 11.74
C ARG D 176 -2.67 -13.13 12.24
N PRO D 177 -1.45 -12.56 12.29
CA PRO D 177 -1.37 -11.13 12.61
C PRO D 177 -1.74 -10.31 11.38
N ILE D 178 -2.52 -9.23 11.56
CA ILE D 178 -2.83 -8.35 10.43
C ILE D 178 -2.62 -6.90 10.85
N LYS D 179 -2.32 -6.07 9.85
CA LYS D 179 -2.39 -4.61 9.99
C LYS D 179 -3.85 -4.21 10.16
N PRO D 180 -4.13 -3.20 11.02
CA PRO D 180 -5.51 -2.87 11.34
C PRO D 180 -6.36 -2.51 10.13
N ASP D 181 -5.74 -2.00 9.07
CA ASP D 181 -6.49 -1.59 7.89
C ASP D 181 -6.74 -2.73 6.88
N GLU D 182 -6.23 -3.93 7.15
CA GLU D 182 -6.31 -5.06 6.21
C GLU D 182 -7.73 -5.54 5.92
N LEU D 183 -8.57 -5.57 6.96
CA LEU D 183 -9.96 -6.02 6.81
C LEU D 183 -10.85 -5.42 7.88
N ASP D 184 -12.16 -5.54 7.73
CA ASP D 184 -13.09 -4.93 8.68
C ASP D 184 -13.07 -5.77 9.96
N LEU D 185 -12.46 -5.22 11.01
CA LEU D 185 -12.38 -5.96 12.29
C LEU D 185 -13.75 -6.30 12.87
N ARG D 186 -14.80 -5.55 12.50
CA ARG D 186 -16.13 -5.80 13.03
C ARG D 186 -16.70 -7.19 12.72
N TRP D 187 -16.26 -7.75 11.59
CA TRP D 187 -16.82 -9.01 11.07
C TRP D 187 -15.91 -10.22 11.24
N ILE D 188 -14.81 -10.06 11.95
CA ILE D 188 -14.01 -11.21 12.38
C ILE D 188 -14.93 -12.06 13.26
N SER D 189 -14.99 -13.36 12.94
CA SER D 189 -15.90 -14.32 13.58
C SER D 189 -15.10 -15.48 14.16
N ALA D 190 -15.63 -16.15 15.17
CA ALA D 190 -14.90 -17.30 15.73
C ALA D 190 -15.80 -18.44 16.18
N LEU D 191 -15.29 -19.66 16.09
CA LEU D 191 -15.98 -20.86 16.60
C LEU D 191 -15.11 -21.41 17.73
N MET D 192 -15.62 -21.46 18.96
CA MET D 192 -14.81 -22.03 20.04
C MET D 192 -15.20 -23.46 20.27
N TYR D 193 -14.28 -24.37 19.95
CA TYR D 193 -14.44 -25.79 20.21
C TYR D 193 -13.78 -26.13 21.53
N ARG D 194 -14.42 -27.03 22.27
CA ARG D 194 -13.80 -27.68 23.42
C ARG D 194 -14.04 -29.18 23.26
N ASN D 195 -12.97 -29.96 23.36
CA ASN D 195 -13.04 -31.40 23.16
C ASN D 195 -13.77 -31.82 21.87
N GLY D 196 -13.55 -31.06 20.80
CA GLY D 196 -14.09 -31.42 19.48
C GLY D 196 -15.49 -30.92 19.17
N VAL D 197 -16.12 -30.21 20.10
CA VAL D 197 -17.48 -29.72 19.87
C VAL D 197 -17.53 -28.21 20.04
N ILE D 198 -18.29 -27.53 19.18
CA ILE D 198 -18.44 -26.08 19.30
C ILE D 198 -19.29 -25.73 20.52
N GLU D 199 -18.68 -25.01 21.45
CA GLU D 199 -19.36 -24.55 22.66
C GLU D 199 -19.91 -23.15 22.53
N GLU D 200 -19.17 -22.28 21.81
CA GLU D 200 -19.66 -20.91 21.60
C GLU D 200 -19.22 -20.42 20.23
N THR D 201 -19.98 -19.50 19.67
CA THR D 201 -19.54 -18.76 18.49
C THR D 201 -19.79 -17.27 18.72
N GLY D 202 -19.14 -16.42 17.93
CA GLY D 202 -19.39 -15.00 18.09
C GLY D 202 -18.72 -14.17 17.02
N VAL D 203 -19.06 -12.90 17.00
CA VAL D 203 -18.55 -11.97 15.97
C VAL D 203 -18.01 -10.71 16.70
N ALA D 204 -16.89 -10.19 16.21
CA ALA D 204 -16.09 -9.20 16.97
C ALA D 204 -16.81 -7.88 17.21
N ALA D 205 -17.75 -7.52 16.33
CA ALA D 205 -18.63 -6.34 16.59
C ALA D 205 -19.38 -6.41 17.92
N GLY D 206 -19.54 -7.62 18.44
CA GLY D 206 -20.12 -7.81 19.76
C GLY D 206 -19.32 -7.14 20.89
N VAL D 207 -18.06 -6.83 20.61
CA VAL D 207 -17.21 -6.07 21.55
C VAL D 207 -17.45 -4.58 21.27
N LEU D 208 -18.41 -4.00 21.99
CA LEU D 208 -18.64 -2.54 21.98
C LEU D 208 -18.89 -1.95 20.59
N ASN D 209 -19.42 -2.74 19.65
CA ASN D 209 -19.73 -2.28 18.27
C ASN D 209 -18.54 -2.25 17.32
N HIS D 210 -17.34 -2.20 17.91
CA HIS D 210 -16.08 -2.24 17.18
C HIS D 210 -15.02 -2.57 18.20
N PRO D 211 -14.27 -3.63 17.99
CA PRO D 211 -13.35 -4.13 19.02
C PRO D 211 -12.20 -3.18 19.36
N ALA D 212 -11.95 -2.16 18.53
CA ALA D 212 -10.95 -1.14 18.86
C ALA D 212 -11.45 -0.12 19.88
N ASN D 213 -12.78 0.03 20.04
CA ASN D 213 -13.36 1.04 20.95
C ASN D 213 -12.91 0.92 22.42
N GLY D 214 -12.79 -0.31 22.93
CA GLY D 214 -12.35 -0.56 24.30
C GLY D 214 -10.94 -0.03 24.55
N VAL D 215 -10.08 -0.11 23.53
CA VAL D 215 -8.69 0.38 23.63
C VAL D 215 -8.68 1.90 23.90
N ALA D 216 -9.44 2.67 23.11
CA ALA D 216 -9.59 4.11 23.32
C ALA D 216 -10.18 4.41 24.70
N TRP D 217 -11.28 3.72 25.02
CA TRP D 217 -11.95 3.82 26.31
C TRP D 217 -10.94 3.57 27.46
N LEU D 218 -10.11 2.55 27.31
CA LEU D 218 -9.12 2.23 28.34
C LEU D 218 -8.06 3.33 28.53
N ALA D 219 -7.51 3.85 27.43
CA ALA D 219 -6.57 4.95 27.52
C ALA D 219 -7.24 6.11 28.29
N ASN D 220 -8.51 6.34 27.98
CA ASN D 220 -9.26 7.38 28.66
C ASN D 220 -9.45 7.13 30.15
N LYS D 221 -9.65 5.88 30.54
CA LYS D 221 -9.82 5.54 31.96
C LYS D 221 -8.52 5.70 32.75
N LEU D 222 -7.38 5.44 32.11
CA LEU D 222 -6.08 5.44 32.79
C LEU D 222 -5.46 6.82 32.90
N ALA D 223 -5.84 7.71 31.98
CA ALA D 223 -5.23 9.05 31.90
C ALA D 223 -5.20 9.78 33.26
N PRO D 224 -6.33 9.82 34.00
CA PRO D 224 -6.35 10.52 35.30
C PRO D 224 -5.28 10.06 36.30
N TYR D 225 -4.72 8.85 36.11
CA TYR D 225 -3.70 8.31 37.00
C TYR D 225 -2.28 8.57 36.53
N ASP D 226 -2.15 9.38 35.48
CA ASP D 226 -0.87 9.64 34.82
C ASP D 226 -0.29 8.36 34.22
N VAL D 227 -1.18 7.56 33.62
CA VAL D 227 -0.82 6.29 33.04
C VAL D 227 -1.29 6.32 31.59
N GLN D 228 -0.48 5.77 30.69
CA GLN D 228 -0.84 5.65 29.28
C GLN D 228 -0.63 4.19 28.86
N LEU D 229 -1.20 3.81 27.73
CA LEU D 229 -0.86 2.52 27.12
C LEU D 229 0.46 2.71 26.37
N GLU D 230 1.46 1.93 26.71
CA GLU D 230 2.80 2.12 26.18
C GLU D 230 3.02 1.40 24.85
N ALA D 231 3.93 1.92 24.04
CA ALA D 231 4.37 1.23 22.83
C ALA D 231 4.82 -0.17 23.21
N GLY D 232 4.46 -1.17 22.41
CA GLY D 232 4.87 -2.54 22.69
C GLY D 232 3.87 -3.31 23.54
N GLN D 233 2.94 -2.62 24.17
CA GLN D 233 1.92 -3.30 24.97
C GLN D 233 0.95 -4.10 24.13
N ILE D 234 0.41 -5.17 24.71
CA ILE D 234 -0.69 -5.94 24.10
C ILE D 234 -1.97 -5.61 24.85
N ILE D 235 -2.99 -5.17 24.12
CA ILE D 235 -4.27 -4.81 24.73
C ILE D 235 -5.35 -5.79 24.25
N LEU D 236 -5.87 -6.60 25.17
CA LEU D 236 -7.03 -7.46 24.87
C LEU D 236 -8.31 -6.63 24.94
N GLY D 237 -9.07 -6.62 23.84
CA GLY D 237 -10.21 -5.71 23.72
C GLY D 237 -11.52 -6.15 24.34
N GLY D 238 -11.63 -7.41 24.74
CA GLY D 238 -12.88 -7.92 25.34
C GLY D 238 -13.40 -9.13 24.58
N SER D 239 -14.08 -10.02 25.30
CA SER D 239 -14.56 -11.27 24.69
C SER D 239 -15.86 -11.07 23.93
N PHE D 240 -15.92 -11.70 22.75
CA PHE D 240 -17.16 -11.73 22.01
C PHE D 240 -17.90 -13.07 22.13
N THR D 241 -17.41 -13.92 23.03
CA THR D 241 -18.16 -15.12 23.46
C THR D 241 -18.30 -15.15 24.99
N ARG D 242 -19.28 -15.90 25.48
CA ARG D 242 -19.35 -16.22 26.90
C ARG D 242 -18.17 -17.11 27.26
N PRO D 243 -17.69 -17.05 28.52
CA PRO D 243 -16.55 -17.88 28.87
C PRO D 243 -16.97 -19.33 29.04
N VAL D 244 -16.07 -20.25 28.74
CA VAL D 244 -16.35 -21.69 28.83
C VAL D 244 -15.37 -22.35 29.82
N PRO D 245 -15.91 -23.11 30.79
CA PRO D 245 -15.02 -23.78 31.74
C PRO D 245 -13.91 -24.61 31.14
N ALA D 246 -12.72 -24.47 31.74
CA ALA D 246 -11.55 -25.25 31.39
C ALA D 246 -11.25 -26.27 32.51
N ARG D 247 -11.22 -27.55 32.16
CA ARG D 247 -10.95 -28.64 33.11
C ARG D 247 -9.78 -29.51 32.64
N LYS D 248 -9.10 -30.16 33.58
CA LYS D 248 -7.96 -31.02 33.23
C LYS D 248 -8.39 -32.02 32.16
N GLY D 249 -7.58 -32.14 31.13
CA GLY D 249 -7.86 -33.05 30.03
C GLY D 249 -8.55 -32.39 28.83
N ASP D 250 -9.10 -31.18 29.02
CA ASP D 250 -9.78 -30.45 27.94
C ASP D 250 -8.80 -29.94 26.89
N THR D 251 -9.16 -30.10 25.62
CA THR D 251 -8.48 -29.40 24.53
C THR D 251 -9.39 -28.28 24.06
N PHE D 252 -8.84 -27.09 23.80
CA PHE D 252 -9.58 -26.01 23.15
C PHE D 252 -8.99 -25.73 21.77
N HIS D 253 -9.85 -25.43 20.81
CA HIS D 253 -9.43 -25.00 19.47
C HIS D 253 -10.40 -23.91 19.05
N VAL D 254 -9.87 -22.71 18.83
CA VAL D 254 -10.71 -21.59 18.50
C VAL D 254 -10.36 -21.19 17.07
N ASP D 255 -11.35 -21.35 16.18
CA ASP D 255 -11.17 -21.13 14.76
C ASP D 255 -11.72 -19.74 14.43
N TYR D 256 -10.81 -18.82 14.10
CA TYR D 256 -11.19 -17.46 13.72
C TYR D 256 -11.29 -17.36 12.18
N GLY D 257 -11.50 -18.48 11.50
CA GLY D 257 -11.63 -18.46 10.02
C GLY D 257 -10.37 -18.00 9.32
N ASN D 258 -10.46 -16.99 8.45
CA ASN D 258 -9.26 -16.55 7.75
C ASN D 258 -8.24 -15.80 8.63
N MET D 259 -8.58 -15.62 9.91
CA MET D 259 -7.64 -15.06 10.91
C MET D 259 -6.88 -16.15 11.70
N GLY D 260 -7.03 -17.40 11.29
CA GLY D 260 -6.26 -18.51 11.89
C GLY D 260 -6.89 -19.02 13.16
N SER D 261 -6.12 -19.77 13.95
CA SER D 261 -6.71 -20.42 15.12
C SER D 261 -5.77 -20.35 16.32
N ILE D 262 -6.34 -20.62 17.48
CA ILE D 262 -5.56 -20.73 18.70
C ILE D 262 -6.07 -21.98 19.44
N SER D 263 -5.14 -22.80 19.88
CA SER D 263 -5.51 -24.01 20.57
C SER D 263 -4.61 -24.21 21.78
N CYS D 264 -5.04 -25.06 22.71
CA CYS D 264 -4.25 -25.37 23.89
C CYS D 264 -4.82 -26.64 24.52
N ARG D 265 -4.08 -27.20 25.45
CA ARG D 265 -4.60 -28.33 26.21
C ARG D 265 -4.39 -28.13 27.71
N PHE D 266 -5.42 -28.41 28.51
CA PHE D 266 -5.27 -28.32 29.96
C PHE D 266 -4.79 -29.62 30.54
N VAL D 267 -3.68 -29.55 31.27
CA VAL D 267 -3.01 -30.73 31.79
C VAL D 267 -2.88 -30.68 33.31
N MET E 1 29.37 -27.23 31.88
CA MET E 1 29.92 -27.17 30.50
C MET E 1 31.40 -27.57 30.46
N PHE E 2 31.79 -28.27 29.40
CA PHE E 2 33.19 -28.65 29.21
C PHE E 2 34.11 -27.44 29.08
N ASP E 3 35.40 -27.69 29.29
CA ASP E 3 36.47 -26.76 28.94
C ASP E 3 36.29 -26.46 27.45
N LYS E 4 36.62 -25.23 27.05
CA LYS E 4 36.65 -24.85 25.64
C LYS E 4 37.56 -25.77 24.83
N HIS E 5 38.60 -26.32 25.47
CA HIS E 5 39.53 -27.21 24.76
C HIS E 5 38.78 -28.41 24.19
N THR E 6 37.80 -28.89 24.95
CA THR E 6 37.02 -30.05 24.54
C THR E 6 36.07 -29.68 23.39
N HIS E 7 35.40 -28.53 23.52
CA HIS E 7 34.52 -28.01 22.47
C HIS E 7 35.27 -27.84 21.17
N THR E 8 36.48 -27.29 21.26
CA THR E 8 37.33 -27.10 20.08
C THR E 8 37.68 -28.43 19.46
N LEU E 9 38.12 -29.39 20.27
CA LEU E 9 38.49 -30.68 19.69
C LEU E 9 37.32 -31.31 18.93
N ILE E 10 36.14 -31.25 19.53
CA ILE E 10 34.95 -31.84 18.89
C ILE E 10 34.67 -31.13 17.55
N ALA E 11 34.74 -29.81 17.56
CA ALA E 11 34.51 -29.01 16.35
C ALA E 11 35.50 -29.39 15.24
N GLN E 12 36.78 -29.57 15.60
CA GLN E 12 37.80 -29.90 14.60
C GLN E 12 37.52 -31.26 13.98
N ARG E 13 36.99 -32.19 14.77
CA ARG E 13 36.71 -33.53 14.27
C ARG E 13 35.49 -33.51 13.35
N LEU E 14 34.49 -32.69 13.70
CA LEU E 14 33.33 -32.44 12.83
C LEU E 14 33.76 -31.84 11.48
N ASP E 15 34.62 -30.83 11.56
CA ASP E 15 35.20 -30.20 10.37
C ASP E 15 35.89 -31.18 9.44
N GLN E 16 36.70 -32.08 10.02
CA GLN E 16 37.41 -33.10 9.25
C GLN E 16 36.42 -34.11 8.66
N ALA E 17 35.42 -34.50 9.45
CA ALA E 17 34.34 -35.38 8.99
C ALA E 17 33.66 -34.76 7.75
N GLU E 18 33.31 -33.48 7.83
CA GLU E 18 32.70 -32.80 6.69
C GLU E 18 33.63 -32.79 5.47
N LYS E 19 34.86 -32.36 5.68
CA LYS E 19 35.83 -32.26 4.58
C LYS E 19 36.12 -33.61 3.91
N GLN E 20 36.26 -34.67 4.71
CA GLN E 20 36.63 -35.99 4.17
C GLN E 20 35.41 -36.82 3.75
N ARG E 21 34.21 -36.28 3.97
CA ARG E 21 32.95 -37.01 3.81
C ARG E 21 33.01 -38.38 4.52
N GLU E 22 33.52 -38.36 5.76
CA GLU E 22 33.64 -39.60 6.54
C GLU E 22 33.09 -39.31 7.92
N GLN E 23 32.04 -40.03 8.30
CA GLN E 23 31.37 -39.78 9.58
C GLN E 23 32.26 -40.18 10.76
N ILE E 24 32.09 -39.44 11.86
CA ILE E 24 32.66 -39.80 13.14
C ILE E 24 31.61 -40.49 14.02
N ARG E 25 32.07 -41.06 15.13
CA ARG E 25 31.19 -41.64 16.12
C ARG E 25 30.33 -40.53 16.73
N ALA E 26 29.07 -40.83 17.01
CA ALA E 26 28.21 -39.90 17.73
C ALA E 26 28.96 -39.29 18.92
N ILE E 27 28.97 -37.96 18.99
CA ILE E 27 29.60 -37.22 20.07
C ILE E 27 29.04 -37.62 21.44
N SER E 28 27.74 -37.89 21.51
CA SER E 28 27.07 -38.24 22.76
C SER E 28 27.51 -39.61 23.30
N LEU E 29 28.07 -40.44 22.45
CA LEU E 29 28.60 -41.74 22.89
C LEU E 29 30.02 -41.60 23.47
N ASP E 30 30.80 -40.71 22.89
CA ASP E 30 32.14 -40.42 23.40
C ASP E 30 32.09 -39.47 24.61
N TYR E 31 31.06 -38.64 24.67
CA TYR E 31 30.89 -37.68 25.75
C TYR E 31 29.51 -37.82 26.40
N PRO E 32 29.28 -38.90 27.16
CA PRO E 32 27.94 -39.28 27.65
C PRO E 32 27.26 -38.21 28.50
N GLU E 33 28.04 -37.35 29.12
CA GLU E 33 27.51 -36.29 29.98
C GLU E 33 27.29 -34.95 29.25
N ILE E 34 27.56 -34.92 27.93
CA ILE E 34 27.36 -33.71 27.12
C ILE E 34 25.98 -33.05 27.37
N THR E 35 25.97 -31.72 27.44
CA THR E 35 24.72 -31.00 27.66
C THR E 35 24.35 -30.23 26.39
N ILE E 36 23.12 -29.70 26.38
CA ILE E 36 22.68 -28.85 25.27
C ILE E 36 23.55 -27.58 25.21
N GLU E 37 24.03 -27.12 26.36
CA GLU E 37 24.90 -25.94 26.40
C GLU E 37 26.25 -26.24 25.74
N ASP E 38 26.75 -27.45 25.98
CA ASP E 38 27.99 -27.93 25.34
C ASP E 38 27.83 -28.02 23.84
N ALA E 39 26.70 -28.59 23.42
CA ALA E 39 26.38 -28.74 21.99
C ALA E 39 26.39 -27.39 21.27
N TYR E 40 25.72 -26.38 21.80
CA TYR E 40 25.83 -25.05 21.17
C TYR E 40 27.24 -24.46 21.21
N ALA E 41 27.97 -24.72 22.30
CA ALA E 41 29.37 -24.28 22.39
C ALA E 41 30.22 -24.94 21.30
N VAL E 42 30.00 -26.24 21.06
CA VAL E 42 30.69 -26.96 19.97
C VAL E 42 30.32 -26.29 18.64
N GLN E 43 29.02 -26.01 18.47
CA GLN E 43 28.57 -25.34 17.24
C GLN E 43 29.26 -24.00 17.02
N ARG E 44 29.28 -23.14 18.05
CA ARG E 44 29.92 -21.85 17.97
C ARG E 44 31.38 -22.00 17.60
N GLU E 45 32.05 -23.01 18.17
CA GLU E 45 33.46 -23.27 17.83
C GLU E 45 33.65 -23.64 16.38
N TRP E 46 32.80 -24.52 15.87
CA TRP E 46 32.95 -24.97 14.50
C TRP E 46 32.70 -23.81 13.53
N VAL E 47 31.66 -23.03 13.79
CA VAL E 47 31.38 -21.86 12.97
C VAL E 47 32.57 -20.86 12.94
N ARG E 48 33.12 -20.55 14.11
CA ARG E 48 34.32 -19.69 14.23
C ARG E 48 35.46 -20.24 13.41
N LEU E 49 35.67 -21.55 13.53
CA LEU E 49 36.67 -22.24 12.74
C LEU E 49 36.46 -22.01 11.24
N LYS E 50 35.24 -22.24 10.74
CA LYS E 50 34.96 -22.12 9.29
C LYS E 50 35.08 -20.67 8.81
N ILE E 51 34.69 -19.73 9.66
CA ILE E 51 34.82 -18.32 9.34
C ILE E 51 36.30 -17.90 9.28
N ALA E 52 37.10 -18.44 10.20
CA ALA E 52 38.55 -18.20 10.19
C ALA E 52 39.18 -18.71 8.89
N GLU E 53 38.56 -19.72 8.30
CA GLU E 53 38.98 -20.26 7.02
C GLU E 53 38.60 -19.40 5.82
N GLY E 54 37.77 -18.38 6.05
CA GLY E 54 37.34 -17.50 4.94
C GLY E 54 35.86 -17.54 4.59
N ARG E 55 35.08 -18.34 5.33
CA ARG E 55 33.61 -18.35 5.15
C ARG E 55 32.98 -17.10 5.78
N THR E 56 31.77 -16.79 5.33
CA THR E 56 31.03 -15.65 5.83
C THR E 56 29.68 -16.15 6.30
N LEU E 57 29.25 -15.66 7.45
CA LEU E 57 27.90 -15.89 7.98
C LEU E 57 26.83 -15.17 7.14
N LYS E 58 25.92 -15.96 6.59
CA LYS E 58 24.85 -15.42 5.74
C LYS E 58 23.49 -15.45 6.41
N GLY E 59 23.37 -16.20 7.50
CA GLY E 59 22.13 -16.24 8.28
C GLY E 59 22.10 -17.42 9.22
N HIS E 60 20.90 -17.94 9.49
CA HIS E 60 20.71 -19.02 10.46
C HIS E 60 19.53 -19.86 10.01
N LYS E 61 19.40 -21.05 10.57
CA LYS E 61 18.18 -21.84 10.44
C LYS E 61 17.66 -22.20 11.81
N ILE E 62 16.35 -22.43 11.89
CA ILE E 62 15.71 -23.06 13.03
C ILE E 62 15.32 -24.47 12.59
N GLY E 63 15.60 -25.49 13.39
CA GLY E 63 15.26 -26.86 13.04
C GLY E 63 14.51 -27.63 14.12
N LEU E 64 14.25 -28.91 13.84
CA LEU E 64 13.56 -29.80 14.78
C LEU E 64 12.22 -29.22 15.19
N THR E 65 11.62 -28.43 14.29
CA THR E 65 10.36 -27.74 14.58
C THR E 65 9.21 -28.77 14.62
N SER E 66 9.20 -29.73 13.71
CA SER E 66 8.23 -30.83 13.75
C SER E 66 8.36 -31.70 15.00
N LYS E 67 9.57 -32.19 15.27
CA LYS E 67 9.86 -32.97 16.49
C LYS E 67 9.58 -32.21 17.80
N ALA E 68 9.92 -30.91 17.85
CA ALA E 68 9.57 -30.06 19.01
C ALA E 68 8.05 -30.06 19.27
N MET E 69 7.26 -30.08 18.20
CA MET E 69 5.79 -30.02 18.35
C MET E 69 5.16 -31.37 18.64
N GLN E 70 5.60 -32.41 17.92
CA GLN E 70 4.98 -33.73 18.03
C GLN E 70 5.10 -34.36 19.43
N ALA E 71 3.99 -34.90 19.93
CA ALA E 71 3.96 -35.56 21.24
C ALA E 71 4.71 -36.90 21.22
N SER E 73 7.95 -37.56 20.24
CA SER E 73 9.38 -37.35 20.50
C SER E 73 9.62 -36.51 21.75
N GLN E 74 10.75 -36.77 22.43
CA GLN E 74 11.06 -36.14 23.73
C GLN E 74 11.72 -34.75 23.65
N ILE E 75 12.03 -34.29 22.44
CA ILE E 75 12.58 -32.93 22.24
C ILE E 75 11.54 -31.85 22.58
N SER E 76 11.93 -30.89 23.42
CA SER E 76 11.01 -29.88 23.96
C SER E 76 10.99 -28.52 23.26
N GLU E 77 12.01 -28.21 22.46
CA GLU E 77 12.02 -26.94 21.70
C GLU E 77 12.87 -27.12 20.44
N PRO E 78 12.79 -26.19 19.48
CA PRO E 78 13.59 -26.36 18.25
C PRO E 78 15.12 -26.28 18.50
N ASP E 79 15.90 -26.55 17.47
CA ASP E 79 17.33 -26.24 17.50
C ASP E 79 17.63 -25.08 16.56
N TYR E 80 18.88 -24.61 16.52
CA TYR E 80 19.26 -23.63 15.51
C TYR E 80 20.68 -23.90 15.04
N GLY E 81 21.03 -23.39 13.86
CA GLY E 81 22.40 -23.49 13.37
C GLY E 81 22.77 -22.27 12.54
N ALA E 82 24.00 -22.22 12.06
CA ALA E 82 24.47 -21.08 11.27
C ALA E 82 24.59 -21.37 9.79
N LEU E 83 24.10 -20.45 8.97
CA LEU E 83 24.22 -20.58 7.52
C LEU E 83 25.43 -19.81 7.00
N LEU E 84 26.32 -20.52 6.30
CA LEU E 84 27.54 -19.93 5.74
C LEU E 84 27.40 -19.75 4.24
N ASP E 85 28.16 -18.81 3.69
CA ASP E 85 28.06 -18.44 2.28
C ASP E 85 28.18 -19.64 1.34
N ASP E 86 29.06 -20.60 1.65
CA ASP E 86 29.28 -21.72 0.73
C ASP E 86 28.18 -22.80 0.77
N MET E 87 27.19 -22.60 1.63
CA MET E 87 26.07 -23.53 1.70
C MET E 87 25.02 -23.27 0.59
N PHE E 88 25.09 -22.11 -0.07
CA PHE E 88 23.96 -21.65 -0.91
C PHE E 88 24.14 -22.07 -2.37
N PHE E 89 23.07 -22.63 -2.94
CA PHE E 89 23.03 -23.01 -4.36
C PHE E 89 21.84 -22.33 -5.01
N HIS E 90 21.98 -22.04 -6.30
CA HIS E 90 20.94 -21.34 -7.05
C HIS E 90 19.85 -22.34 -7.42
N ASP E 91 18.62 -21.84 -7.50
CA ASP E 91 17.50 -22.57 -8.09
C ASP E 91 17.91 -23.10 -9.47
N GLY E 92 17.61 -24.38 -9.72
CA GLY E 92 17.93 -25.02 -10.99
C GLY E 92 19.38 -25.46 -11.13
N SER E 93 20.17 -25.44 -10.08
CA SER E 93 21.56 -25.82 -10.26
C SER E 93 21.87 -27.29 -10.01
N ASP E 94 23.04 -27.72 -10.50
CA ASP E 94 23.61 -29.02 -10.23
C ASP E 94 24.21 -28.97 -8.86
N ILE E 95 23.96 -29.99 -8.04
CA ILE E 95 24.47 -30.04 -6.67
C ILE E 95 25.50 -31.19 -6.67
N PRO E 96 26.75 -30.93 -6.23
CA PRO E 96 27.71 -32.05 -6.30
C PRO E 96 27.47 -33.04 -5.15
N THR E 97 26.92 -34.22 -5.47
CA THR E 97 26.58 -35.22 -4.47
C THR E 97 27.78 -35.65 -3.64
N ASP E 98 28.95 -35.74 -4.28
CA ASP E 98 30.19 -36.20 -3.61
C ASP E 98 30.66 -35.30 -2.49
N ARG E 99 30.15 -34.09 -2.44
CA ARG E 99 30.48 -33.16 -1.38
C ARG E 99 29.80 -33.50 -0.06
N PHE E 100 28.82 -34.40 -0.11
CA PHE E 100 27.99 -34.70 1.06
C PHE E 100 28.09 -36.15 1.45
N ILE E 101 27.56 -36.48 2.63
CA ILE E 101 27.62 -37.85 3.15
C ILE E 101 26.30 -38.61 2.99
N VAL E 102 25.27 -38.14 3.69
CA VAL E 102 23.92 -38.71 3.63
C VAL E 102 22.89 -37.57 3.46
N PRO E 103 23.00 -36.79 2.35
CA PRO E 103 22.22 -35.57 2.22
C PRO E 103 20.73 -35.85 2.08
N ARG E 104 19.91 -34.96 2.63
CA ARG E 104 18.46 -35.08 2.52
C ARG E 104 17.90 -33.66 2.26
N ILE E 105 16.83 -33.59 1.48
CA ILE E 105 16.21 -32.30 1.09
C ILE E 105 14.96 -32.10 1.94
N GLU E 106 14.79 -30.89 2.47
CA GLU E 106 13.62 -30.52 3.26
C GLU E 106 13.03 -29.23 2.68
N VAL E 107 11.77 -28.98 2.99
CA VAL E 107 10.99 -27.88 2.40
C VAL E 107 10.65 -26.81 3.42
N GLU E 108 11.08 -25.56 3.18
CA GLU E 108 10.97 -24.49 4.18
C GLU E 108 10.57 -23.16 3.58
N LEU E 109 10.39 -22.17 4.46
CA LEU E 109 10.34 -20.77 4.06
C LEU E 109 11.51 -20.07 4.72
N ALA E 110 12.03 -19.05 4.04
CA ALA E 110 13.12 -18.25 4.58
C ALA E 110 12.62 -16.80 4.71
N PHE E 111 13.17 -16.12 5.70
CA PHE E 111 12.91 -14.72 5.97
C PHE E 111 14.19 -13.94 5.71
N VAL E 112 14.08 -12.97 4.80
CA VAL E 112 15.18 -12.08 4.47
C VAL E 112 14.98 -10.78 5.24
N LEU E 113 15.93 -10.48 6.12
CA LEU E 113 15.75 -9.40 7.09
C LEU E 113 16.16 -8.05 6.52
N ALA E 114 15.31 -7.04 6.69
CA ALA E 114 15.61 -5.66 6.32
C ALA E 114 16.24 -4.91 7.49
N LYS E 115 15.91 -5.35 8.70
CA LYS E 115 16.33 -4.69 9.93
C LYS E 115 16.78 -5.79 10.88
N PRO E 116 17.67 -5.45 11.84
CA PRO E 116 18.14 -6.50 12.74
C PRO E 116 17.06 -6.88 13.75
N LEU E 117 17.17 -8.08 14.29
CA LEU E 117 16.31 -8.53 15.37
C LEU E 117 17.14 -8.97 16.55
N ARG E 118 16.84 -8.40 17.71
CA ARG E 118 17.61 -8.68 18.92
C ARG E 118 16.69 -9.05 20.08
N GLY E 119 17.04 -10.12 20.78
CA GLY E 119 16.30 -10.53 21.99
C GLY E 119 16.64 -9.65 23.20
N PRO E 120 16.14 -10.00 24.40
CA PRO E 120 15.40 -11.22 24.76
C PRO E 120 13.87 -11.17 24.66
N ASN E 121 13.32 -10.07 24.17
CA ASN E 121 11.87 -9.98 24.12
C ASN E 121 11.37 -9.82 22.70
N CYS E 122 12.04 -10.52 21.78
CA CYS E 122 11.65 -10.49 20.37
C CYS E 122 10.33 -11.23 20.20
N THR E 123 9.41 -10.62 19.45
CA THR E 123 8.10 -11.20 19.18
C THR E 123 7.86 -11.46 17.67
N LEU E 124 6.80 -12.24 17.39
CA LEU E 124 6.36 -12.46 16.02
C LEU E 124 6.19 -11.11 15.28
N PHE E 125 5.69 -10.12 16.00
CA PHE E 125 5.40 -8.81 15.44
C PHE E 125 6.68 -8.09 15.02
N ASP E 126 7.74 -8.26 15.84
CA ASP E 126 9.05 -7.71 15.52
C ASP E 126 9.55 -8.36 14.25
N VAL E 127 9.32 -9.67 14.11
CA VAL E 127 9.76 -10.40 12.90
C VAL E 127 9.13 -9.81 11.64
N TYR E 128 7.80 -9.67 11.66
CA TYR E 128 7.07 -9.04 10.56
C TYR E 128 7.60 -7.65 10.26
N ASN E 129 7.84 -6.84 11.29
CA ASN E 129 8.41 -5.52 11.09
C ASN E 129 9.79 -5.52 10.47
N ALA E 130 10.62 -6.51 10.81
CA ALA E 130 12.00 -6.57 10.30
C ALA E 130 12.19 -7.32 8.98
N THR E 131 11.18 -8.08 8.57
CA THR E 131 11.33 -8.93 7.37
C THR E 131 11.13 -8.14 6.11
N ASP E 132 12.11 -8.22 5.23
CA ASP E 132 12.00 -7.58 3.93
C ASP E 132 11.16 -8.45 2.96
N TYR E 133 11.53 -9.73 2.88
CA TYR E 133 10.88 -10.69 2.00
C TYR E 133 10.78 -12.03 2.66
N VAL E 134 9.68 -12.74 2.40
CA VAL E 134 9.60 -14.20 2.59
C VAL E 134 9.83 -14.87 1.22
N ILE E 135 10.61 -15.94 1.19
CA ILE E 135 10.92 -16.65 -0.05
C ILE E 135 10.99 -18.14 0.25
N PRO E 136 10.47 -18.99 -0.67
CA PRO E 136 10.67 -20.43 -0.52
C PRO E 136 12.13 -20.78 -0.40
N ALA E 137 12.43 -21.82 0.36
CA ALA E 137 13.80 -22.25 0.57
C ALA E 137 13.83 -23.73 0.84
N LEU E 138 14.66 -24.44 0.09
CA LEU E 138 14.94 -25.84 0.41
C LEU E 138 16.16 -25.87 1.31
N GLU E 139 16.15 -26.77 2.29
CA GLU E 139 17.39 -27.05 3.02
C GLU E 139 17.94 -28.41 2.66
N LEU E 140 19.24 -28.46 2.45
CA LEU E 140 19.92 -29.73 2.29
C LEU E 140 20.65 -30.02 3.62
N ILE E 141 20.22 -31.08 4.30
CA ILE E 141 20.73 -31.41 5.62
C ILE E 141 21.61 -32.65 5.50
N ASP E 142 22.49 -32.86 6.47
CA ASP E 142 23.48 -33.95 6.37
C ASP E 142 23.90 -34.28 7.79
N ALA E 143 24.62 -35.38 7.96
CA ALA E 143 25.07 -35.81 9.29
C ALA E 143 26.54 -36.20 9.23
N ARG E 144 27.36 -35.55 10.05
CA ARG E 144 28.79 -35.89 10.12
C ARG E 144 29.06 -36.96 11.19
N CYS E 145 28.07 -37.26 12.03
CA CYS E 145 28.10 -38.37 13.01
C CYS E 145 27.23 -39.52 12.52
N HIS E 146 27.72 -40.75 12.69
CA HIS E 146 26.94 -41.99 12.46
C HIS E 146 25.60 -41.97 13.17
N ASN E 147 24.57 -42.50 12.52
CA ASN E 147 23.24 -42.55 13.14
C ASN E 147 22.99 -43.76 14.04
N ILE E 148 23.59 -44.92 13.72
CA ILE E 148 23.48 -46.09 14.61
C ILE E 148 24.78 -46.35 15.39
N LYS E 157 21.51 -38.65 19.02
CA LYS E 157 20.67 -37.78 19.82
C LYS E 157 20.75 -36.31 19.39
N VAL E 158 19.94 -35.48 20.04
CA VAL E 158 19.81 -34.10 19.67
C VAL E 158 21.11 -33.30 19.91
N PHE E 159 21.92 -33.74 20.88
CA PHE E 159 23.18 -33.03 21.22
C PHE E 159 24.16 -33.20 20.09
N ASP E 160 24.10 -34.35 19.44
CA ASP E 160 24.91 -34.62 18.25
C ASP E 160 24.49 -33.72 17.09
N THR E 161 23.19 -33.63 16.83
CA THR E 161 22.72 -32.80 15.72
C THR E 161 23.08 -31.34 15.93
N ILE E 162 22.79 -30.82 17.11
CA ILE E 162 23.13 -29.44 17.46
C ILE E 162 24.63 -29.14 17.36
N SER E 163 25.47 -30.00 17.95
CA SER E 163 26.94 -29.86 17.81
C SER E 163 27.33 -29.76 16.32
N ASP E 164 26.72 -30.64 15.53
CA ASP E 164 26.99 -30.79 14.09
C ASP E 164 26.31 -29.64 13.27
N ASN E 165 26.39 -28.41 13.80
CA ASN E 165 25.73 -27.24 13.21
C ASN E 165 24.27 -27.48 12.76
N ALA E 166 23.54 -28.21 13.60
CA ALA E 166 22.10 -28.50 13.41
C ALA E 166 21.80 -29.18 12.07
N ALA E 167 22.77 -29.99 11.62
CA ALA E 167 22.69 -30.76 10.38
C ALA E 167 22.78 -29.92 9.09
N ASN E 168 23.23 -28.67 9.20
CA ASN E 168 23.39 -27.79 8.00
C ASN E 168 24.34 -28.32 6.96
N ALA E 169 23.98 -28.15 5.68
CA ALA E 169 24.88 -28.49 4.59
C ALA E 169 24.65 -27.59 3.37
N GLY E 170 23.38 -27.38 3.02
CA GLY E 170 23.04 -26.66 1.80
C GLY E 170 21.73 -25.89 1.98
N VAL E 171 21.59 -24.81 1.18
CA VAL E 171 20.35 -24.04 1.11
C VAL E 171 20.11 -23.75 -0.36
N ILE E 172 18.88 -23.95 -0.84
CA ILE E 172 18.52 -23.61 -2.24
C ILE E 172 17.31 -22.68 -2.23
N LEU E 173 17.51 -21.43 -2.62
CA LEU E 173 16.41 -20.44 -2.61
C LEU E 173 15.80 -20.40 -3.99
N GLY E 174 14.50 -20.13 -4.07
CA GLY E 174 13.87 -19.93 -5.38
C GLY E 174 12.43 -19.56 -5.24
N GLY E 175 11.73 -19.48 -6.35
CA GLY E 175 10.31 -19.14 -6.30
C GLY E 175 10.08 -17.65 -6.22
N ARG E 176 8.95 -17.29 -5.61
CA ARG E 176 8.40 -15.95 -5.60
C ARG E 176 8.67 -15.22 -4.28
N PRO E 177 9.41 -14.09 -4.33
CA PRO E 177 9.61 -13.30 -3.11
C PRO E 177 8.36 -12.52 -2.80
N ILE E 178 7.94 -12.51 -1.54
CA ILE E 178 6.76 -11.71 -1.19
C ILE E 178 7.03 -10.83 0.03
N LYS E 179 6.31 -9.71 0.13
CA LYS E 179 6.28 -8.95 1.37
C LYS E 179 5.53 -9.78 2.42
N PRO E 180 5.96 -9.69 3.71
CA PRO E 180 5.34 -10.55 4.73
C PRO E 180 3.82 -10.37 4.87
N ASP E 181 3.32 -9.20 4.49
CA ASP E 181 1.89 -8.92 4.58
C ASP E 181 1.09 -9.35 3.35
N GLU E 182 1.76 -9.92 2.33
CA GLU E 182 1.09 -10.24 1.05
C GLU E 182 0.00 -11.31 1.18
N LEU E 183 0.26 -12.30 2.03
CA LEU E 183 -0.68 -13.41 2.25
C LEU E 183 -0.39 -14.08 3.58
N ASP E 184 -1.32 -14.92 4.01
CA ASP E 184 -1.18 -15.64 5.26
C ASP E 184 -0.13 -16.72 5.05
N LEU E 185 1.01 -16.54 5.68
CA LEU E 185 2.12 -17.48 5.60
C LEU E 185 1.77 -18.91 6.05
N ARG E 186 0.80 -19.04 6.96
CA ARG E 186 0.38 -20.33 7.55
C ARG E 186 -0.10 -21.34 6.50
N TRP E 187 -0.70 -20.84 5.41
CA TRP E 187 -1.33 -21.73 4.44
C TRP E 187 -0.51 -21.92 3.16
N ILE E 188 0.72 -21.41 3.15
CA ILE E 188 1.61 -21.75 2.07
C ILE E 188 1.82 -23.27 2.13
N SER E 189 1.68 -23.92 1.00
CA SER E 189 1.83 -25.39 0.97
C SER E 189 2.72 -25.82 -0.19
N ALA E 190 3.20 -27.05 -0.15
CA ALA E 190 4.14 -27.51 -1.15
C ALA E 190 4.05 -28.97 -1.46
N LEU E 191 4.43 -29.31 -2.69
CA LEU E 191 4.56 -30.70 -3.16
C LEU E 191 6.03 -30.93 -3.50
N MET E 192 6.67 -31.88 -2.82
CA MET E 192 8.06 -32.19 -3.09
C MET E 192 8.10 -33.36 -4.02
N TYR E 193 8.52 -33.11 -5.27
CA TYR E 193 8.75 -34.18 -6.24
C TYR E 193 10.22 -34.56 -6.23
N ARG E 194 10.48 -35.86 -6.40
CA ARG E 194 11.81 -36.37 -6.66
C ARG E 194 11.68 -37.37 -7.82
N ASN E 195 12.45 -37.13 -8.88
CA ASN E 195 12.40 -38.00 -10.09
C ASN E 195 10.99 -38.17 -10.64
N GLY E 196 10.22 -37.08 -10.58
CA GLY E 196 8.88 -37.06 -11.18
C GLY E 196 7.73 -37.54 -10.33
N VAL E 197 7.97 -37.94 -9.09
CA VAL E 197 6.88 -38.40 -8.22
C VAL E 197 6.87 -37.66 -6.89
N ILE E 198 5.68 -37.35 -6.39
CA ILE E 198 5.53 -36.68 -5.12
C ILE E 198 5.95 -37.58 -3.96
N GLU E 199 6.98 -37.14 -3.23
CA GLU E 199 7.47 -37.89 -2.06
C GLU E 199 6.93 -37.35 -0.75
N GLU E 200 6.73 -36.03 -0.67
CA GLU E 200 6.15 -35.42 0.53
C GLU E 200 5.28 -34.24 0.15
N THR E 201 4.30 -33.95 1.00
CA THR E 201 3.54 -32.70 0.90
C THR E 201 3.48 -32.07 2.29
N GLY E 202 3.20 -30.78 2.36
CA GLY E 202 3.13 -30.14 3.66
C GLY E 202 2.56 -28.74 3.60
N VAL E 203 2.14 -28.24 4.76
CA VAL E 203 1.60 -26.85 4.87
C VAL E 203 2.46 -26.11 5.89
N ALA E 204 2.76 -24.83 5.62
CA ALA E 204 3.73 -24.10 6.47
C ALA E 204 3.37 -23.94 7.95
N ALA E 205 2.07 -23.94 8.29
CA ALA E 205 1.65 -23.92 9.71
C ALA E 205 2.24 -25.08 10.50
N GLY E 206 2.63 -26.15 9.81
CA GLY E 206 3.34 -27.28 10.46
C GLY E 206 4.64 -26.86 11.17
N VAL E 207 5.16 -25.70 10.79
CA VAL E 207 6.31 -25.10 11.48
C VAL E 207 5.82 -24.22 12.63
N LEU E 208 5.69 -24.82 13.81
CA LEU E 208 5.45 -24.03 15.04
C LEU E 208 4.14 -23.22 15.05
N ASN E 209 3.14 -23.64 14.25
CA ASN E 209 1.85 -22.94 14.11
C ASN E 209 1.91 -21.65 13.28
N HIS E 210 3.12 -21.16 13.05
CA HIS E 210 3.38 -19.98 12.23
C HIS E 210 4.86 -19.97 11.94
N PRO E 211 5.23 -20.09 10.66
CA PRO E 211 6.64 -20.25 10.21
C PRO E 211 7.56 -19.08 10.63
N ALA E 212 6.98 -17.95 11.08
CA ALA E 212 7.80 -16.82 11.57
C ALA E 212 8.13 -16.88 13.05
N ASN E 213 7.38 -17.69 13.82
CA ASN E 213 7.64 -17.85 15.27
C ASN E 213 9.08 -18.23 15.63
N GLY E 214 9.66 -19.19 14.89
CA GLY E 214 11.04 -19.63 15.09
C GLY E 214 12.07 -18.51 15.03
N VAL E 215 11.79 -17.51 14.19
CA VAL E 215 12.72 -16.41 13.98
C VAL E 215 12.80 -15.57 15.27
N ALA E 216 11.66 -15.30 15.89
CA ALA E 216 11.64 -14.53 17.15
C ALA E 216 12.31 -15.33 18.27
N TRP E 217 11.99 -16.62 18.33
CA TRP E 217 12.59 -17.55 19.29
C TRP E 217 14.10 -17.56 19.15
N LEU E 218 14.59 -17.58 17.91
CA LEU E 218 16.02 -17.63 17.64
C LEU E 218 16.70 -16.36 18.15
N ALA E 219 16.16 -15.19 17.77
CA ALA E 219 16.68 -13.91 18.26
C ALA E 219 16.80 -13.93 19.78
N ASN E 220 15.82 -14.51 20.45
CA ASN E 220 15.82 -14.62 21.92
C ASN E 220 16.87 -15.60 22.45
N LYS E 221 17.11 -16.68 21.71
CA LYS E 221 18.16 -17.62 22.07
C LYS E 221 19.56 -17.02 21.93
N LEU E 222 19.75 -16.13 20.96
CA LEU E 222 21.07 -15.59 20.66
C LEU E 222 21.46 -14.40 21.53
N ALA E 223 20.45 -13.78 22.15
CA ALA E 223 20.65 -12.54 22.93
C ALA E 223 21.69 -12.64 24.07
N PRO E 224 21.64 -13.72 24.89
CA PRO E 224 22.65 -13.95 25.94
C PRO E 224 24.10 -13.91 25.49
N TYR E 225 24.36 -14.24 24.23
CA TYR E 225 25.71 -14.22 23.65
C TYR E 225 26.10 -12.90 23.00
N ASP E 226 25.29 -11.87 23.19
CA ASP E 226 25.56 -10.57 22.58
C ASP E 226 25.54 -10.69 21.05
N VAL E 227 24.60 -11.49 20.57
CA VAL E 227 24.46 -11.81 19.16
C VAL E 227 23.04 -11.47 18.74
N GLN E 228 22.91 -10.84 17.59
CA GLN E 228 21.59 -10.54 17.01
C GLN E 228 21.48 -11.07 15.57
N LEU E 229 20.26 -11.18 15.08
CA LEU E 229 20.01 -11.45 13.66
C LEU E 229 20.21 -10.14 12.90
N GLU E 230 21.19 -10.12 12.02
CA GLU E 230 21.60 -8.88 11.34
C GLU E 230 20.76 -8.62 10.10
N ALA E 231 20.62 -7.35 9.73
CA ALA E 231 19.93 -6.96 8.51
C ALA E 231 20.65 -7.65 7.36
N GLY E 232 19.89 -8.09 6.35
CA GLY E 232 20.49 -8.77 5.21
C GLY E 232 20.63 -10.28 5.41
N GLN E 233 20.51 -10.74 6.65
CA GLN E 233 20.59 -12.17 6.92
C GLN E 233 19.35 -12.89 6.38
N ILE E 234 19.56 -14.14 6.00
CA ILE E 234 18.47 -15.03 5.59
C ILE E 234 18.25 -16.04 6.71
N ILE E 235 17.00 -16.17 7.16
CA ILE E 235 16.66 -17.07 8.26
C ILE E 235 15.69 -18.17 7.79
N LEU E 236 16.15 -19.42 7.76
CA LEU E 236 15.28 -20.57 7.44
C LEU E 236 14.45 -20.95 8.65
N GLY E 237 13.13 -20.97 8.46
CA GLY E 237 12.19 -21.11 9.55
C GLY E 237 11.95 -22.52 10.04
N GLY E 238 12.34 -23.51 9.24
CA GLY E 238 12.10 -24.89 9.59
C GLY E 238 11.32 -25.61 8.50
N SER E 239 11.54 -26.92 8.36
CA SER E 239 10.86 -27.74 7.38
C SER E 239 9.43 -28.07 7.73
N PHE E 240 8.53 -27.97 6.75
CA PHE E 240 7.18 -28.48 7.00
C PHE E 240 6.93 -29.82 6.28
N THR E 241 8.00 -30.42 5.76
CA THR E 241 7.97 -31.81 5.36
C THR E 241 9.08 -32.65 6.03
N ARG E 242 8.92 -33.96 6.07
CA ARG E 242 10.02 -34.86 6.42
C ARG E 242 11.12 -34.75 5.36
N PRO E 243 12.40 -34.91 5.75
CA PRO E 243 13.48 -34.87 4.75
C PRO E 243 13.45 -36.09 3.83
N VAL E 244 13.91 -35.93 2.59
CA VAL E 244 13.91 -37.02 1.61
C VAL E 244 15.35 -37.21 1.12
N PRO E 245 15.88 -38.45 1.17
CA PRO E 245 17.24 -38.74 0.69
C PRO E 245 17.51 -38.22 -0.72
N ALA E 246 18.67 -37.60 -0.88
CA ALA E 246 19.15 -37.18 -2.18
C ALA E 246 20.32 -38.06 -2.60
N ARG E 247 20.17 -38.64 -3.78
CA ARG E 247 21.15 -39.56 -4.35
C ARG E 247 21.62 -39.06 -5.71
N LYS E 248 22.84 -39.43 -6.08
CA LYS E 248 23.39 -39.03 -7.36
C LYS E 248 22.40 -39.43 -8.46
N GLY E 249 22.10 -38.46 -9.33
CA GLY E 249 21.16 -38.67 -10.42
C GLY E 249 19.73 -38.19 -10.15
N ASP E 250 19.45 -37.77 -8.92
CA ASP E 250 18.10 -37.37 -8.55
C ASP E 250 17.83 -35.94 -9.03
N THR E 251 16.64 -35.73 -9.57
CA THR E 251 16.10 -34.40 -9.76
C THR E 251 15.01 -34.15 -8.70
N PHE E 252 15.01 -32.94 -8.14
CA PHE E 252 13.98 -32.50 -7.20
C PHE E 252 13.27 -31.30 -7.81
N HIS E 253 11.96 -31.25 -7.58
CA HIS E 253 11.15 -30.12 -7.98
C HIS E 253 10.15 -29.88 -6.88
N VAL E 254 10.27 -28.76 -6.19
CA VAL E 254 9.35 -28.49 -5.10
C VAL E 254 8.40 -27.37 -5.51
N ASP E 255 7.13 -27.72 -5.56
CA ASP E 255 6.10 -26.86 -6.10
C ASP E 255 5.38 -26.20 -4.93
N TYR E 256 5.56 -24.89 -4.76
CA TYR E 256 4.90 -24.17 -3.68
C TYR E 256 3.64 -23.46 -4.15
N GLY E 257 3.05 -23.98 -5.22
CA GLY E 257 1.80 -23.42 -5.75
C GLY E 257 2.04 -21.98 -6.18
N ASN E 258 1.26 -21.04 -5.67
CA ASN E 258 1.39 -19.67 -6.15
C ASN E 258 2.61 -18.95 -5.55
N MET E 259 3.43 -19.69 -4.79
CA MET E 259 4.68 -19.13 -4.27
C MET E 259 5.86 -19.61 -5.13
N GLY E 260 5.56 -20.27 -6.25
CA GLY E 260 6.61 -20.66 -7.19
C GLY E 260 7.24 -22.01 -6.88
N SER E 261 8.41 -22.28 -7.45
CA SER E 261 9.03 -23.58 -7.27
C SER E 261 10.54 -23.49 -7.12
N ILE E 262 11.13 -24.57 -6.60
CA ILE E 262 12.58 -24.71 -6.49
C ILE E 262 12.97 -26.08 -7.03
N SER E 263 13.96 -26.08 -7.91
CA SER E 263 14.46 -27.31 -8.51
C SER E 263 15.96 -27.44 -8.36
N CYS E 264 16.44 -28.69 -8.46
CA CYS E 264 17.87 -28.93 -8.54
C CYS E 264 18.08 -30.34 -9.00
N ARG E 265 19.34 -30.67 -9.27
CA ARG E 265 19.68 -32.01 -9.69
C ARG E 265 21.00 -32.39 -9.01
N PHE E 266 21.05 -33.60 -8.50
CA PHE E 266 22.25 -34.10 -7.85
C PHE E 266 23.14 -34.81 -8.87
N VAL E 267 24.38 -34.34 -8.98
CA VAL E 267 25.31 -34.82 -10.02
C VAL E 267 26.58 -35.48 -9.44
MG MG F . 18.16 -9.59 -25.19
C1 OXL G . 19.03 -12.27 -24.94
C2 OXL G . 20.15 -11.58 -25.63
O1 OXL G . 19.09 -13.50 -24.75
O2 OXL G . 20.05 -10.35 -25.79
O3 OXL G . 18.05 -11.61 -24.53
O4 OXL G . 21.16 -12.24 -26.01
S SCN H . 1.90 -7.75 -35.90
C SCN H . 0.26 -8.12 -35.37
N SCN H . -0.80 -8.44 -35.02
S SCN I . 19.53 4.47 -42.17
C SCN I . 18.80 5.00 -40.63
N SCN I . 18.58 5.52 -39.55
MG MG J . -7.94 18.23 -25.33
C1 OXL K . -6.79 18.61 -27.99
C2 OXL K . -6.90 17.15 -27.79
O1 OXL K . -7.15 19.33 -27.03
O2 OXL K . -6.58 16.36 -28.70
O3 OXL K . -6.35 19.09 -29.07
O4 OXL K . -7.33 16.76 -26.68
S SCN L . -26.44 13.53 -21.75
C SCN L . -26.99 11.98 -21.08
N SCN L . -27.32 10.90 -20.73
MG MG M . -25.94 17.45 7.47
C1 OXL N . -27.08 18.68 5.07
C2 OXL N . -27.22 19.72 6.10
O1 OXL N . -26.46 17.64 5.40
O2 OXL N . -27.79 20.79 5.82
O3 OXL N . -27.55 18.91 3.92
O4 OXL N . -26.71 19.47 7.21
S SCN O . -34.42 0.76 13.59
C SCN O . -34.19 -0.79 12.74
N SCN O . -34.00 -1.78 12.14
S SCN P . -30.51 46.44 10.03
C SCN P . -31.79 45.36 9.52
N SCN P . -32.42 44.39 9.21
MG MG Q . -11.66 -10.92 28.60
C1 OXL R . -13.71 -10.03 30.50
C2 OXL R . -14.32 -9.95 29.16
O1 OXL R . -14.39 -9.75 31.50
O2 OXL R . -13.56 -10.26 28.21
O3 OXL R . -12.50 -10.36 30.55
O4 OXL R . -15.49 -9.57 29.01
S SCN S . -11.09 -28.77 20.81
C SCN S . -11.48 -29.15 19.12
N SCN S . -11.75 -29.37 18.00
MG MG T . 15.61 -27.44 8.16
C1 OXL U . 14.26 -28.80 10.33
C2 OXL U . 15.69 -29.03 10.57
O1 OXL U . 13.97 -28.02 9.39
O2 OXL U . 16.08 -29.73 11.52
O3 OXL U . 13.41 -29.35 11.05
O4 OXL U . 16.49 -28.47 9.79
S SCN V . 11.47 -34.03 -9.87
C SCN V . 9.98 -33.70 -10.73
N SCN V . 8.96 -33.57 -11.26
#